data_4ALS
# 
_entry.id   4ALS 
# 
_audit_conform.dict_name       mmcif_pdbx.dic 
_audit_conform.dict_version    5.383 
_audit_conform.dict_location   http://mmcif.pdb.org/dictionaries/ascii/mmcif_pdbx.dic 
# 
loop_
_database_2.database_id 
_database_2.database_code 
_database_2.pdbx_database_accession 
_database_2.pdbx_DOI 
PDB   4ALS         pdb_00004als 10.2210/pdb4als/pdb 
PDBE  EBI-51561    ?            ?                   
WWPDB D_1290051561 ?            ?                   
# 
loop_
_pdbx_database_related.db_name 
_pdbx_database_related.db_id 
_pdbx_database_related.content_type 
_pdbx_database_related.details 
PDB 4A02 unspecified 'X-RAY CRYSTALLOGRAPHIC STRUCTURE OF EFCBM33A' 
PDB 4ALC unspecified 'X-RAY PHOTOREDUCTION OF POLYSACCHARIDE MONOOXIGENASE CBM33' 
PDB 4ALE unspecified 
'STRUCTURE CHANGES OF POLYSACCHARIDE MONOOXYGENASE CBM33A FROM ENTEROCOCCUS FAECALIS BY X-RAY INDUCED PHOTOREDUCTION.' 
PDB 4ALQ unspecified 'X-RAY PHOTOREDUCTION OF POLYSACCHARIDE MONOOXYGENASE CBM33' 
PDB 4ALR unspecified 'X-RAY PHOTOREDUCTION OF POLYSACCHARIDE MONOOXYGENASE CBM33' 
PDB 4ALT unspecified 'X-RAY PHOTOREDUCTION OF POLYSACCHARIDE MONOOXYGENASE CBM33' 
# 
_pdbx_database_status.status_code                     REL 
_pdbx_database_status.entry_id                        4ALS 
_pdbx_database_status.deposit_site                    PDBE 
_pdbx_database_status.process_site                    PDBE 
_pdbx_database_status.SG_entry                        . 
_pdbx_database_status.recvd_initial_deposition_date   2012-03-05 
_pdbx_database_status.pdb_format_compatible           Y 
_pdbx_database_status.status_code_sf                  REL 
_pdbx_database_status.status_code_mr                  ? 
_pdbx_database_status.status_code_cs                  ? 
_pdbx_database_status.methods_development_category    ? 
_pdbx_database_status.status_code_nmr_data            ? 
# 
loop_
_audit_author.name 
_audit_author.pdbx_ordinal 
'Gudmundsson, M.'   1 
'Wu, M.'            2 
'Ishida, T.'        3 
'Momeni, M.H.'      4 
'Vaaje-Kolstad, G.' 5 
'Eijsink, V.'       6 
'Sandgren, M.'      7 
# 
_citation.id                        primary 
_citation.title                     
;Structural and Electronic Snapshots During the Transition from a Cu(II) to Cu(I) Metal Center of a Lytic Polysaccharide Monooxygenase by X-Ray Photo-Reduction.
;
_citation.journal_abbrev            J.Biol.Chem. 
_citation.journal_volume            289 
_citation.page_first                18782 
_citation.page_last                 ? 
_citation.year                      2014 
_citation.journal_id_ASTM           JBCHA3 
_citation.country                   US 
_citation.journal_id_ISSN           0021-9258 
_citation.journal_id_CSD            0071 
_citation.book_publisher            ? 
_citation.pdbx_database_id_PubMed   24828494 
_citation.pdbx_database_id_DOI      10.1074/JBC.M114.563494 
# 
loop_
_citation_author.citation_id 
_citation_author.name 
_citation_author.ordinal 
_citation_author.identifier_ORCID 
primary 'Gudmundsson, M.'   1  ? 
primary 'Kim, S.'           2  ? 
primary 'Wu, M.'            3  ? 
primary 'Ishida, T.'        4  ? 
primary 'Haddad Momeni, M.' 5  ? 
primary 'Vaaje-Kolstad, G.' 6  ? 
primary 'Lundberg, D.'      7  ? 
primary 'Royant, A.'        8  ? 
primary 'Stahlberg, J.'     9  ? 
primary 'Eijsink, V.G.'     10 ? 
primary 'Beckham, G.T.'     11 ? 
primary 'Sandgren, M.'      12 ? 
# 
_cell.entry_id           4ALS 
_cell.length_a           43.435 
_cell.length_b           48.609 
_cell.length_c           68.496 
_cell.angle_alpha        90.00 
_cell.angle_beta         90.00 
_cell.angle_gamma        90.00 
_cell.Z_PDB              4 
_cell.pdbx_unique_axis   ? 
# 
_symmetry.entry_id                         4ALS 
_symmetry.space_group_name_H-M             'P 21 21 21' 
_symmetry.pdbx_full_space_group_name_H-M   ? 
_symmetry.cell_setting                     ? 
_symmetry.Int_Tables_number                19 
# 
loop_
_entity.id 
_entity.type 
_entity.src_method 
_entity.pdbx_description 
_entity.formula_weight 
_entity.pdbx_number_of_molecules 
_entity.pdbx_ec 
_entity.pdbx_mutation 
_entity.pdbx_fragment 
_entity.details 
1 polymer     man 'CHITIN BINDING PROTEIN' 18339.301 1   ? ? 'CBM33, RESIDUES 29-194' ? 
2 non-polymer syn 'COPPER (II) ION'        63.546    1   ? ? ?                        ? 
3 non-polymer syn 'DI(HYDROXYETHYL)ETHER'  106.120   2   ? ? ?                        ? 
4 water       nat water                    18.015    290 ? ? ?                        ? 
# 
_entity_name_com.entity_id   1 
_entity_name_com.name        'POLYSACCHARIDE MONOOXYGENASE' 
# 
_entity_poly.entity_id                      1 
_entity_poly.type                           'polypeptide(L)' 
_entity_poly.nstd_linkage                   no 
_entity_poly.nstd_monomer                   no 
_entity_poly.pdbx_seq_one_letter_code       
;HGYVASPGSRAFFGSSAGGNLNTNVGRAQWEPQSIEAPKNTFITGKLASAGVSGFEPLDEQTATRWHKTNITTGPLDITW
NLTAQHRTASWDYYITKNGWNPNQPLDIKNFDKIASIDGKQEVPNKVVKQTINIPTDRKGYHVIYAVWGIGDTVNAFYQA
IDVNIQ
;
_entity_poly.pdbx_seq_one_letter_code_can   
;HGYVASPGSRAFFGSSAGGNLNTNVGRAQWEPQSIEAPKNTFITGKLASAGVSGFEPLDEQTATRWHKTNITTGPLDITW
NLTAQHRTASWDYYITKNGWNPNQPLDIKNFDKIASIDGKQEVPNKVVKQTINIPTDRKGYHVIYAVWGIGDTVNAFYQA
IDVNIQ
;
_entity_poly.pdbx_strand_id                 A 
_entity_poly.pdbx_target_identifier         ? 
# 
loop_
_entity_poly_seq.entity_id 
_entity_poly_seq.num 
_entity_poly_seq.mon_id 
_entity_poly_seq.hetero 
1 1   HIS n 
1 2   GLY n 
1 3   TYR n 
1 4   VAL n 
1 5   ALA n 
1 6   SER n 
1 7   PRO n 
1 8   GLY n 
1 9   SER n 
1 10  ARG n 
1 11  ALA n 
1 12  PHE n 
1 13  PHE n 
1 14  GLY n 
1 15  SER n 
1 16  SER n 
1 17  ALA n 
1 18  GLY n 
1 19  GLY n 
1 20  ASN n 
1 21  LEU n 
1 22  ASN n 
1 23  THR n 
1 24  ASN n 
1 25  VAL n 
1 26  GLY n 
1 27  ARG n 
1 28  ALA n 
1 29  GLN n 
1 30  TRP n 
1 31  GLU n 
1 32  PRO n 
1 33  GLN n 
1 34  SER n 
1 35  ILE n 
1 36  GLU n 
1 37  ALA n 
1 38  PRO n 
1 39  LYS n 
1 40  ASN n 
1 41  THR n 
1 42  PHE n 
1 43  ILE n 
1 44  THR n 
1 45  GLY n 
1 46  LYS n 
1 47  LEU n 
1 48  ALA n 
1 49  SER n 
1 50  ALA n 
1 51  GLY n 
1 52  VAL n 
1 53  SER n 
1 54  GLY n 
1 55  PHE n 
1 56  GLU n 
1 57  PRO n 
1 58  LEU n 
1 59  ASP n 
1 60  GLU n 
1 61  GLN n 
1 62  THR n 
1 63  ALA n 
1 64  THR n 
1 65  ARG n 
1 66  TRP n 
1 67  HIS n 
1 68  LYS n 
1 69  THR n 
1 70  ASN n 
1 71  ILE n 
1 72  THR n 
1 73  THR n 
1 74  GLY n 
1 75  PRO n 
1 76  LEU n 
1 77  ASP n 
1 78  ILE n 
1 79  THR n 
1 80  TRP n 
1 81  ASN n 
1 82  LEU n 
1 83  THR n 
1 84  ALA n 
1 85  GLN n 
1 86  HIS n 
1 87  ARG n 
1 88  THR n 
1 89  ALA n 
1 90  SER n 
1 91  TRP n 
1 92  ASP n 
1 93  TYR n 
1 94  TYR n 
1 95  ILE n 
1 96  THR n 
1 97  LYS n 
1 98  ASN n 
1 99  GLY n 
1 100 TRP n 
1 101 ASN n 
1 102 PRO n 
1 103 ASN n 
1 104 GLN n 
1 105 PRO n 
1 106 LEU n 
1 107 ASP n 
1 108 ILE n 
1 109 LYS n 
1 110 ASN n 
1 111 PHE n 
1 112 ASP n 
1 113 LYS n 
1 114 ILE n 
1 115 ALA n 
1 116 SER n 
1 117 ILE n 
1 118 ASP n 
1 119 GLY n 
1 120 LYS n 
1 121 GLN n 
1 122 GLU n 
1 123 VAL n 
1 124 PRO n 
1 125 ASN n 
1 126 LYS n 
1 127 VAL n 
1 128 VAL n 
1 129 LYS n 
1 130 GLN n 
1 131 THR n 
1 132 ILE n 
1 133 ASN n 
1 134 ILE n 
1 135 PRO n 
1 136 THR n 
1 137 ASP n 
1 138 ARG n 
1 139 LYS n 
1 140 GLY n 
1 141 TYR n 
1 142 HIS n 
1 143 VAL n 
1 144 ILE n 
1 145 TYR n 
1 146 ALA n 
1 147 VAL n 
1 148 TRP n 
1 149 GLY n 
1 150 ILE n 
1 151 GLY n 
1 152 ASP n 
1 153 THR n 
1 154 VAL n 
1 155 ASN n 
1 156 ALA n 
1 157 PHE n 
1 158 TYR n 
1 159 GLN n 
1 160 ALA n 
1 161 ILE n 
1 162 ASP n 
1 163 VAL n 
1 164 ASN n 
1 165 ILE n 
1 166 GLN n 
# 
_entity_src_gen.entity_id                          1 
_entity_src_gen.pdbx_src_id                        1 
_entity_src_gen.pdbx_alt_source_flag               sample 
_entity_src_gen.pdbx_seq_type                      ? 
_entity_src_gen.pdbx_beg_seq_num                   ? 
_entity_src_gen.pdbx_end_seq_num                   ? 
_entity_src_gen.gene_src_common_name               ? 
_entity_src_gen.gene_src_genus                     ? 
_entity_src_gen.pdbx_gene_src_gene                 ? 
_entity_src_gen.gene_src_species                   ? 
_entity_src_gen.gene_src_strain                    V582 
_entity_src_gen.gene_src_tissue                    ? 
_entity_src_gen.gene_src_tissue_fraction           ? 
_entity_src_gen.gene_src_details                   ? 
_entity_src_gen.pdbx_gene_src_fragment             ? 
_entity_src_gen.pdbx_gene_src_scientific_name      'ENTEROCOCCUS FAECALIS' 
_entity_src_gen.pdbx_gene_src_ncbi_taxonomy_id     1351 
_entity_src_gen.pdbx_gene_src_variant              ? 
_entity_src_gen.pdbx_gene_src_cell_line            ? 
_entity_src_gen.pdbx_gene_src_atcc                 700802 
_entity_src_gen.pdbx_gene_src_organ                ? 
_entity_src_gen.pdbx_gene_src_organelle            ? 
_entity_src_gen.pdbx_gene_src_cell                 ? 
_entity_src_gen.pdbx_gene_src_cellular_location    ? 
_entity_src_gen.host_org_common_name               ? 
_entity_src_gen.pdbx_host_org_scientific_name      'ESCHERICHIA COLI' 
_entity_src_gen.pdbx_host_org_ncbi_taxonomy_id     469008 
_entity_src_gen.host_org_genus                     ? 
_entity_src_gen.pdbx_host_org_gene                 ? 
_entity_src_gen.pdbx_host_org_organ                ? 
_entity_src_gen.host_org_species                   ? 
_entity_src_gen.pdbx_host_org_tissue               ? 
_entity_src_gen.pdbx_host_org_tissue_fraction      ? 
_entity_src_gen.pdbx_host_org_strain               'BL21(DE3)' 
_entity_src_gen.pdbx_host_org_variant              ? 
_entity_src_gen.pdbx_host_org_cell_line            ? 
_entity_src_gen.pdbx_host_org_atcc                 ? 
_entity_src_gen.pdbx_host_org_culture_collection   ? 
_entity_src_gen.pdbx_host_org_cell                 ? 
_entity_src_gen.pdbx_host_org_organelle            ? 
_entity_src_gen.pdbx_host_org_cellular_location    ? 
_entity_src_gen.pdbx_host_org_vector_type          ? 
_entity_src_gen.pdbx_host_org_vector               ? 
_entity_src_gen.host_org_details                   ? 
_entity_src_gen.expression_system_id               ? 
_entity_src_gen.plasmid_name                       PRSET-B 
_entity_src_gen.plasmid_details                    ? 
_entity_src_gen.pdbx_description                   ? 
# 
_struct_ref.id                         1 
_struct_ref.db_name                    UNP 
_struct_ref.db_code                    Q838S1_ENTFA 
_struct_ref.entity_id                  1 
_struct_ref.pdbx_seq_one_letter_code   ? 
_struct_ref.pdbx_align_begin           ? 
_struct_ref.pdbx_db_accession          Q838S1 
_struct_ref.pdbx_db_isoform            ? 
# 
_struct_ref_seq.align_id                      1 
_struct_ref_seq.ref_id                        1 
_struct_ref_seq.pdbx_PDB_id_code              4ALS 
_struct_ref_seq.pdbx_strand_id                A 
_struct_ref_seq.seq_align_beg                 1 
_struct_ref_seq.pdbx_seq_align_beg_ins_code   ? 
_struct_ref_seq.seq_align_end                 166 
_struct_ref_seq.pdbx_seq_align_end_ins_code   ? 
_struct_ref_seq.pdbx_db_accession             Q838S1 
_struct_ref_seq.db_align_beg                  29 
_struct_ref_seq.pdbx_db_align_beg_ins_code    ? 
_struct_ref_seq.db_align_end                  194 
_struct_ref_seq.pdbx_db_align_end_ins_code    ? 
_struct_ref_seq.pdbx_auth_seq_align_beg       29 
_struct_ref_seq.pdbx_auth_seq_align_end       194 
# 
loop_
_chem_comp.id 
_chem_comp.type 
_chem_comp.mon_nstd_flag 
_chem_comp.name 
_chem_comp.pdbx_synonyms 
_chem_comp.formula 
_chem_comp.formula_weight 
ALA 'L-peptide linking' y ALANINE                 ? 'C3 H7 N O2'     89.093  
ARG 'L-peptide linking' y ARGININE                ? 'C6 H15 N4 O2 1' 175.209 
ASN 'L-peptide linking' y ASPARAGINE              ? 'C4 H8 N2 O3'    132.118 
ASP 'L-peptide linking' y 'ASPARTIC ACID'         ? 'C4 H7 N O4'     133.103 
CU  non-polymer         . 'COPPER (II) ION'       ? 'Cu 2'           63.546  
GLN 'L-peptide linking' y GLUTAMINE               ? 'C5 H10 N2 O3'   146.144 
GLU 'L-peptide linking' y 'GLUTAMIC ACID'         ? 'C5 H9 N O4'     147.129 
GLY 'peptide linking'   y GLYCINE                 ? 'C2 H5 N O2'     75.067  
HIS 'L-peptide linking' y HISTIDINE               ? 'C6 H10 N3 O2 1' 156.162 
HOH non-polymer         . WATER                   ? 'H2 O'           18.015  
ILE 'L-peptide linking' y ISOLEUCINE              ? 'C6 H13 N O2'    131.173 
LEU 'L-peptide linking' y LEUCINE                 ? 'C6 H13 N O2'    131.173 
LYS 'L-peptide linking' y LYSINE                  ? 'C6 H15 N2 O2 1' 147.195 
PEG non-polymer         . 'DI(HYDROXYETHYL)ETHER' ? 'C4 H10 O3'      106.120 
PHE 'L-peptide linking' y PHENYLALANINE           ? 'C9 H11 N O2'    165.189 
PRO 'L-peptide linking' y PROLINE                 ? 'C5 H9 N O2'     115.130 
SER 'L-peptide linking' y SERINE                  ? 'C3 H7 N O3'     105.093 
THR 'L-peptide linking' y THREONINE               ? 'C4 H9 N O3'     119.119 
TRP 'L-peptide linking' y TRYPTOPHAN              ? 'C11 H12 N2 O2'  204.225 
TYR 'L-peptide linking' y TYROSINE                ? 'C9 H11 N O3'    181.189 
VAL 'L-peptide linking' y VALINE                  ? 'C5 H11 N O2'    117.146 
# 
_exptl.entry_id          4ALS 
_exptl.method            'X-RAY DIFFRACTION' 
_exptl.crystals_number   1 
# 
_exptl_crystal.id                    1 
_exptl_crystal.density_meas          ? 
_exptl_crystal.density_Matthews      1.98 
_exptl_crystal.density_percent_sol   37.82 
_exptl_crystal.description           NONE 
# 
_exptl_crystal_grow.crystal_id      1 
_exptl_crystal_grow.method          'VAPOR DIFFUSION, SITTING DROP' 
_exptl_crystal_grow.temp            ? 
_exptl_crystal_grow.temp_details    ? 
_exptl_crystal_grow.pH              7.5 
_exptl_crystal_grow.pdbx_pH_range   ? 
_exptl_crystal_grow.pdbx_details    '20%(W/V) PEG-8000 AND 0.1 M HEPES PH 7.5 SITTING DROP VAPOR DIFFUSION' 
# 
_diffrn.id                     1 
_diffrn.ambient_temp           100 
_diffrn.ambient_temp_details   ? 
_diffrn.crystal_id             1 
# 
_diffrn_detector.diffrn_id              1 
_diffrn_detector.detector               CCD 
_diffrn_detector.type                   'ADSC QUANTUM 210' 
_diffrn_detector.pdbx_collection_date   2011-12-03 
_diffrn_detector.details                'SAGITALLY FOCUSING GE(220) AND A MULTILAYER' 
# 
_diffrn_radiation.diffrn_id                        1 
_diffrn_radiation.wavelength_id                    1 
_diffrn_radiation.pdbx_monochromatic_or_laue_m_l   M 
_diffrn_radiation.monochromator                    'DIAMOND (111), GE(220)' 
_diffrn_radiation.pdbx_diffrn_protocol             'SINGLE WAVELENGTH' 
_diffrn_radiation.pdbx_scattering_type             x-ray 
# 
_diffrn_radiation_wavelength.id           1 
_diffrn_radiation_wavelength.wavelength   0.9334 
_diffrn_radiation_wavelength.wt           1.0 
# 
_diffrn_source.diffrn_id                   1 
_diffrn_source.source                      SYNCHROTRON 
_diffrn_source.type                        'ESRF BEAMLINE ID14-1' 
_diffrn_source.pdbx_synchrotron_site       ESRF 
_diffrn_source.pdbx_synchrotron_beamline   ID14-1 
_diffrn_source.pdbx_wavelength             0.9334 
_diffrn_source.pdbx_wavelength_list        ? 
# 
_reflns.pdbx_diffrn_id               1 
_reflns.pdbx_ordinal                 1 
_reflns.entry_id                     4ALS 
_reflns.observed_criterion_sigma_I   2.0 
_reflns.observed_criterion_sigma_F   ? 
_reflns.d_resolution_low             48.61 
_reflns.d_resolution_high            1.47 
_reflns.number_obs                   24138 
_reflns.number_all                   ? 
_reflns.percent_possible_obs         96.6 
_reflns.pdbx_Rmerge_I_obs            0.06 
_reflns.pdbx_Rsym_value              ? 
_reflns.pdbx_netI_over_sigmaI        12.20 
_reflns.B_iso_Wilson_estimate        ? 
_reflns.pdbx_redundancy              2.9 
# 
_reflns_shell.pdbx_diffrn_id         1 
_reflns_shell.pdbx_ordinal           1 
_reflns_shell.d_res_high             1.47 
_reflns_shell.d_res_low              1.55 
_reflns_shell.percent_possible_all   87.9 
_reflns_shell.Rmerge_I_obs           0.14 
_reflns_shell.pdbx_Rsym_value        ? 
_reflns_shell.meanI_over_sigI_obs    5.50 
_reflns_shell.pdbx_redundancy        2.3 
# 
_refine.pdbx_refine_id                           'X-RAY DIFFRACTION' 
_refine.entry_id                                 4ALS 
_refine.pdbx_diffrn_id                           1 
_refine.pdbx_TLS_residual_ADP_flag               ? 
_refine.ls_number_reflns_obs                     22872 
_refine.ls_number_reflns_all                     ? 
_refine.pdbx_ls_sigma_I                          ? 
_refine.pdbx_ls_sigma_F                          . 
_refine.pdbx_data_cutoff_high_absF               ? 
_refine.pdbx_data_cutoff_low_absF                ? 
_refine.pdbx_data_cutoff_high_rms_absF           ? 
_refine.ls_d_res_low                             39.64 
_refine.ls_d_res_high                            1.47 
_refine.ls_percent_reflns_obs                    96.06 
_refine.ls_R_factor_obs                          0.15825 
_refine.ls_R_factor_all                          ? 
_refine.ls_R_factor_R_work                       0.15627 
_refine.ls_R_factor_R_free                       0.19550 
_refine.ls_R_factor_R_free_error                 ? 
_refine.ls_R_factor_R_free_error_details         ? 
_refine.ls_percent_reflns_R_free                 5.1 
_refine.ls_number_reflns_R_free                  1230 
_refine.ls_number_parameters                     ? 
_refine.ls_number_restraints                     ? 
_refine.occupancy_min                            ? 
_refine.occupancy_max                            ? 
_refine.correlation_coeff_Fo_to_Fc               0.957 
_refine.correlation_coeff_Fo_to_Fc_free          0.931 
_refine.B_iso_mean                               8.580 
_refine.aniso_B[1][1]                            0.39 
_refine.aniso_B[2][2]                            0.21 
_refine.aniso_B[3][3]                            -0.60 
_refine.aniso_B[1][2]                            0.00 
_refine.aniso_B[1][3]                            0.00 
_refine.aniso_B[2][3]                            0.00 
_refine.solvent_model_details                    MASK 
_refine.solvent_model_param_ksol                 ? 
_refine.solvent_model_param_bsol                 ? 
_refine.pdbx_solvent_vdw_probe_radii             1.20 
_refine.pdbx_solvent_ion_probe_radii             0.80 
_refine.pdbx_solvent_shrinkage_radii             0.80 
_refine.pdbx_ls_cross_valid_method               THROUGHOUT 
_refine.details                                  
'HYDROGENS HAVE BEEN ADDED IN THE RIDING POSITIONS. HYDROGENS HAVE BEEN USED IF PRESENT IN THE INPUT U VALUES REFINED INDIVIDUALLY.' 
_refine.pdbx_starting_model                      'PDB ENTRY 2BEM' 
_refine.pdbx_method_to_determine_struct          'MOLECULAR REPLACEMENT' 
_refine.pdbx_isotropic_thermal_model             ? 
_refine.pdbx_stereochemistry_target_values       'MAXIMUM LIKELIHOOD' 
_refine.pdbx_stereochem_target_val_spec_case     ? 
_refine.pdbx_R_Free_selection_details            RANDOM 
_refine.pdbx_overall_ESU_R                       0.076 
_refine.pdbx_overall_ESU_R_Free                  0.080 
_refine.overall_SU_ML                            0.043 
_refine.pdbx_overall_phase_error                 ? 
_refine.overall_SU_B                             1.086 
_refine.overall_SU_R_Cruickshank_DPI             ? 
_refine.pdbx_overall_SU_R_free_Cruickshank_DPI   ? 
_refine.pdbx_overall_SU_R_Blow_DPI               ? 
_refine.pdbx_overall_SU_R_free_Blow_DPI          ? 
# 
_refine_hist.pdbx_refine_id                   'X-RAY DIFFRACTION' 
_refine_hist.cycle_id                         LAST 
_refine_hist.pdbx_number_atoms_protein        1300 
_refine_hist.pdbx_number_atoms_nucleic_acid   0 
_refine_hist.pdbx_number_atoms_ligand         15 
_refine_hist.number_atoms_solvent             290 
_refine_hist.number_atoms_total               1605 
_refine_hist.d_res_high                       1.47 
_refine_hist.d_res_low                        39.64 
# 
loop_
_refine_ls_restr.type 
_refine_ls_restr.dev_ideal 
_refine_ls_restr.dev_ideal_target 
_refine_ls_restr.weight 
_refine_ls_restr.number 
_refine_ls_restr.pdbx_refine_id 
_refine_ls_restr.pdbx_restraint_function 
r_bond_refined_d             0.008  0.020  ? 1405 'X-RAY DIFFRACTION' ? 
r_bond_other_d               ?      ?      ? ?    'X-RAY DIFFRACTION' ? 
r_angle_refined_deg          1.221  1.919  ? 1920 'X-RAY DIFFRACTION' ? 
r_angle_other_deg            ?      ?      ? ?    'X-RAY DIFFRACTION' ? 
r_dihedral_angle_1_deg       6.100  5.000  ? 179  'X-RAY DIFFRACTION' ? 
r_dihedral_angle_2_deg       35.752 25.000 ? 68   'X-RAY DIFFRACTION' ? 
r_dihedral_angle_3_deg       11.324 15.000 ? 223  'X-RAY DIFFRACTION' ? 
r_dihedral_angle_4_deg       13.206 15.000 ? 6    'X-RAY DIFFRACTION' ? 
r_chiral_restr               0.080  0.200  ? 204  'X-RAY DIFFRACTION' ? 
r_gen_planes_refined         0.006  0.021  ? 1100 'X-RAY DIFFRACTION' ? 
r_gen_planes_other           ?      ?      ? ?    'X-RAY DIFFRACTION' ? 
r_nbd_refined                ?      ?      ? ?    'X-RAY DIFFRACTION' ? 
r_nbd_other                  ?      ?      ? ?    'X-RAY DIFFRACTION' ? 
r_nbtor_refined              ?      ?      ? ?    'X-RAY DIFFRACTION' ? 
r_nbtor_other                ?      ?      ? ?    'X-RAY DIFFRACTION' ? 
r_xyhbond_nbd_refined        ?      ?      ? ?    'X-RAY DIFFRACTION' ? 
r_xyhbond_nbd_other          ?      ?      ? ?    'X-RAY DIFFRACTION' ? 
r_metal_ion_refined          ?      ?      ? ?    'X-RAY DIFFRACTION' ? 
r_metal_ion_other            ?      ?      ? ?    'X-RAY DIFFRACTION' ? 
r_symmetry_vdw_refined       ?      ?      ? ?    'X-RAY DIFFRACTION' ? 
r_symmetry_vdw_other         ?      ?      ? ?    'X-RAY DIFFRACTION' ? 
r_symmetry_hbond_refined     ?      ?      ? ?    'X-RAY DIFFRACTION' ? 
r_symmetry_hbond_other       ?      ?      ? ?    'X-RAY DIFFRACTION' ? 
r_symmetry_metal_ion_refined ?      ?      ? ?    'X-RAY DIFFRACTION' ? 
r_symmetry_metal_ion_other   ?      ?      ? ?    'X-RAY DIFFRACTION' ? 
r_mcbond_it                  ?      ?      ? ?    'X-RAY DIFFRACTION' ? 
r_mcbond_other               ?      ?      ? ?    'X-RAY DIFFRACTION' ? 
r_mcangle_it                 ?      ?      ? ?    'X-RAY DIFFRACTION' ? 
r_mcangle_other              ?      ?      ? ?    'X-RAY DIFFRACTION' ? 
r_scbond_it                  ?      ?      ? ?    'X-RAY DIFFRACTION' ? 
r_scbond_other               ?      ?      ? ?    'X-RAY DIFFRACTION' ? 
r_scangle_it                 ?      ?      ? ?    'X-RAY DIFFRACTION' ? 
r_scangle_other              ?      ?      ? ?    'X-RAY DIFFRACTION' ? 
r_long_range_B_refined       ?      ?      ? ?    'X-RAY DIFFRACTION' ? 
r_long_range_B_other         ?      ?      ? ?    'X-RAY DIFFRACTION' ? 
r_rigid_bond_restr           ?      ?      ? ?    'X-RAY DIFFRACTION' ? 
r_sphericity_free            ?      ?      ? ?    'X-RAY DIFFRACTION' ? 
r_sphericity_bonded          ?      ?      ? ?    'X-RAY DIFFRACTION' ? 
# 
_refine_ls_shell.pdbx_refine_id                   'X-RAY DIFFRACTION' 
_refine_ls_shell.pdbx_total_number_of_bins_used   20 
_refine_ls_shell.d_res_high                       1.475 
_refine_ls_shell.d_res_low                        1.513 
_refine_ls_shell.number_reflns_R_work             1296 
_refine_ls_shell.R_factor_R_work                  0.174 
_refine_ls_shell.percent_reflns_obs               79.25 
_refine_ls_shell.R_factor_R_free                  0.186 
_refine_ls_shell.R_factor_R_free_error            ? 
_refine_ls_shell.percent_reflns_R_free            ? 
_refine_ls_shell.number_reflns_R_free             79 
_refine_ls_shell.number_reflns_all                ? 
_refine_ls_shell.R_factor_all                     ? 
# 
_struct.entry_id                  4ALS 
_struct.title                     'X-Ray photoreduction of Polysaccharide monooxygenase CBM33' 
_struct.pdbx_model_details        ? 
_struct.pdbx_CASP_flag            ? 
_struct.pdbx_model_type_details   ? 
# 
_struct_keywords.entry_id        4ALS 
_struct_keywords.pdbx_keywords   'CHITIN-BINDING PROTEIN' 
_struct_keywords.text            
'CHITIN-BINDING PROTEIN, CHITIN BINDING PROTEIN, CHITIN DEGRADATION, MICROSPECTROPHOTOMETRY, X-RAY INDUCED PHOTO REDUCTION' 
# 
loop_
_struct_asym.id 
_struct_asym.pdbx_blank_PDB_chainid_flag 
_struct_asym.pdbx_modified 
_struct_asym.entity_id 
_struct_asym.details 
A N N 1 ? 
B N N 2 ? 
C N N 3 ? 
D N N 3 ? 
E N N 4 ? 
# 
_struct_biol.id   1 
# 
loop_
_struct_conf.conf_type_id 
_struct_conf.id 
_struct_conf.pdbx_PDB_helix_id 
_struct_conf.beg_label_comp_id 
_struct_conf.beg_label_asym_id 
_struct_conf.beg_label_seq_id 
_struct_conf.pdbx_beg_PDB_ins_code 
_struct_conf.end_label_comp_id 
_struct_conf.end_label_asym_id 
_struct_conf.end_label_seq_id 
_struct_conf.pdbx_end_PDB_ins_code 
_struct_conf.beg_auth_comp_id 
_struct_conf.beg_auth_asym_id 
_struct_conf.beg_auth_seq_id 
_struct_conf.end_auth_comp_id 
_struct_conf.end_auth_asym_id 
_struct_conf.end_auth_seq_id 
_struct_conf.pdbx_PDB_helix_class 
_struct_conf.details 
_struct_conf.pdbx_PDB_helix_length 
HELX_P HELX_P1 1 SER A 9   ? GLY A 14  ? SER A 37  GLY A 42  1 ? 6 
HELX_P HELX_P2 2 VAL A 25  ? TRP A 30  ? VAL A 53  TRP A 58  5 ? 6 
HELX_P HELX_P3 3 PHE A 55  ? GLU A 60  ? PHE A 83  GLU A 88  5 ? 6 
HELX_P HELX_P4 4 ASP A 107 ? LYS A 109 ? ASP A 135 LYS A 137 5 ? 3 
# 
_struct_conf_type.id          HELX_P 
_struct_conf_type.criteria    ? 
_struct_conf_type.reference   ? 
# 
loop_
_struct_conn.id 
_struct_conn.conn_type_id 
_struct_conn.pdbx_leaving_atom_flag 
_struct_conn.pdbx_PDB_id 
_struct_conn.ptnr1_label_asym_id 
_struct_conn.ptnr1_label_comp_id 
_struct_conn.ptnr1_label_seq_id 
_struct_conn.ptnr1_label_atom_id 
_struct_conn.pdbx_ptnr1_label_alt_id 
_struct_conn.pdbx_ptnr1_PDB_ins_code 
_struct_conn.pdbx_ptnr1_standard_comp_id 
_struct_conn.ptnr1_symmetry 
_struct_conn.ptnr2_label_asym_id 
_struct_conn.ptnr2_label_comp_id 
_struct_conn.ptnr2_label_seq_id 
_struct_conn.ptnr2_label_atom_id 
_struct_conn.pdbx_ptnr2_label_alt_id 
_struct_conn.pdbx_ptnr2_PDB_ins_code 
_struct_conn.ptnr1_auth_asym_id 
_struct_conn.ptnr1_auth_comp_id 
_struct_conn.ptnr1_auth_seq_id 
_struct_conn.ptnr2_auth_asym_id 
_struct_conn.ptnr2_auth_comp_id 
_struct_conn.ptnr2_auth_seq_id 
_struct_conn.ptnr2_symmetry 
_struct_conn.pdbx_ptnr3_label_atom_id 
_struct_conn.pdbx_ptnr3_label_seq_id 
_struct_conn.pdbx_ptnr3_label_comp_id 
_struct_conn.pdbx_ptnr3_label_asym_id 
_struct_conn.pdbx_ptnr3_label_alt_id 
_struct_conn.pdbx_ptnr3_PDB_ins_code 
_struct_conn.details 
_struct_conn.pdbx_dist_value 
_struct_conn.pdbx_value_order 
_struct_conn.pdbx_role 
metalc1 metalc ? ? A HIS 1  ND1 ? ? ? 1_555 B CU . CU ? ? A HIS 29  A CU 195 1_555 ? ? ? ? ? ? ? 1.951 ? ? 
metalc2 metalc ? ? A HIS 86 NE2 ? ? ? 1_555 B CU . CU ? ? A HIS 114 A CU 195 1_555 ? ? ? ? ? ? ? 1.936 ? ? 
# 
_struct_conn_type.id          metalc 
_struct_conn_type.criteria    ? 
_struct_conn_type.reference   ? 
# 
_struct_mon_prot_cis.pdbx_id                1 
_struct_mon_prot_cis.label_comp_id          SER 
_struct_mon_prot_cis.label_seq_id           6 
_struct_mon_prot_cis.label_asym_id          A 
_struct_mon_prot_cis.label_alt_id           . 
_struct_mon_prot_cis.pdbx_PDB_ins_code      ? 
_struct_mon_prot_cis.auth_comp_id           SER 
_struct_mon_prot_cis.auth_seq_id            34 
_struct_mon_prot_cis.auth_asym_id           A 
_struct_mon_prot_cis.pdbx_label_comp_id_2   PRO 
_struct_mon_prot_cis.pdbx_label_seq_id_2    7 
_struct_mon_prot_cis.pdbx_label_asym_id_2   A 
_struct_mon_prot_cis.pdbx_PDB_ins_code_2    ? 
_struct_mon_prot_cis.pdbx_auth_comp_id_2    PRO 
_struct_mon_prot_cis.pdbx_auth_seq_id_2     35 
_struct_mon_prot_cis.pdbx_auth_asym_id_2    A 
_struct_mon_prot_cis.pdbx_PDB_model_num     1 
_struct_mon_prot_cis.pdbx_omega_angle       -11.63 
# 
loop_
_struct_sheet.id 
_struct_sheet.type 
_struct_sheet.number_strands 
_struct_sheet.details 
AA ? 3 ? 
AB ? 2 ? 
AC ? 2 ? 
AD ? 5 ? 
AE ? 5 ? 
# 
loop_
_struct_sheet_order.sheet_id 
_struct_sheet_order.range_id_1 
_struct_sheet_order.range_id_2 
_struct_sheet_order.offset 
_struct_sheet_order.sense 
AA 1 2 ? anti-parallel 
AA 2 3 ? anti-parallel 
AB 1 2 ? anti-parallel 
AC 1 2 ? anti-parallel 
AD 1 2 ? anti-parallel 
AD 2 3 ? anti-parallel 
AD 3 4 ? anti-parallel 
AD 4 5 ? anti-parallel 
AE 1 2 ? anti-parallel 
AE 2 3 ? anti-parallel 
AE 3 4 ? anti-parallel 
AE 4 5 ? anti-parallel 
# 
loop_
_struct_sheet_range.sheet_id 
_struct_sheet_range.id 
_struct_sheet_range.beg_label_comp_id 
_struct_sheet_range.beg_label_asym_id 
_struct_sheet_range.beg_label_seq_id 
_struct_sheet_range.pdbx_beg_PDB_ins_code 
_struct_sheet_range.end_label_comp_id 
_struct_sheet_range.end_label_asym_id 
_struct_sheet_range.end_label_seq_id 
_struct_sheet_range.pdbx_end_PDB_ins_code 
_struct_sheet_range.beg_auth_comp_id 
_struct_sheet_range.beg_auth_asym_id 
_struct_sheet_range.beg_auth_seq_id 
_struct_sheet_range.end_auth_comp_id 
_struct_sheet_range.end_auth_asym_id 
_struct_sheet_range.end_auth_seq_id 
AA 1 GLY A 2   ? SER A 6   ? GLY A 30  SER A 34  
AA 2 GLY A 74  ? LEU A 82  ? GLY A 102 LEU A 110 
AA 3 VAL A 127 ? ILE A 134 ? VAL A 155 ILE A 162 
AB 1 GLU A 36  ? PRO A 38  ? GLU A 64  PRO A 66  
AB 2 ASN A 155 ? ILE A 165 ? ASN A 183 ILE A 193 
AC 1 THR A 69  ? ILE A 71  ? THR A 97  ILE A 99  
AC 2 ASN A 155 ? ILE A 165 ? ASN A 183 ILE A 193 
AD 1 PHE A 111 ? GLU A 122 ? PHE A 139 GLU A 150 
AD 2 THR A 88  ? THR A 96  ? THR A 116 THR A 124 
AD 3 GLY A 140 ? ILE A 150 ? GLY A 168 ILE A 178 
AD 4 ASN A 155 ? ILE A 165 ? ASN A 183 ILE A 193 
AD 5 THR A 69  ? ILE A 71  ? THR A 97  ILE A 99  
AE 1 PHE A 111 ? GLU A 122 ? PHE A 139 GLU A 150 
AE 2 THR A 88  ? THR A 96  ? THR A 116 THR A 124 
AE 3 GLY A 140 ? ILE A 150 ? GLY A 168 ILE A 178 
AE 4 ASN A 155 ? ILE A 165 ? ASN A 183 ILE A 193 
AE 5 GLU A 36  ? PRO A 38  ? GLU A 64  PRO A 66  
# 
loop_
_pdbx_struct_sheet_hbond.sheet_id 
_pdbx_struct_sheet_hbond.range_id_1 
_pdbx_struct_sheet_hbond.range_id_2 
_pdbx_struct_sheet_hbond.range_1_label_atom_id 
_pdbx_struct_sheet_hbond.range_1_label_comp_id 
_pdbx_struct_sheet_hbond.range_1_label_asym_id 
_pdbx_struct_sheet_hbond.range_1_label_seq_id 
_pdbx_struct_sheet_hbond.range_1_PDB_ins_code 
_pdbx_struct_sheet_hbond.range_1_auth_atom_id 
_pdbx_struct_sheet_hbond.range_1_auth_comp_id 
_pdbx_struct_sheet_hbond.range_1_auth_asym_id 
_pdbx_struct_sheet_hbond.range_1_auth_seq_id 
_pdbx_struct_sheet_hbond.range_2_label_atom_id 
_pdbx_struct_sheet_hbond.range_2_label_comp_id 
_pdbx_struct_sheet_hbond.range_2_label_asym_id 
_pdbx_struct_sheet_hbond.range_2_label_seq_id 
_pdbx_struct_sheet_hbond.range_2_PDB_ins_code 
_pdbx_struct_sheet_hbond.range_2_auth_atom_id 
_pdbx_struct_sheet_hbond.range_2_auth_comp_id 
_pdbx_struct_sheet_hbond.range_2_auth_asym_id 
_pdbx_struct_sheet_hbond.range_2_auth_seq_id 
AA 1 2 N ALA A 5   ? N ALA A 33  O THR A 79  ? O THR A 107 
AA 2 3 N TRP A 80  ? N TRP A 108 O VAL A 128 ? O VAL A 156 
AB 1 2 N ALA A 37  ? N ALA A 65  O ALA A 156 ? O ALA A 184 
AC 1 2 N THR A 69  ? N THR A 97  O ASP A 162 ? O ASP A 190 
AD 1 2 N GLN A 121 ? N GLN A 149 O THR A 88  ? O THR A 116 
AD 2 3 N THR A 96  ? N THR A 124 O VAL A 143 ? O VAL A 171 
AD 3 4 N ILE A 150 ? N ILE A 178 O ASN A 155 ? O ASN A 183 
AD 4 5 N ASN A 164 ? N ASN A 192 O THR A 69  ? O THR A 97  
AE 1 2 N GLN A 121 ? N GLN A 149 O THR A 88  ? O THR A 116 
AE 2 3 N THR A 96  ? N THR A 124 O VAL A 143 ? O VAL A 171 
AE 3 4 N ILE A 150 ? N ILE A 178 O ASN A 155 ? O ASN A 183 
AE 4 5 N ALA A 156 ? N ALA A 184 O ALA A 37  ? O ALA A 65  
# 
loop_
_struct_site.id 
_struct_site.pdbx_evidence_code 
_struct_site.pdbx_auth_asym_id 
_struct_site.pdbx_auth_comp_id 
_struct_site.pdbx_auth_seq_id 
_struct_site.pdbx_auth_ins_code 
_struct_site.pdbx_num_residues 
_struct_site.details 
AC1 Software A CU  195  ? 3 'BINDING SITE FOR RESIDUE CU A 195'   
AC2 Software A PEG 1195 ? 5 'BINDING SITE FOR RESIDUE PEG A 1195' 
AC3 Software A PEG 1196 ? 6 'BINDING SITE FOR RESIDUE PEG A 1196' 
# 
loop_
_struct_site_gen.id 
_struct_site_gen.site_id 
_struct_site_gen.pdbx_num_res 
_struct_site_gen.label_comp_id 
_struct_site_gen.label_asym_id 
_struct_site_gen.label_seq_id 
_struct_site_gen.pdbx_auth_ins_code 
_struct_site_gen.auth_comp_id 
_struct_site_gen.auth_asym_id 
_struct_site_gen.auth_seq_id 
_struct_site_gen.label_atom_id 
_struct_site_gen.label_alt_id 
_struct_site_gen.symmetry 
_struct_site_gen.details 
1  AC1 3 HIS A 1   ? HIS A 29   . ? 1_555 ? 
2  AC1 3 HIS A 86  ? HIS A 114  . ? 1_555 ? 
3  AC1 3 PHE A 157 ? PHE A 185  . ? 1_555 ? 
4  AC2 5 LEU A 82  ? LEU A 110  . ? 1_555 ? 
5  AC2 5 ARG A 87  ? ARG A 115  . ? 3_544 ? 
6  AC2 5 LYS A 126 ? LYS A 154  . ? 1_555 ? 
7  AC2 5 ASP A 152 ? ASP A 180  . ? 3_544 ? 
8  AC2 5 HOH E .   ? HOH A 2287 . ? 1_555 ? 
9  AC3 6 PHE A 42  ? PHE A 70   . ? 1_555 ? 
10 AC3 6 TYR A 94  ? TYR A 122  . ? 1_555 ? 
11 AC3 6 ILE A 108 ? ILE A 136  . ? 1_555 ? 
12 AC3 6 PHE A 111 ? PHE A 139  . ? 1_555 ? 
13 AC3 6 HOH E .   ? HOH A 2240 . ? 4_455 ? 
14 AC3 6 HOH E .   ? HOH A 2290 . ? 1_555 ? 
# 
_atom_sites.entry_id                    4ALS 
_atom_sites.fract_transf_matrix[1][1]   -0.01239321 
_atom_sites.fract_transf_matrix[1][2]   0.01075593 
_atom_sites.fract_transf_matrix[1][3]   -0.01614859 
_atom_sites.fract_transf_matrix[2][1]   0.01726811 
_atom_sites.fract_transf_matrix[2][2]   0.00458773 
_atom_sites.fract_transf_matrix[2][3]   -0.01019668 
_atom_sites.fract_transf_matrix[3][1]   -0.00109700 
_atom_sites.fract_transf_matrix[3][2]   -0.01249054 
_atom_sites.fract_transf_matrix[3][3]   -0.00747756 
_atom_sites.fract_transf_vector[1]      -0.287653 
_atom_sites.fract_transf_vector[2]      0.003767 
_atom_sites.fract_transf_vector[3]      -0.135801 
# 
loop_
_atom_type.symbol 
C  
CU 
N  
O  
# 
loop_
_atom_site.group_PDB 
_atom_site.id 
_atom_site.type_symbol 
_atom_site.label_atom_id 
_atom_site.label_alt_id 
_atom_site.label_comp_id 
_atom_site.label_asym_id 
_atom_site.label_entity_id 
_atom_site.label_seq_id 
_atom_site.pdbx_PDB_ins_code 
_atom_site.Cartn_x 
_atom_site.Cartn_y 
_atom_site.Cartn_z 
_atom_site.occupancy 
_atom_site.B_iso_or_equiv 
_atom_site.pdbx_formal_charge 
_atom_site.auth_seq_id 
_atom_site.auth_comp_id 
_atom_site.auth_asym_id 
_atom_site.auth_atom_id 
_atom_site.pdbx_PDB_model_num 
ATOM   1    N  N   . HIS A 1 1   ? 3.107   13.087  -3.826  1.00 4.72  ? 29   HIS A N   1 
ATOM   2    C  CA  . HIS A 1 1   ? 2.574   12.668  -2.489  1.00 4.68  ? 29   HIS A CA  1 
ATOM   3    C  C   . HIS A 1 1   ? 1.163   12.216  -2.555  1.00 4.65  ? 29   HIS A C   1 
ATOM   4    O  O   . HIS A 1 1   ? 0.289   12.910  -3.050  1.00 4.65  ? 29   HIS A O   1 
ATOM   5    C  CB  . HIS A 1 1   ? 2.755   13.787  -1.476  1.00 4.73  ? 29   HIS A CB  1 
ATOM   6    C  CG  . HIS A 1 1   ? 4.196   14.020  -1.106  1.00 4.73  ? 29   HIS A CG  1 
ATOM   7    N  ND1 . HIS A 1 1   ? 5.149   14.325  -2.025  1.00 4.76  ? 29   HIS A ND1 1 
ATOM   8    C  CD2 . HIS A 1 1   ? 4.837   13.954  0.125   1.00 4.76  ? 29   HIS A CD2 1 
ATOM   9    C  CE1 . HIS A 1 1   ? 6.346   14.447  -1.390  1.00 4.88  ? 29   HIS A CE1 1 
ATOM   10   N  NE2 . HIS A 1 1   ? 6.144   14.244  -0.079  1.00 4.82  ? 29   HIS A NE2 1 
ATOM   11   N  N   . GLY A 1 2   ? 0.935   11.025  -2.030  1.00 4.50  ? 30   GLY A N   1 
ATOM   12   C  CA  . GLY A 1 2   ? -0.394  10.435  -2.076  1.00 4.58  ? 30   GLY A CA  1 
ATOM   13   C  C   . GLY A 1 2   ? -0.469  9.159   -1.265  1.00 4.58  ? 30   GLY A C   1 
ATOM   14   O  O   . GLY A 1 2   ? 0.568   8.555   -0.912  1.00 4.69  ? 30   GLY A O   1 
ATOM   15   N  N   . TYR A 1 3   ? -1.706  8.747   -0.981  1.00 4.67  ? 31   TYR A N   1 
ATOM   16   C  CA  . TYR A 1 3   ? -1.973  7.524   -0.225  1.00 4.68  ? 31   TYR A CA  1 
ATOM   17   C  C   . TYR A 1 3   ? -3.203  6.831   -0.801  1.00 4.60  ? 31   TYR A C   1 
ATOM   18   O  O   . TYR A 1 3   ? -3.995  7.435   -1.533  1.00 4.46  ? 31   TYR A O   1 
ATOM   19   C  CB  . TYR A 1 3   ? -2.184  7.841   1.272   1.00 4.95  ? 31   TYR A CB  1 
ATOM   20   C  CG  . TYR A 1 3   ? -3.173  8.960   1.504   1.00 5.26  ? 31   TYR A CG  1 
ATOM   21   C  CD1 . TYR A 1 3   ? -4.553  8.724   1.489   1.00 5.48  ? 31   TYR A CD1 1 
ATOM   22   C  CD2 . TYR A 1 3   ? -2.727  10.265  1.723   1.00 5.39  ? 31   TYR A CD2 1 
ATOM   23   C  CE1 . TYR A 1 3   ? -5.456  9.762   1.682   1.00 5.74  ? 31   TYR A CE1 1 
ATOM   24   C  CE2 . TYR A 1 3   ? -3.627  11.301  1.914   1.00 5.69  ? 31   TYR A CE2 1 
ATOM   25   C  CZ  . TYR A 1 3   ? -4.986  11.038  1.900   1.00 5.82  ? 31   TYR A CZ  1 
ATOM   26   O  OH  . TYR A 1 3   ? -5.887  12.076  2.088   0.50 5.74  ? 31   TYR A OH  1 
ATOM   27   N  N   . VAL A 1 4   ? -3.357  5.556   -0.466  1.00 4.53  ? 32   VAL A N   1 
ATOM   28   C  CA  . VAL A 1 4   ? -4.581  4.833   -0.798  1.00 4.68  ? 32   VAL A CA  1 
ATOM   29   C  C   . VAL A 1 4   ? -5.594  5.058   0.331   1.00 4.80  ? 32   VAL A C   1 
ATOM   30   O  O   . VAL A 1 4   ? -5.339  4.708   1.489   1.00 4.79  ? 32   VAL A O   1 
ATOM   31   C  CB  . VAL A 1 4   ? -4.304  3.336   -1.062  1.00 4.62  ? 32   VAL A CB  1 
ATOM   32   C  CG1 . VAL A 1 4   ? -5.623  2.614   -1.319  1.00 4.74  ? 32   VAL A CG1 1 
ATOM   33   C  CG2 . VAL A 1 4   ? -3.357  3.179   -2.258  1.00 4.65  ? 32   VAL A CG2 1 
ATOM   34   N  N   . ALA A 1 5   ? -6.719  5.701   -0.021  1.00 5.02  ? 33   ALA A N   1 
ATOM   35   C  CA  . ALA A 1 5   ? -7.801  5.982   0.929   1.00 5.36  ? 33   ALA A CA  1 
ATOM   36   C  C   . ALA A 1 5   ? -8.835  4.872   1.038   1.00 5.67  ? 33   ALA A C   1 
ATOM   37   O  O   . ALA A 1 5   ? -9.547  4.792   2.037   1.00 5.82  ? 33   ALA A O   1 
ATOM   38   C  CB  . ALA A 1 5   ? -8.499  7.292   0.565   1.00 5.34  ? 33   ALA A CB  1 
ATOM   39   N  N   . SER A 1 6   ? -8.959  4.044   -0.002  1.00 5.82  ? 34   SER A N   1 
ATOM   40   C  CA  . SER A 1 6   ? -9.962  2.972   -0.013  1.00 6.21  ? 34   SER A CA  1 
ATOM   41   C  C   . SER A 1 6   ? -9.468  1.820   -0.886  1.00 6.17  ? 34   SER A C   1 
ATOM   42   O  O   . SER A 1 6   ? -9.159  2.023   -2.050  1.00 6.01  ? 34   SER A O   1 
ATOM   43   C  CB  . SER A 1 6   ? -11.281 3.505   -0.569  1.00 6.72  ? 34   SER A CB  1 
ATOM   44   O  OG  . SER A 1 6   ? -12.263 2.481   -0.576  1.00 7.43  ? 34   SER A OG  1 
ATOM   45   N  N   . PRO A 1 7   ? -9.372  0.598   -0.326  1.00 6.11  ? 35   PRO A N   1 
ATOM   46   C  CA  . PRO A 1 7   ? -9.470  0.316   1.113   1.00 5.99  ? 35   PRO A CA  1 
ATOM   47   C  C   . PRO A 1 7   ? -8.343  1.060   1.798   1.00 5.55  ? 35   PRO A C   1 
ATOM   48   O  O   . PRO A 1 7   ? -7.244  1.167   1.235   1.00 5.68  ? 35   PRO A O   1 
ATOM   49   C  CB  . PRO A 1 7   ? -9.227  -1.190  1.221   1.00 6.21  ? 35   PRO A CB  1 
ATOM   50   C  CG  . PRO A 1 7   ? -9.132  -1.721  -0.160  1.00 6.57  ? 35   PRO A CG  1 
ATOM   51   C  CD  . PRO A 1 7   ? -8.979  -0.579  -1.117  1.00 6.40  ? 35   PRO A CD  1 
ATOM   52   N  N   . GLY A 1 8   ? -8.606  1.575   2.987   1.00 5.24  ? 36   GLY A N   1 
ATOM   53   C  CA  . GLY A 1 8   ? -7.632  2.438   3.647   1.00 4.83  ? 36   GLY A CA  1 
ATOM   54   C  C   . GLY A 1 8   ? -6.282  1.759   3.799   1.00 4.49  ? 36   GLY A C   1 
ATOM   55   O  O   . GLY A 1 8   ? -6.205  0.611   4.214   1.00 4.48  ? 36   GLY A O   1 
ATOM   56   N  N   . SER A 1 9   ? -5.210  2.461   3.459   1.00 4.28  ? 37   SER A N   1 
ATOM   57   C  CA  . SER A 1 9   ? -3.887  1.893   3.668   1.00 4.08  ? 37   SER A CA  1 
ATOM   58   C  C   . SER A 1 9   ? -3.507  1.871   5.154   1.00 3.98  ? 37   SER A C   1 
ATOM   59   O  O   . SER A 1 9   ? -4.142  2.533   5.988   1.00 3.95  ? 37   SER A O   1 
ATOM   60   C  CB  . SER A 1 9   ? -2.844  2.647   2.861   1.00 4.08  ? 37   SER A CB  1 
ATOM   61   O  OG  . SER A 1 9   ? -2.548  3.892   3.494   1.00 3.98  ? 37   SER A OG  1 
ATOM   62   N  N   . ARG A 1 10  ? -2.475  1.102   5.473   1.00 3.82  ? 38   ARG A N   1 
ATOM   63   C  CA  . ARG A 1 10  ? -2.005  0.999   6.851   1.00 3.81  ? 38   ARG A CA  1 
ATOM   64   C  C   . ARG A 1 10  ? -1.614  2.388   7.377   1.00 3.88  ? 38   ARG A C   1 
ATOM   65   O  O   . ARG A 1 10  ? -1.966  2.757   8.509   1.00 3.76  ? 38   ARG A O   1 
ATOM   66   C  CB  . ARG A 1 10  ? -0.841  0.011   6.928   1.00 3.78  ? 38   ARG A CB  1 
ATOM   67   C  CG  . ARG A 1 10  ? -0.382  -0.287  8.348   1.00 3.80  ? 38   ARG A CG  1 
ATOM   68   C  CD  . ARG A 1 10  ? 0.823   -1.205  8.325   1.00 3.80  ? 38   ARG A CD  1 
ATOM   69   N  NE  . ARG A 1 10  ? 0.518   -2.543  7.781   1.00 3.75  ? 38   ARG A NE  1 
ATOM   70   C  CZ  . ARG A 1 10  ? 1.439   -3.491  7.622   1.00 3.78  ? 38   ARG A CZ  1 
ATOM   71   N  NH1 . ARG A 1 10  ? 2.708   -3.252  7.938   1.00 3.86  ? 38   ARG A NH1 1 
ATOM   72   N  NH2 . ARG A 1 10  ? 1.095   -4.694  7.152   1.00 3.75  ? 38   ARG A NH2 1 
ATOM   73   N  N   . ALA A 1 11  ? -0.935  3.166   6.540   1.00 3.99  ? 39   ALA A N   1 
ATOM   74   C  CA  . ALA A 1 11  ? -0.574  4.535   6.903   1.00 4.15  ? 39   ALA A CA  1 
ATOM   75   C  C   . ALA A 1 11  ? -1.788  5.446   7.046   1.00 4.29  ? 39   ALA A C   1 
ATOM   76   O  O   . ALA A 1 11  ? -1.896  6.189   8.028   1.00 4.24  ? 39   ALA A O   1 
ATOM   77   C  CB  . ALA A 1 11  ? 0.383   5.116   5.869   1.00 4.06  ? 39   ALA A CB  1 
ATOM   78   N  N   . PHE A 1 12  ? -2.685  5.409   6.061   1.00 4.64  ? 40   PHE A N   1 
ATOM   79   C  CA  . PHE A 1 12  ? -3.894  6.233   6.086   1.00 5.03  ? 40   PHE A CA  1 
ATOM   80   C  C   . PHE A 1 12  ? -4.745  5.992   7.335   1.00 5.03  ? 40   PHE A C   1 
ATOM   81   O  O   . PHE A 1 12  ? -5.245  6.944   7.929   1.00 5.03  ? 40   PHE A O   1 
ATOM   82   C  CB  . PHE A 1 12  ? -4.709  6.001   4.812   1.00 5.51  ? 40   PHE A CB  1 
ATOM   83   C  CG  . PHE A 1 12  ? -6.008  6.750   4.766   1.00 6.03  ? 40   PHE A CG  1 
ATOM   84   C  CD1 . PHE A 1 12  ? -6.027  8.137   4.590   1.00 6.31  ? 40   PHE A CD1 1 
ATOM   85   C  CD2 . PHE A 1 12  ? -7.209  6.069   4.903   1.00 6.33  ? 40   PHE A CD2 1 
ATOM   86   C  CE1 . PHE A 1 12  ? -7.242  8.818   4.538   1.00 6.70  ? 40   PHE A CE1 1 
ATOM   87   C  CE2 . PHE A 1 12  ? -8.418  6.749   4.855   1.00 6.78  ? 40   PHE A CE2 1 
ATOM   88   C  CZ  . PHE A 1 12  ? -8.422  8.120   4.677   1.00 6.74  ? 40   PHE A CZ  1 
ATOM   89   N  N   . PHE A 1 13  ? -4.911  4.730   7.731   1.00 4.95  ? 41   PHE A N   1 
ATOM   90   C  CA  . PHE A 1 13  ? -5.678  4.405   8.931   1.00 5.00  ? 41   PHE A CA  1 
ATOM   91   C  C   . PHE A 1 13  ? -5.066  4.982   10.203  1.00 5.08  ? 41   PHE A C   1 
ATOM   92   O  O   . PHE A 1 13  ? -5.757  5.099   11.213  1.00 5.36  ? 41   PHE A O   1 
ATOM   93   C  CB  . PHE A 1 13  ? -5.823  2.893   9.117   1.00 5.02  ? 41   PHE A CB  1 
ATOM   94   C  CG  . PHE A 1 13  ? -6.871  2.240   8.252   1.00 5.08  ? 41   PHE A CG  1 
ATOM   95   C  CD1 . PHE A 1 13  ? -8.047  2.897   7.873   1.00 5.10  ? 41   PHE A CD1 1 
ATOM   96   C  CD2 . PHE A 1 13  ? -6.688  0.916   7.844   1.00 5.13  ? 41   PHE A CD2 1 
ATOM   97   C  CE1 . PHE A 1 13  ? -9.007  2.244   7.094   1.00 5.16  ? 41   PHE A CE1 1 
ATOM   98   C  CE2 . PHE A 1 13  ? -7.637  0.263   7.074   1.00 5.19  ? 41   PHE A CE2 1 
ATOM   99   C  CZ  . PHE A 1 13  ? -8.795  0.929   6.697   1.00 5.10  ? 41   PHE A CZ  1 
ATOM   100  N  N   . GLY A 1 14  ? -3.792  5.368   10.143  1.00 5.11  ? 42   GLY A N   1 
ATOM   101  C  CA  . GLY A 1 14  ? -3.116  6.038   11.254  1.00 5.38  ? 42   GLY A CA  1 
ATOM   102  C  C   . GLY A 1 14  ? -3.481  7.505   11.431  1.00 5.47  ? 42   GLY A C   1 
ATOM   103  O  O   . GLY A 1 14  ? -3.180  8.096   12.476  1.00 5.56  ? 42   GLY A O   1 
ATOM   104  N  N   . SER A 1 15  ? -4.111  8.086   10.412  1.00 5.59  ? 43   SER A N   1 
ATOM   105  C  CA  . SER A 1 15  ? -4.515  9.498   10.437  1.00 5.90  ? 43   SER A CA  1 
ATOM   106  C  C   . SER A 1 15  ? -5.965  9.692   10.875  1.00 6.24  ? 43   SER A C   1 
ATOM   107  O  O   . SER A 1 15  ? -6.765  8.757   10.851  1.00 6.20  ? 43   SER A O   1 
ATOM   108  C  CB  . SER A 1 15  ? -4.282  10.143  9.061   1.00 5.88  ? 43   SER A CB  1 
ATOM   109  O  OG  . SER A 1 15  ? -5.268  9.740   8.131   1.00 5.87  ? 43   SER A OG  1 
ATOM   110  N  N   . SER A 1 16  ? -6.309  10.925  11.253  1.00 6.67  ? 44   SER A N   1 
ATOM   111  C  CA  . SER A 1 16  ? -7.699  11.221  11.617  1.00 6.89  ? 44   SER A CA  1 
ATOM   112  C  C   . SER A 1 16  ? -8.699  10.979  10.469  1.00 6.89  ? 44   SER A C   1 
ATOM   113  O  O   . SER A 1 16  ? -9.812  10.504  10.705  1.00 6.89  ? 44   SER A O   1 
ATOM   114  C  CB  . SER A 1 16  ? -7.833  12.638  12.196  1.00 7.36  ? 44   SER A CB  1 
ATOM   115  O  OG  . SER A 1 16  ? -7.355  13.600  11.282  1.00 8.00  ? 44   SER A OG  1 
ATOM   116  N  N   . ALA A 1 17  ? -8.298  11.266  9.227   1.00 6.88  ? 45   ALA A N   1 
ATOM   117  C  CA  . ALA A 1 17  ? -9.154  10.984  8.067   1.00 7.04  ? 45   ALA A CA  1 
ATOM   118  C  C   . ALA A 1 17  ? -9.444  9.489   7.963   1.00 7.05  ? 45   ALA A C   1 
ATOM   119  O  O   . ALA A 1 17  ? -10.530 9.070   7.529   1.00 7.36  ? 45   ALA A O   1 
ATOM   120  C  CB  . ALA A 1 17  ? -8.537  11.506  6.780   1.00 7.20  ? 45   ALA A CB  1 
ATOM   121  N  N   . GLY A 1 18  ? -8.462  8.691   8.383   1.00 6.99  ? 46   GLY A N   1 
ATOM   122  C  CA  . GLY A 1 18  ? -8.589  7.239   8.425   1.00 7.04  ? 46   GLY A CA  1 
ATOM   123  C  C   . GLY A 1 18  ? -9.199  6.682   9.703   1.00 7.14  ? 46   GLY A C   1 
ATOM   124  O  O   . GLY A 1 18  ? -9.248  5.463   9.881   1.00 7.45  ? 46   GLY A O   1 
ATOM   125  N  N   . GLY A 1 19  ? -9.677  7.559   10.589  1.00 6.95  ? 47   GLY A N   1 
ATOM   126  C  CA  . GLY A 1 19  ? -10.349 7.141   11.818  1.00 7.04  ? 47   GLY A CA  1 
ATOM   127  C  C   . GLY A 1 19  ? -9.432  6.727   12.951  1.00 6.96  ? 47   GLY A C   1 
ATOM   128  O  O   . GLY A 1 19  ? -9.904  6.218   13.969  1.00 7.15  ? 47   GLY A O   1 
ATOM   129  N  N   . ASN A 1 20  ? -8.124  6.947   12.803  1.00 6.91  ? 48   ASN A N   1 
ATOM   130  C  CA  . ASN A 1 20  ? -7.162  6.456   13.806  1.00 6.98  ? 48   ASN A CA  1 
ATOM   131  C  C   . ASN A 1 20  ? -7.381  4.969   14.121  1.00 6.93  ? 48   ASN A C   1 
ATOM   132  O  O   . ASN A 1 20  ? -7.302  4.551   15.277  1.00 6.88  ? 48   ASN A O   1 
ATOM   133  C  CB  . ASN A 1 20  ? -7.239  7.283   15.104  1.00 7.35  ? 48   ASN A CB  1 
ATOM   134  C  CG  . ASN A 1 20  ? -6.903  8.747   14.883  1.00 7.61  ? 48   ASN A CG  1 
ATOM   135  O  OD1 . ASN A 1 20  ? -5.738  9.119   14.746  1.00 8.38  ? 48   ASN A OD1 1 
ATOM   136  N  ND2 . ASN A 1 20  ? -7.912  9.578   14.860  1.00 7.61  ? 48   ASN A ND2 1 
ATOM   137  N  N   . LEU A 1 21  ? -7.645  4.186   13.078  1.00 6.75  ? 49   LEU A N   1 
ATOM   138  C  CA  . LEU A 1 21  ? -7.888  2.756   13.214  1.00 6.68  ? 49   LEU A CA  1 
ATOM   139  C  C   . LEU A 1 21  ? -6.604  1.960   13.460  1.00 6.58  ? 49   LEU A C   1 
ATOM   140  O  O   . LEU A 1 21  ? -6.666  0.799   13.877  1.00 6.64  ? 49   LEU A O   1 
ATOM   141  C  CB  . LEU A 1 21  ? -8.686  2.218   12.005  1.00 6.86  ? 49   LEU A CB  1 
ATOM   142  C  CG  . LEU A 1 21  ? -10.099 2.800   11.862  1.00 6.98  ? 49   LEU A CG  1 
ATOM   143  C  CD1 . LEU A 1 21  ? -10.826 2.224   10.658  1.00 7.11  ? 49   LEU A CD1 1 
ATOM   144  C  CD2 . LEU A 1 21  ? -10.898 2.540   13.125  1.00 7.32  ? 49   LEU A CD2 1 
ATOM   145  N  N   . ASN A 1 22  ? -5.464  2.595   13.167  1.00 6.30  ? 50   ASN A N   1 
ATOM   146  C  CA  . ASN A 1 22  ? -4.138  2.115   13.573  1.00 6.18  ? 50   ASN A CA  1 
ATOM   147  C  C   . ASN A 1 22  ? -3.517  3.141   14.494  1.00 6.46  ? 50   ASN A C   1 
ATOM   148  O  O   . ASN A 1 22  ? -3.551  4.342   14.210  1.00 6.76  ? 50   ASN A O   1 
ATOM   149  C  CB  . ASN A 1 22  ? -3.223  1.886   12.359  1.00 5.88  ? 50   ASN A CB  1 
ATOM   150  C  CG  . ASN A 1 22  ? -3.648  0.687   11.526  1.00 5.62  ? 50   ASN A CG  1 
ATOM   151  O  OD1 . ASN A 1 22  ? -4.231  -0.274  12.043  1.00 5.55  ? 50   ASN A OD1 1 
ATOM   152  N  ND2 . ASN A 1 22  ? -3.343  0.730   10.229  1.00 5.48  ? 50   ASN A ND2 1 
ATOM   153  N  N   . THR A 1 23  ? -2.974  2.672   15.609  1.00 6.67  ? 51   THR A N   1 
ATOM   154  C  CA  . THR A 1 23  ? -2.280  3.553   16.544  1.00 6.73  ? 51   THR A CA  1 
ATOM   155  C  C   . THR A 1 23  ? -0.774  3.398   16.356  1.00 6.78  ? 51   THR A C   1 
ATOM   156  O  O   . THR A 1 23  ? -0.311  2.407   15.768  1.00 6.78  ? 51   THR A O   1 
ATOM   157  C  CB  . THR A 1 23  ? -2.642  3.240   18.022  1.00 6.96  ? 51   THR A CB  1 
ATOM   158  O  OG1 . THR A 1 23  ? -1.901  2.103   18.470  1.00 7.17  ? 51   THR A OG1 1 
ATOM   159  C  CG2 . THR A 1 23  ? -4.146  2.957   18.192  1.00 7.33  ? 51   THR A CG2 1 
ATOM   160  N  N   . ASN A 1 24  ? -0.017  4.369   16.862  1.00 6.90  ? 52   ASN A N   1 
ATOM   161  C  CA  . ASN A 1 24  ? 1.455   4.296   16.923  1.00 6.93  ? 52   ASN A CA  1 
ATOM   162  C  C   . ASN A 1 24  ? 2.085   4.044   15.558  1.00 6.77  ? 52   ASN A C   1 
ATOM   163  O  O   . ASN A 1 24  ? 2.753   3.034   15.324  1.00 6.95  ? 52   ASN A O   1 
ATOM   164  C  CB  . ASN A 1 24  ? 1.891   3.267   17.968  1.00 7.47  ? 52   ASN A CB  1 
ATOM   165  C  CG  . ASN A 1 24  ? 1.528   3.698   19.374  1.00 7.84  ? 52   ASN A CG  1 
ATOM   166  O  OD1 . ASN A 1 24  ? 2.301   4.402   20.044  1.00 8.87  ? 52   ASN A OD1 1 
ATOM   167  N  ND2 . ASN A 1 24  ? 0.353   3.279   19.837  1.00 7.75  ? 52   ASN A ND2 1 
ATOM   168  N  N   . VAL A 1 25  ? 1.837   4.981   14.647  1.00 6.57  ? 53   VAL A N   1 
ATOM   169  C  CA  . VAL A 1 25  ? 2.236   4.853   13.246  1.00 6.64  ? 53   VAL A CA  1 
ATOM   170  C  C   . VAL A 1 25  ? 3.238   5.944   12.849  1.00 6.18  ? 53   VAL A C   1 
ATOM   171  O  O   . VAL A 1 25  ? 3.496   6.152   11.650  1.00 5.94  ? 53   VAL A O   1 
ATOM   172  C  CB  . VAL A 1 25  ? 1.015   4.922   12.292  1.00 7.00  ? 53   VAL A CB  1 
ATOM   173  C  CG1 . VAL A 1 25  ? 0.117   3.695   12.455  1.00 7.42  ? 53   VAL A CG1 1 
ATOM   174  C  CG2 . VAL A 1 25  ? 0.251   6.221   12.487  1.00 7.30  ? 53   VAL A CG2 1 
ATOM   175  N  N   . GLY A 1 26  ? 3.818   6.637   13.831  1.00 5.91  ? 54   GLY A N   1 
ATOM   176  C  CA  . GLY A 1 26  ? 4.828   7.650   13.520  1.00 5.59  ? 54   GLY A CA  1 
ATOM   177  C  C   . GLY A 1 26  ? 4.285   8.737   12.604  1.00 5.32  ? 54   GLY A C   1 
ATOM   178  O  O   . GLY A 1 26  ? 3.176   9.252   12.810  1.00 5.45  ? 54   GLY A O   1 
ATOM   179  N  N   . ARG A 1 27  ? 5.067   9.068   11.571  1.00 4.98  ? 55   ARG A N   1 
ATOM   180  C  CA  . ARG A 1 27  ? 4.721   10.146  10.639  1.00 4.95  ? 55   ARG A CA  1 
ATOM   181  C  C   . ARG A 1 27  ? 3.423   9.894   9.888   1.00 4.81  ? 55   ARG A C   1 
ATOM   182  O  O   . ARG A 1 27  ? 2.799   10.834  9.402   1.00 4.78  ? 55   ARG A O   1 
ATOM   183  C  CB  . ARG A 1 27  ? 5.848   10.382  9.631   1.00 4.84  ? 55   ARG A CB  1 
ATOM   184  C  CG  . ARG A 1 27  ? 7.073   11.065  10.222  1.00 4.83  ? 55   ARG A CG  1 
ATOM   185  C  CD  . ARG A 1 27  ? 8.227   11.144  9.221   1.00 4.93  ? 55   ARG A CD  1 
ATOM   186  N  NE  . ARG A 1 27  ? 7.864   11.922  8.033   1.00 4.87  ? 55   ARG A NE  1 
ATOM   187  C  CZ  . ARG A 1 27  ? 8.552   11.904  6.894   1.00 4.91  ? 55   ARG A CZ  1 
ATOM   188  N  NH1 . ARG A 1 27  ? 9.623   11.135  6.781   1.00 5.01  ? 55   ARG A NH1 1 
ATOM   189  N  NH2 . ARG A 1 27  ? 8.147   12.639  5.863   1.00 4.97  ? 55   ARG A NH2 1 
ATOM   190  N  N   . ALA A 1 28  ? 2.987   8.636   9.810   1.00 4.82  ? 56   ALA A N   1 
ATOM   191  C  CA  . ALA A 1 28  ? 1.728   8.339   9.126   1.00 4.84  ? 56   ALA A CA  1 
ATOM   192  C  C   . ALA A 1 28  ? 0.483   8.948   9.803   1.00 4.86  ? 56   ALA A C   1 
ATOM   193  O  O   . ALA A 1 28  ? -0.561  9.117   9.167   1.00 4.96  ? 56   ALA A O   1 
ATOM   194  C  CB  . ALA A 1 28  ? 1.560   6.841   8.911   1.00 4.73  ? 56   ALA A CB  1 
ATOM   195  N  N   . GLN A 1 29  ? 0.584   9.288   11.091  1.00 5.05  ? 57   GLN A N   1 
ATOM   196  C  CA  . GLN A 1 29  ? -0.522  9.981   11.740  1.00 5.15  ? 57   GLN A CA  1 
ATOM   197  C  C   . GLN A 1 29  ? -0.866  11.289  11.029  1.00 5.13  ? 57   GLN A C   1 
ATOM   198  O  O   . GLN A 1 29  ? -2.037  11.649  10.915  1.00 5.40  ? 57   GLN A O   1 
ATOM   199  C  CB  . GLN A 1 29  ? -0.243  10.255  13.217  1.00 5.44  ? 57   GLN A CB  1 
ATOM   200  C  CG  . GLN A 1 29  ? -1.456  10.880  13.910  1.00 5.69  ? 57   GLN A CG  1 
ATOM   201  C  CD  . GLN A 1 29  ? -1.332  11.026  15.413  1.00 5.93  ? 57   GLN A CD  1 
ATOM   202  O  OE1 . GLN A 1 29  ? -0.278  10.800  16.005  1.00 6.39  ? 57   GLN A OE1 1 
ATOM   203  N  NE2 . GLN A 1 29  ? -2.440  11.398  16.047  1.00 6.08  ? 57   GLN A NE2 1 
ATOM   204  N  N   . TRP A 1 30  ? 0.166   11.975  10.544  1.00 5.07  ? 58   TRP A N   1 
ATOM   205  C  CA  . TRP A 1 30  ? -0.006  13.324  10.014  1.00 4.93  ? 58   TRP A CA  1 
ATOM   206  C  C   . TRP A 1 30  ? 0.236   13.453  8.540   1.00 4.77  ? 58   TRP A C   1 
ATOM   207  O  O   . TRP A 1 30  ? -0.316  14.355  7.901   1.00 4.88  ? 58   TRP A O   1 
ATOM   208  C  CB  . TRP A 1 30  ? 0.917   14.289  10.730  1.00 4.97  ? 58   TRP A CB  1 
ATOM   209  C  CG  . TRP A 1 30  ? 0.874   14.181  12.242  1.00 5.03  ? 58   TRP A CG  1 
ATOM   210  C  CD1 . TRP A 1 30  ? 1.899   13.777  13.084  1.00 5.07  ? 58   TRP A CD1 1 
ATOM   211  C  CD2 . TRP A 1 30  ? -0.263  14.471  13.122  1.00 5.07  ? 58   TRP A CD2 1 
ATOM   212  N  NE1 . TRP A 1 30  ? 1.495   13.812  14.398  1.00 5.24  ? 58   TRP A NE1 1 
ATOM   213  C  CE2 . TRP A 1 30  ? 0.201   14.206  14.487  1.00 5.06  ? 58   TRP A CE2 1 
ATOM   214  C  CE3 . TRP A 1 30  ? -1.573  14.904  12.920  1.00 5.04  ? 58   TRP A CE3 1 
ATOM   215  C  CZ2 . TRP A 1 30  ? -0.635  14.381  15.594  1.00 5.14  ? 58   TRP A CZ2 1 
ATOM   216  C  CZ3 . TRP A 1 30  ? -2.401  15.071  14.038  1.00 5.17  ? 58   TRP A CZ3 1 
ATOM   217  C  CH2 . TRP A 1 30  ? -1.932  14.821  15.345  1.00 5.20  ? 58   TRP A CH2 1 
ATOM   218  N  N   . GLU A 1 31  ? 1.055   12.570  7.979   1.00 4.58  ? 59   GLU A N   1 
ATOM   219  C  CA  . GLU A 1 31  ? 1.392   12.632  6.557   1.00 4.37  ? 59   GLU A CA  1 
ATOM   220  C  C   . GLU A 1 31  ? 1.491   11.238  5.913   1.00 4.21  ? 59   GLU A C   1 
ATOM   221  O  O   . GLU A 1 31  ? 2.566   10.840  5.426   1.00 4.21  ? 59   GLU A O   1 
ATOM   222  C  CB  . GLU A 1 31  ? 2.669   13.466  6.344   1.00 4.36  ? 59   GLU A CB  1 
ATOM   223  C  CG  . GLU A 1 31  ? 3.864   13.023  7.192   1.00 4.34  ? 59   GLU A CG  1 
ATOM   224  C  CD  . GLU A 1 31  ? 5.170   13.758  6.906   1.00 4.31  ? 59   GLU A CD  1 
ATOM   225  O  OE1 . GLU A 1 31  ? 5.484   14.112  5.747   1.00 4.28  ? 59   GLU A OE1 1 
ATOM   226  O  OE2 . GLU A 1 31  ? 5.914   13.951  7.885   1.00 4.39  ? 59   GLU A OE2 1 
ATOM   227  N  N   . PRO A 1 32  ? 0.361   10.501  5.886   1.00 4.08  ? 60   PRO A N   1 
ATOM   228  C  CA  . PRO A 1 32  ? 0.392   9.186   5.242   1.00 3.96  ? 60   PRO A CA  1 
ATOM   229  C  C   . PRO A 1 32  ? 0.720   9.259   3.748   1.00 3.86  ? 60   PRO A C   1 
ATOM   230  O  O   . PRO A 1 32  ? 1.017   8.223   3.158   1.00 3.80  ? 60   PRO A O   1 
ATOM   231  C  CB  . PRO A 1 32  ? -1.033  8.653   5.463   1.00 4.02  ? 60   PRO A CB  1 
ATOM   232  C  CG  . PRO A 1 32  ? -1.877  9.888   5.621   1.00 4.00  ? 60   PRO A CG  1 
ATOM   233  C  CD  . PRO A 1 32  ? -0.991  10.830  6.390   1.00 4.09  ? 60   PRO A CD  1 
ATOM   234  N  N   . GLN A 1 33  ? 0.676   10.468  3.170   1.00 3.79  ? 61   GLN A N   1 
ATOM   235  C  CA  . GLN A 1 33  ? 1.025   10.713  1.755   1.00 3.78  ? 61   GLN A CA  1 
ATOM   236  C  C   . GLN A 1 33  ? 2.531   10.720  1.470   1.00 3.77  ? 61   GLN A C   1 
ATOM   237  O  O   . GLN A 1 33  ? 2.910   10.827  0.309   1.00 3.77  ? 61   GLN A O   1 
ATOM   238  C  CB  . GLN A 1 33  ? 0.462   12.090  1.311   1.00 3.81  ? 61   GLN A CB  1 
ATOM   239  C  CG  . GLN A 1 33  ? 1.085   13.292  2.048   1.00 3.96  ? 61   GLN A CG  1 
ATOM   240  C  CD  . GLN A 1 33  ? 0.234   13.784  3.216   1.00 3.97  ? 61   GLN A CD  1 
ATOM   241  O  OE1 . GLN A 1 33  ? -0.396  12.994  3.935   1.00 4.19  ? 61   GLN A OE1 1 
ATOM   242  N  NE2 . GLN A 1 33  ? 0.214   15.107  3.417   1.00 4.10  ? 61   GLN A NE2 1 
ATOM   243  N  N   . SER A 1 34  ? 3.378   10.634  2.500   1.00 3.77  ? 62   SER A N   1 
ATOM   244  C  CA  . SER A 1 34  ? 4.805   10.954  2.315   1.00 3.82  ? 62   SER A CA  1 
ATOM   245  C  C   . SER A 1 34  ? 5.769   9.767   2.281   1.00 4.00  ? 62   SER A C   1 
ATOM   246  O  O   . SER A 1 34  ? 6.960   9.938   2.511   1.00 4.04  ? 62   SER A O   1 
ATOM   247  C  CB  . SER A 1 34  ? 5.244   11.937  3.405   1.00 3.74  ? 62   SER A CB  1 
ATOM   248  O  OG  . SER A 1 34  ? 4.430   13.090  3.360   1.00 3.69  ? 62   SER A OG  1 
ATOM   249  N  N   . ILE A 1 35  ? 5.271   8.573   1.960   1.00 4.15  ? 63   ILE A N   1 
ATOM   250  C  CA  . ILE A 1 35  ? 6.126   7.381   1.943   1.00 4.51  ? 63   ILE A CA  1 
ATOM   251  C  C   . ILE A 1 35  ? 6.778   7.228   0.565   1.00 4.80  ? 63   ILE A C   1 
ATOM   252  O  O   . ILE A 1 35  ? 6.345   6.448   -0.288  1.00 4.81  ? 63   ILE A O   1 
ATOM   253  C  CB  . ILE A 1 35  ? 5.344   6.133   2.389   1.00 4.41  ? 63   ILE A CB  1 
ATOM   254  C  CG1 . ILE A 1 35  ? 4.658   6.402   3.742   1.00 4.42  ? 63   ILE A CG1 1 
ATOM   255  C  CG2 . ILE A 1 35  ? 6.268   4.930   2.518   1.00 4.50  ? 63   ILE A CG2 1 
ATOM   256  C  CD1 . ILE A 1 35  ? 3.885   5.224   4.303   1.00 4.46  ? 63   ILE A CD1 1 
ATOM   257  N  N   . GLU A 1 36  ? 7.817   8.032   0.354   1.00 5.27  ? 64   GLU A N   1 
ATOM   258  C  CA  . GLU A 1 36  ? 8.491   8.170   -0.939  1.00 5.81  ? 64   GLU A CA  1 
ATOM   259  C  C   . GLU A 1 36  ? 9.878   7.577   -0.840  1.00 5.89  ? 64   GLU A C   1 
ATOM   260  O  O   . GLU A 1 36  ? 10.635  7.889   0.085   1.00 5.93  ? 64   GLU A O   1 
ATOM   261  C  CB  . GLU A 1 36  ? 8.610   9.646   -1.318  1.00 6.51  ? 64   GLU A CB  1 
ATOM   262  C  CG  . GLU A 1 36  ? 9.293   9.857   -2.666  1.00 7.20  ? 64   GLU A CG  1 
ATOM   263  C  CD  . GLU A 1 36  ? 9.438   11.317  -3.072  1.00 8.13  ? 64   GLU A CD  1 
ATOM   264  O  OE1 . GLU A 1 36  ? 9.018   12.211  -2.314  1.00 9.30  ? 64   GLU A OE1 1 
ATOM   265  O  OE2 . GLU A 1 36  ? 9.979   11.570  -4.175  0.75 8.29  ? 64   GLU A OE2 1 
ATOM   266  N  N   . ALA A 1 37  ? 10.210  6.725   -1.799  1.00 5.91  ? 65   ALA A N   1 
ATOM   267  C  CA  . ALA A 1 37  ? 11.537  6.109   -1.878  1.00 6.16  ? 65   ALA A CA  1 
ATOM   268  C  C   . ALA A 1 37  ? 11.860  5.824   -3.349  1.00 6.30  ? 65   ALA A C   1 
ATOM   269  O  O   . ALA A 1 37  ? 10.957  5.812   -4.183  1.00 6.13  ? 65   ALA A O   1 
ATOM   270  C  CB  . ALA A 1 37  ? 11.568  4.820   -1.067  1.00 6.18  ? 65   ALA A CB  1 
ATOM   271  N  N   . PRO A 1 38  ? 13.147  5.587   -3.676  1.00 6.39  ? 66   PRO A N   1 
ATOM   272  C  CA  . PRO A 1 38  ? 13.447  5.226   -5.058  1.00 6.55  ? 66   PRO A CA  1 
ATOM   273  C  C   . PRO A 1 38  ? 12.627  4.032   -5.547  1.00 6.74  ? 66   PRO A C   1 
ATOM   274  O  O   . PRO A 1 38  ? 12.250  3.165   -4.750  1.00 6.65  ? 66   PRO A O   1 
ATOM   275  C  CB  . PRO A 1 38  ? 14.946  4.880   -5.003  1.00 6.59  ? 66   PRO A CB  1 
ATOM   276  C  CG  . PRO A 1 38  ? 15.465  5.771   -3.926  1.00 6.62  ? 66   PRO A CG  1 
ATOM   277  C  CD  . PRO A 1 38  ? 14.379  5.743   -2.876  1.00 6.53  ? 66   PRO A CD  1 
ATOM   278  N  N   . LYS A 1 39  ? 12.340  4.002   -6.845  1.00 7.01  ? 67   LYS A N   1 
ATOM   279  C  CA  A LYS A 1 39  ? 11.680  2.847   -7.443  0.50 7.19  ? 67   LYS A CA  1 
ATOM   280  C  CA  B LYS A 1 39  ? 11.685  2.849   -7.454  0.50 7.37  ? 67   LYS A CA  1 
ATOM   281  C  C   . LYS A 1 39  ? 12.453  1.565   -7.144  1.00 7.57  ? 67   LYS A C   1 
ATOM   282  O  O   . LYS A 1 39  ? 13.673  1.589   -6.952  1.00 8.09  ? 67   LYS A O   1 
ATOM   283  C  CB  A LYS A 1 39  ? 11.536  3.012   -8.954  0.50 7.01  ? 67   LYS A CB  1 
ATOM   284  C  CB  B LYS A 1 39  ? 11.573  3.025   -8.970  0.50 7.45  ? 67   LYS A CB  1 
ATOM   285  C  CG  A LYS A 1 39  ? 10.564  4.098   -9.368  0.50 6.89  ? 67   LYS A CG  1 
ATOM   286  C  CG  B LYS A 1 39  ? 10.622  4.128   -9.399  0.50 7.65  ? 67   LYS A CG  1 
ATOM   287  C  CD  A LYS A 1 39  ? 10.401  4.143   -10.877 0.50 6.79  ? 67   LYS A CD  1 
ATOM   288  C  CD  B LYS A 1 39  ? 10.873  4.567   -10.834 0.50 7.88  ? 67   LYS A CD  1 
ATOM   289  C  CE  A LYS A 1 39  ? 9.452   5.262   -11.274 0.50 6.71  ? 67   LYS A CE  1 
ATOM   290  C  CE  B LYS A 1 39  ? 9.901   5.670   -11.222 0.50 8.04  ? 67   LYS A CE  1 
ATOM   291  N  NZ  A LYS A 1 39  ? 10.020  6.590   -10.908 0.50 6.58  ? 67   LYS A NZ  1 
ATOM   292  N  NZ  B LYS A 1 39  ? 10.215  6.300   -12.536 0.50 8.23  ? 67   LYS A NZ  1 
ATOM   293  N  N   . ASN A 1 40  ? 11.724  0.457   -7.082  1.00 8.15  ? 68   ASN A N   1 
ATOM   294  C  CA  . ASN A 1 40  ? 12.314  -0.868  -6.846  1.00 8.85  ? 68   ASN A CA  1 
ATOM   295  C  C   . ASN A 1 40  ? 13.053  -0.994  -5.517  1.00 8.75  ? 68   ASN A C   1 
ATOM   296  O  O   . ASN A 1 40  ? 14.028  -1.748  -5.392  1.00 9.25  ? 68   ASN A O   1 
ATOM   297  C  CB  . ASN A 1 40  ? 13.211  -1.256  -8.029  1.00 9.86  ? 68   ASN A CB  1 
ATOM   298  C  CG  . ASN A 1 40  ? 12.470  -1.219  -9.354  1.00 10.85 ? 68   ASN A CG  1 
ATOM   299  O  OD1 . ASN A 1 40  ? 12.963  -0.658  -10.336 0.50 11.76 ? 68   ASN A OD1 1 
ATOM   300  N  ND2 . ASN A 1 40  ? 11.282  -1.811  -9.390  1.00 11.97 ? 68   ASN A ND2 1 
ATOM   301  N  N   . THR A 1 41  ? 12.589  -0.244  -4.521  1.00 8.23  ? 69   THR A N   1 
ATOM   302  C  CA  . THR A 1 41  ? 13.057  -0.430  -3.144  1.00 8.17  ? 69   THR A CA  1 
ATOM   303  C  C   . THR A 1 41  ? 12.126  -1.445  -2.511  1.00 8.24  ? 69   THR A C   1 
ATOM   304  O  O   . THR A 1 41  ? 10.951  -1.173  -2.321  1.00 8.29  ? 69   THR A O   1 
ATOM   305  C  CB  . THR A 1 41  ? 13.055  0.890   -2.344  1.00 8.03  ? 69   THR A CB  1 
ATOM   306  O  OG1 . THR A 1 41  ? 13.867  1.856   -3.020  1.00 8.09  ? 69   THR A OG1 1 
ATOM   307  C  CG2 . THR A 1 41  ? 13.607  0.691   -0.914  1.00 7.96  ? 69   THR A CG2 1 
ATOM   308  N  N   . PHE A 1 42  ? 12.656  -2.629  -2.217  1.00 8.31  ? 70   PHE A N   1 
ATOM   309  C  CA  . PHE A 1 42  ? 11.859  -3.694  -1.622  1.00 8.50  ? 70   PHE A CA  1 
ATOM   310  C  C   . PHE A 1 42  ? 12.681  -4.397  -0.540  1.00 8.43  ? 70   PHE A C   1 
ATOM   311  O  O   . PHE A 1 42  ? 13.026  -5.574  -0.664  1.00 9.04  ? 70   PHE A O   1 
ATOM   312  C  CB  . PHE A 1 42  ? 11.422  -4.707  -2.693  1.00 8.79  ? 70   PHE A CB  1 
ATOM   313  C  CG  . PHE A 1 42  ? 10.494  -4.156  -3.743  1.00 9.26  ? 70   PHE A CG  1 
ATOM   314  C  CD1 . PHE A 1 42  ? 9.168   -3.849  -3.442  1.00 9.34  ? 70   PHE A CD1 1 
ATOM   315  C  CD2 . PHE A 1 42  ? 10.928  -3.995  -5.055  1.00 9.71  ? 70   PHE A CD2 1 
ATOM   316  C  CE1 . PHE A 1 42  ? 8.297   -3.365  -4.419  1.00 9.44  ? 70   PHE A CE1 1 
ATOM   317  C  CE2 . PHE A 1 42  ? 10.069  -3.505  -6.033  1.00 9.86  ? 70   PHE A CE2 1 
ATOM   318  C  CZ  . PHE A 1 42  ? 8.755   -3.180  -5.716  1.00 9.76  ? 70   PHE A CZ  1 
ATOM   319  N  N   . ILE A 1 43  ? 12.995  -3.684  0.529   1.00 8.21  ? 71   ILE A N   1 
ATOM   320  C  CA  . ILE A 1 43  ? 13.817  -4.251  1.593   1.00 8.10  ? 71   ILE A CA  1 
ATOM   321  C  C   . ILE A 1 43  ? 12.935  -5.027  2.554   1.00 7.70  ? 71   ILE A C   1 
ATOM   322  O  O   . ILE A 1 43  ? 11.937  -4.503  3.058   1.00 7.07  ? 71   ILE A O   1 
ATOM   323  C  CB  . ILE A 1 43  ? 14.644  -3.161  2.298   1.00 8.55  ? 71   ILE A CB  1 
ATOM   324  C  CG1 . ILE A 1 43  ? 15.569  -2.505  1.267   1.00 8.87  ? 71   ILE A CG1 1 
ATOM   325  C  CG2 . ILE A 1 43  ? 15.445  -3.761  3.456   1.00 8.42  ? 71   ILE A CG2 1 
ATOM   326  C  CD1 . ILE A 1 43  ? 16.392  -1.345  1.783   0.50 8.80  ? 71   ILE A CD1 1 
ATOM   327  N  N   . THR A 1 44  ? 13.286  -6.293  2.778   1.00 7.46  ? 72   THR A N   1 
ATOM   328  C  CA  . THR A 1 44  ? 12.498  -7.158  3.646   1.00 7.33  ? 72   THR A CA  1 
ATOM   329  C  C   . THR A 1 44  ? 12.384  -6.539  5.025   1.00 7.18  ? 72   THR A C   1 
ATOM   330  O  O   . THR A 1 44  ? 13.365  -6.053  5.574   1.00 7.49  ? 72   THR A O   1 
ATOM   331  C  CB  . THR A 1 44  ? 13.109  -8.563  3.700   1.00 7.33  ? 72   THR A CB  1 
ATOM   332  O  OG1 . THR A 1 44  ? 12.967  -9.152  2.405   1.00 7.71  ? 72   THR A OG1 1 
ATOM   333  C  CG2 . THR A 1 44  ? 12.428  -9.437  4.752   1.00 7.37  ? 72   THR A CG2 1 
ATOM   334  N  N   . GLY A 1 45  ? 11.155  -6.516  5.546   1.00 6.87  ? 73   GLY A N   1 
ATOM   335  C  CA  . GLY A 1 45  ? 10.854  -5.892  6.829   1.00 7.06  ? 73   GLY A CA  1 
ATOM   336  C  C   . GLY A 1 45  ? 10.755  -4.376  6.788   1.00 6.94  ? 73   GLY A C   1 
ATOM   337  O  O   . GLY A 1 45  ? 10.559  -3.750  7.831   1.00 7.54  ? 73   GLY A O   1 
ATOM   338  N  N   . LYS A 1 46  ? 10.903  -3.781  5.605   1.00 6.93  ? 74   LYS A N   1 
ATOM   339  C  CA  . LYS A 1 46  ? 10.849  -2.318  5.456   1.00 6.75  ? 74   LYS A CA  1 
ATOM   340  C  C   . LYS A 1 46  ? 9.918   -1.938  4.306   1.00 6.15  ? 74   LYS A C   1 
ATOM   341  O  O   . LYS A 1 46  ? 10.026  -0.853  3.749   1.00 6.32  ? 74   LYS A O   1 
ATOM   342  C  CB  . LYS A 1 46  ? 12.248  -1.726  5.212   1.00 7.29  ? 74   LYS A CB  1 
ATOM   343  C  CG  . LYS A 1 46  ? 13.314  -2.135  6.223   1.00 8.21  ? 74   LYS A CG  1 
ATOM   344  C  CD  . LYS A 1 46  ? 13.624  -1.001  7.180   1.00 8.60  ? 74   LYS A CD  1 
ATOM   345  C  CE  . LYS A 1 46  ? 14.830  -1.314  8.044   1.00 8.89  ? 74   LYS A CE  1 
ATOM   346  N  NZ  . LYS A 1 46  ? 14.515  -2.313  9.101   0.50 8.72  ? 74   LYS A NZ  1 
ATOM   347  N  N   . LEU A 1 47  ? 9.006   -2.836  3.942   1.00 5.64  ? 75   LEU A N   1 
ATOM   348  C  CA  . LEU A 1 47  ? 8.046   -2.520  2.858   1.00 5.37  ? 75   LEU A CA  1 
ATOM   349  C  C   . LEU A 1 47  ? 7.032   -1.460  3.264   1.00 5.14  ? 75   LEU A C   1 
ATOM   350  O  O   . LEU A 1 47  ? 6.784   -0.507  2.524   1.00 4.92  ? 75   LEU A O   1 
ATOM   351  C  CB  . LEU A 1 47  ? 7.301   -3.778  2.371   1.00 5.42  ? 75   LEU A CB  1 
ATOM   352  C  CG  . LEU A 1 47  ? 8.104   -4.932  1.761   1.00 5.57  ? 75   LEU A CG  1 
ATOM   353  C  CD1 . LEU A 1 47  ? 7.134   -5.853  1.042   1.00 5.64  ? 75   LEU A CD1 1 
ATOM   354  C  CD2 . LEU A 1 47  ? 9.178   -4.420  0.809   1.00 5.73  ? 75   LEU A CD2 1 
ATOM   355  N  N   . ALA A 1 48  ? 6.437   -1.620  4.437   1.00 4.99  ? 76   ALA A N   1 
ATOM   356  C  CA  . ALA A 1 48  ? 5.417   -0.674  4.845   1.00 4.84  ? 76   ALA A CA  1 
ATOM   357  C  C   . ALA A 1 48  ? 5.949   0.751   5.016   1.00 4.85  ? 76   ALA A C   1 
ATOM   358  O  O   . ALA A 1 48  ? 5.250   1.718   4.718   1.00 4.67  ? 76   ALA A O   1 
ATOM   359  C  CB  . ALA A 1 48  ? 4.727   -1.153  6.119   1.00 4.91  ? 76   ALA A CB  1 
ATOM   360  N  N   . SER A 1 49  ? 7.177   0.886   5.504   1.00 4.71  ? 77   SER A N   1 
ATOM   361  C  CA  . SER A 1 49  ? 7.774   2.214   5.689   1.00 4.66  ? 77   SER A CA  1 
ATOM   362  C  C   . SER A 1 49  ? 8.592   2.678   4.471   1.00 4.74  ? 77   SER A C   1 
ATOM   363  O  O   . SER A 1 49  ? 9.031   3.831   4.437   1.00 4.75  ? 77   SER A O   1 
ATOM   364  C  CB  . SER A 1 49  ? 8.693   2.200   6.914   1.00 4.59  ? 77   SER A CB  1 
ATOM   365  O  OG  . SER A 1 49  ? 9.899   1.471   6.623   1.00 4.46  ? 77   SER A OG  1 
ATOM   366  N  N   . ALA A 1 50  ? 8.802   1.787   3.501   1.00 4.85  ? 78   ALA A N   1 
ATOM   367  C  CA  . ALA A 1 50  ? 9.756   2.010   2.386   1.00 5.03  ? 78   ALA A CA  1 
ATOM   368  C  C   . ALA A 1 50  ? 11.141  2.448   2.875   1.00 5.22  ? 78   ALA A C   1 
ATOM   369  O  O   . ALA A 1 50  ? 11.883  3.086   2.126   1.00 5.18  ? 78   ALA A O   1 
ATOM   370  C  CB  . ALA A 1 50  ? 9.205   3.016   1.380   1.00 5.01  ? 78   ALA A CB  1 
ATOM   371  N  N   . GLY A 1 51  ? 11.473  2.115   4.124   1.00 5.43  ? 79   GLY A N   1 
ATOM   372  C  CA  . GLY A 1 51  ? 12.759  2.509   4.726   1.00 5.86  ? 79   GLY A CA  1 
ATOM   373  C  C   . GLY A 1 51  ? 12.842  3.969   5.154   1.00 6.19  ? 79   GLY A C   1 
ATOM   374  O  O   . GLY A 1 51  ? 13.914  4.446   5.566   1.00 6.40  ? 79   GLY A O   1 
ATOM   375  N  N   . VAL A 1 52  ? 11.721  4.687   5.060   1.00 6.26  ? 80   VAL A N   1 
ATOM   376  C  CA  . VAL A 1 52  ? 11.716  6.125   5.286   1.00 6.76  ? 80   VAL A CA  1 
ATOM   377  C  C   . VAL A 1 52  ? 11.745  6.471   6.769   1.00 7.05  ? 80   VAL A C   1 
ATOM   378  O  O   . VAL A 1 52  ? 10.964  5.927   7.563   1.00 6.84  ? 80   VAL A O   1 
ATOM   379  C  CB  . VAL A 1 52  ? 10.514  6.808   4.589   1.00 6.55  ? 80   VAL A CB  1 
ATOM   380  C  CG1 . VAL A 1 52  ? 10.513  8.310   4.852   1.00 6.71  ? 80   VAL A CG1 1 
ATOM   381  C  CG2 . VAL A 1 52  ? 10.514  6.534   3.090   1.00 6.74  ? 80   VAL A CG2 1 
ATOM   382  N  N   . SER A 1 53  ? 12.641  7.397   7.119   1.00 7.84  ? 81   SER A N   1 
ATOM   383  C  CA  A SER A 1 53  ? 12.776  7.933   8.479   0.70 7.91  ? 81   SER A CA  1 
ATOM   384  C  CA  B SER A 1 53  ? 12.778  7.870   8.493   0.30 7.77  ? 81   SER A CA  1 
ATOM   385  C  C   . SER A 1 53  ? 11.438  8.354   9.054   1.00 7.62  ? 81   SER A C   1 
ATOM   386  O  O   . SER A 1 53  ? 10.701  9.088   8.399   1.00 7.91  ? 81   SER A O   1 
ATOM   387  C  CB  A SER A 1 53  ? 13.674  9.180   8.456   0.70 8.51  ? 81   SER A CB  1 
ATOM   388  C  CB  B SER A 1 53  ? 13.821  8.990   8.564   0.30 8.21  ? 81   SER A CB  1 
ATOM   389  O  OG  A SER A 1 53  ? 13.040  10.270  7.779   0.70 9.06  ? 81   SER A OG  1 
ATOM   390  O  OG  B SER A 1 53  ? 14.087  9.372   9.901   0.30 8.60  ? 81   SER A OG  1 
ATOM   391  N  N   . GLY A 1 54  ? 11.121  7.903   10.267  1.00 7.11  ? 82   GLY A N   1 
ATOM   392  C  CA  . GLY A 1 54  ? 9.893   8.323   10.932  1.00 6.74  ? 82   GLY A CA  1 
ATOM   393  C  C   . GLY A 1 54  ? 8.674   7.459   10.652  1.00 6.19  ? 82   GLY A C   1 
ATOM   394  O  O   . GLY A 1 54  ? 7.635   7.615   11.308  1.00 6.51  ? 82   GLY A O   1 
ATOM   395  N  N   . PHE A 1 55  ? 8.791   6.560   9.675   1.00 5.82  ? 83   PHE A N   1 
ATOM   396  C  CA  . PHE A 1 55  ? 7.696   5.635   9.358   1.00 5.46  ? 83   PHE A CA  1 
ATOM   397  C  C   . PHE A 1 55  ? 7.965   4.207   9.856   1.00 5.50  ? 83   PHE A C   1 
ATOM   398  O  O   . PHE A 1 55  ? 7.168   3.289   9.608   1.00 5.25  ? 83   PHE A O   1 
ATOM   399  C  CB  . PHE A 1 55  ? 7.409   5.621   7.849   1.00 5.29  ? 83   PHE A CB  1 
ATOM   400  C  CG  . PHE A 1 55  ? 6.710   6.855   7.330   1.00 5.08  ? 83   PHE A CG  1 
ATOM   401  C  CD1 . PHE A 1 55  ? 5.329   7.002   7.457   1.00 5.03  ? 83   PHE A CD1 1 
ATOM   402  C  CD2 . PHE A 1 55  ? 7.426   7.846   6.654   1.00 5.01  ? 83   PHE A CD2 1 
ATOM   403  C  CE1 . PHE A 1 55  ? 4.682   8.123   6.948   1.00 4.94  ? 83   PHE A CE1 1 
ATOM   404  C  CE2 . PHE A 1 55  ? 6.783   8.969   6.146   1.00 5.01  ? 83   PHE A CE2 1 
ATOM   405  C  CZ  . PHE A 1 55  ? 5.408   9.103   6.298   1.00 4.97  ? 83   PHE A CZ  1 
ATOM   406  N  N   . GLU A 1 56  ? 9.057   4.029   10.604  1.00 5.78  ? 84   GLU A N   1 
ATOM   407  C  CA  . GLU A 1 56  ? 9.434   2.699   11.128  1.00 6.02  ? 84   GLU A CA  1 
ATOM   408  C  C   . GLU A 1 56  ? 8.327   1.896   11.841  1.00 5.88  ? 84   GLU A C   1 
ATOM   409  O  O   . GLU A 1 56  ? 8.265   0.670   11.669  1.00 5.94  ? 84   GLU A O   1 
ATOM   410  C  CB  . GLU A 1 56  ? 10.661  2.786   12.060  1.00 6.35  ? 84   GLU A CB  1 
ATOM   411  C  CG  . GLU A 1 56  ? 11.898  3.441   11.440  1.00 6.92  ? 84   GLU A CG  1 
ATOM   412  C  CD  . GLU A 1 56  ? 11.898  4.950   11.611  1.00 7.23  ? 84   GLU A CD  1 
ATOM   413  O  OE1 . GLU A 1 56  ? 10.872  5.503   12.056  1.00 7.49  ? 84   GLU A OE1 1 
ATOM   414  O  OE2 . GLU A 1 56  ? 12.936  5.585   11.311  0.50 7.40  ? 84   GLU A OE2 1 
ATOM   415  N  N   . PRO A 1 57  ? 7.466   2.557   12.651  1.00 5.80  ? 85   PRO A N   1 
ATOM   416  C  CA  . PRO A 1 57  ? 6.433   1.793   13.350  1.00 5.78  ? 85   PRO A CA  1 
ATOM   417  C  C   . PRO A 1 57  ? 5.509   1.019   12.415  1.00 5.76  ? 85   PRO A C   1 
ATOM   418  O  O   . PRO A 1 57  ? 4.958   -0.002  12.813  1.00 5.94  ? 85   PRO A O   1 
ATOM   419  C  CB  . PRO A 1 57  ? 5.647   2.872   14.091  1.00 5.86  ? 85   PRO A CB  1 
ATOM   420  C  CG  . PRO A 1 57  ? 6.628   3.954   14.327  1.00 6.10  ? 85   PRO A CG  1 
ATOM   421  C  CD  . PRO A 1 57  ? 7.450   3.975   13.072  1.00 5.92  ? 85   PRO A CD  1 
ATOM   422  N  N   . LEU A 1 58  ? 5.354   1.474   11.173  1.00 5.63  ? 86   LEU A N   1 
ATOM   423  C  CA  . LEU A 1 58  ? 4.532   0.737   10.213  1.00 5.46  ? 86   LEU A CA  1 
ATOM   424  C  C   . LEU A 1 58  ? 5.058   -0.657  9.863   1.00 5.42  ? 86   LEU A C   1 
ATOM   425  O  O   . LEU A 1 58  ? 4.300   -1.498  9.364   1.00 5.23  ? 86   LEU A O   1 
ATOM   426  C  CB  . LEU A 1 58  ? 4.360   1.532   8.920   1.00 5.57  ? 86   LEU A CB  1 
ATOM   427  C  CG  . LEU A 1 58  ? 3.512   2.799   8.964   1.00 5.61  ? 86   LEU A CG  1 
ATOM   428  C  CD1 . LEU A 1 58  ? 3.616   3.464   7.608   1.00 5.77  ? 86   LEU A CD1 1 
ATOM   429  C  CD2 . LEU A 1 58  ? 2.048   2.514   9.307   1.00 5.83  ? 86   LEU A CD2 1 
ATOM   430  N  N   . ASP A 1 59  ? 6.336   -0.917  10.148  1.00 5.29  ? 87   ASP A N   1 
ATOM   431  C  CA  . ASP A 1 59  ? 6.947   -2.183  9.721   1.00 5.40  ? 87   ASP A CA  1 
ATOM   432  C  C   . ASP A 1 59  ? 6.672   -3.375  10.639  1.00 5.46  ? 87   ASP A C   1 
ATOM   433  O  O   . ASP A 1 59  ? 6.982   -4.511  10.285  1.00 5.54  ? 87   ASP A O   1 
ATOM   434  C  CB  . ASP A 1 59  ? 8.450   -2.032  9.492   1.00 5.48  ? 87   ASP A CB  1 
ATOM   435  C  CG  . ASP A 1 59  ? 8.775   -1.170  8.295   1.00 5.40  ? 87   ASP A CG  1 
ATOM   436  O  OD1 . ASP A 1 59  ? 8.101   -1.311  7.243   1.00 5.27  ? 87   ASP A OD1 1 
ATOM   437  O  OD2 . ASP A 1 59  ? 9.729   -0.373  8.407   1.00 5.44  ? 87   ASP A OD2 1 
ATOM   438  N  N   . GLU A 1 60  ? 6.086   -3.131  11.807  1.00 5.43  ? 88   GLU A N   1 
ATOM   439  C  CA  . GLU A 1 60  ? 5.729   -4.240  12.693  1.00 5.59  ? 88   GLU A CA  1 
ATOM   440  C  C   . GLU A 1 60  ? 4.782   -5.173  11.940  1.00 5.43  ? 88   GLU A C   1 
ATOM   441  O  O   . GLU A 1 60  ? 3.930   -4.723  11.166  1.00 5.42  ? 88   GLU A O   1 
ATOM   442  C  CB  . GLU A 1 60  ? 5.062   -3.721  13.966  1.00 5.86  ? 88   GLU A CB  1 
ATOM   443  C  CG  . GLU A 1 60  ? 4.759   -4.802  14.995  1.00 6.41  ? 88   GLU A CG  1 
ATOM   444  C  CD  . GLU A 1 60  ? 4.288   -4.257  16.332  1.00 6.86  ? 88   GLU A CD  1 
ATOM   445  O  OE1 . GLU A 1 60  ? 3.992   -3.045  16.439  1.00 7.08  ? 88   GLU A OE1 1 
ATOM   446  O  OE2 . GLU A 1 60  ? 4.225   -5.066  17.284  0.50 7.22  ? 88   GLU A OE2 1 
ATOM   447  N  N   . GLN A 1 61  ? 4.957   -6.472  12.135  1.00 5.25  ? 89   GLN A N   1 
ATOM   448  C  CA  . GLN A 1 61  ? 4.132   -7.424  11.406  1.00 5.29  ? 89   GLN A CA  1 
ATOM   449  C  C   . GLN A 1 61  ? 3.677   -8.566  12.303  1.00 5.41  ? 89   GLN A C   1 
ATOM   450  O  O   . GLN A 1 61  ? 4.468   -9.428  12.668  1.00 5.59  ? 89   GLN A O   1 
ATOM   451  C  CB  . GLN A 1 61  ? 4.856   -7.952  10.144  1.00 5.18  ? 89   GLN A CB  1 
ATOM   452  C  CG  . GLN A 1 61  ? 3.966   -8.785  9.223   1.00 5.26  ? 89   GLN A CG  1 
ATOM   453  C  CD  . GLN A 1 61  ? 2.721   -8.051  8.756   1.00 5.16  ? 89   GLN A CD  1 
ATOM   454  O  OE1 . GLN A 1 61  ? 2.799   -6.969  8.170   1.00 5.08  ? 89   GLN A OE1 1 
ATOM   455  N  NE2 . GLN A 1 61  ? 1.553   -8.647  9.015   1.00 5.24  ? 89   GLN A NE2 1 
ATOM   456  N  N   . THR A 1 62  ? 2.404   -8.533  12.696  1.00 5.49  ? 90   THR A N   1 
ATOM   457  C  CA  . THR A 1 62  ? 1.777   -9.669  13.379  1.00 5.65  ? 90   THR A CA  1 
ATOM   458  C  C   . THR A 1 62  ? 0.403   -9.865  12.767  1.00 5.52  ? 90   THR A C   1 
ATOM   459  O  O   . THR A 1 62  ? -0.076  -9.008  12.024  1.00 5.58  ? 90   THR A O   1 
ATOM   460  C  CB  . THR A 1 62  ? 1.584   -9.461  14.901  1.00 5.70  ? 90   THR A CB  1 
ATOM   461  O  OG1 . THR A 1 62  ? 0.449   -8.612  15.118  1.00 5.89  ? 90   THR A OG1 1 
ATOM   462  C  CG2 . THR A 1 62  ? 2.837   -8.858  15.575  1.00 5.92  ? 90   THR A CG2 1 
ATOM   463  N  N   . ALA A 1 63  ? -0.245  -10.991 13.081  1.00 5.42  ? 91   ALA A N   1 
ATOM   464  C  CA  . ALA A 1 63  ? -1.584  -11.238 12.547  1.00 5.47  ? 91   ALA A CA  1 
ATOM   465  C  C   . ALA A 1 63  ? -2.648  -10.246 13.033  1.00 5.58  ? 91   ALA A C   1 
ATOM   466  O  O   . ALA A 1 63  ? -3.642  -10.041 12.341  1.00 5.88  ? 91   ALA A O   1 
ATOM   467  C  CB  . ALA A 1 63  ? -2.018  -12.677 12.830  1.00 5.33  ? 91   ALA A CB  1 
ATOM   468  N  N   . THR A 1 64  ? -2.433  -9.642  14.211  1.00 5.57  ? 92   THR A N   1 
ATOM   469  C  CA  . THR A 1 64  ? -3.457  -8.783  14.825  1.00 5.69  ? 92   THR A CA  1 
ATOM   470  C  C   . THR A 1 64  ? -3.085  -7.316  15.010  1.00 5.67  ? 92   THR A C   1 
ATOM   471  O  O   . THR A 1 64  ? -3.903  -6.549  15.508  1.00 5.59  ? 92   THR A O   1 
ATOM   472  C  CB  . THR A 1 64  ? -3.897  -9.316  16.206  1.00 5.69  ? 92   THR A CB  1 
ATOM   473  O  OG1 . THR A 1 64  ? -2.763  -9.368  17.086  1.00 5.84  ? 92   THR A OG1 1 
ATOM   474  C  CG2 . THR A 1 64  ? -4.507  -10.702 16.090  1.00 5.83  ? 92   THR A CG2 1 
ATOM   475  N  N   . ARG A 1 65  ? -1.876  -6.921  14.609  1.00 5.84  ? 93   ARG A N   1 
ATOM   476  C  CA  . ARG A 1 65  ? -1.407  -5.555  14.854  1.00 6.07  ? 93   ARG A CA  1 
ATOM   477  C  C   . ARG A 1 65  ? -2.217  -4.477  14.134  1.00 6.00  ? 93   ARG A C   1 
ATOM   478  O  O   . ARG A 1 65  ? -2.473  -3.404  14.700  1.00 6.23  ? 93   ARG A O   1 
ATOM   479  C  CB  . ARG A 1 65  ? 0.075   -5.405  14.483  1.00 6.37  ? 93   ARG A CB  1 
ATOM   480  C  CG  . ARG A 1 65  ? 0.626   -3.999  14.691  1.00 6.77  ? 93   ARG A CG  1 
ATOM   481  C  CD  . ARG A 1 65  ? 0.630   -3.518  16.135  1.00 7.19  ? 93   ARG A CD  1 
ATOM   482  N  NE  . ARG A 1 65  ? 1.264   -2.203  16.146  1.00 7.93  ? 93   ARG A NE  1 
ATOM   483  C  CZ  . ARG A 1 65  ? 0.606   -1.049  16.148  1.00 8.32  ? 93   ARG A CZ  1 
ATOM   484  N  NH1 . ARG A 1 65  ? -0.728  -1.040  16.193  1.00 9.00  ? 93   ARG A NH1 1 
ATOM   485  N  NH2 . ARG A 1 65  ? 1.297   0.098   16.097  1.00 8.97  ? 93   ARG A NH2 1 
ATOM   486  N  N   . TRP A 1 66  ? -2.625  -4.762  12.898  1.00 5.92  ? 94   TRP A N   1 
ATOM   487  C  CA  . TRP A 1 66  ? -3.210  -3.732  12.027  1.00 5.98  ? 94   TRP A CA  1 
ATOM   488  C  C   . TRP A 1 66  ? -4.668  -3.940  11.736  1.00 5.97  ? 94   TRP A C   1 
ATOM   489  O  O   . TRP A 1 66  ? -5.152  -5.075  11.654  1.00 6.03  ? 94   TRP A O   1 
ATOM   490  C  CB  . TRP A 1 66  ? -2.433  -3.652  10.715  1.00 6.12  ? 94   TRP A CB  1 
ATOM   491  C  CG  . TRP A 1 66  ? -0.962  -3.459  10.931  1.00 6.30  ? 94   TRP A CG  1 
ATOM   492  C  CD1 . TRP A 1 66  ? 0.068   -4.338  10.591  1.00 6.38  ? 94   TRP A CD1 1 
ATOM   493  C  CD2 . TRP A 1 66  ? -0.306  -2.319  11.567  1.00 6.30  ? 94   TRP A CD2 1 
ATOM   494  N  NE1 . TRP A 1 66  ? 1.279   -3.820  10.953  1.00 6.35  ? 94   TRP A NE1 1 
ATOM   495  C  CE2 . TRP A 1 66  ? 1.134   -2.621  11.553  1.00 6.32  ? 94   TRP A CE2 1 
ATOM   496  C  CE3 . TRP A 1 66  ? -0.742  -1.120  12.128  1.00 6.38  ? 94   TRP A CE3 1 
ATOM   497  C  CZ2 . TRP A 1 66  ? 2.072   -1.742  12.074  1.00 6.48  ? 94   TRP A CZ2 1 
ATOM   498  C  CZ3 . TRP A 1 66  ? 0.218   -0.242  12.650  1.00 6.33  ? 94   TRP A CZ3 1 
ATOM   499  C  CH2 . TRP A 1 66  ? 1.597   -0.558  12.627  1.00 6.39  ? 94   TRP A CH2 1 
ATOM   500  N  N   . HIS A 1 67  ? -5.375  -2.825  11.561  1.00 5.96  ? 95   HIS A N   1 
ATOM   501  C  CA  . HIS A 1 67  ? -6.775  -2.868  11.135  1.00 6.17  ? 95   HIS A CA  1 
ATOM   502  C  C   . HIS A 1 67  ? -6.917  -3.352  9.701   1.00 6.03  ? 95   HIS A C   1 
ATOM   503  O  O   . HIS A 1 67  ? -6.221  -2.880  8.802   1.00 5.87  ? 95   HIS A O   1 
ATOM   504  C  CB  . HIS A 1 67  ? -7.398  -1.486  11.289  1.00 6.60  ? 95   HIS A CB  1 
ATOM   505  C  CG  . HIS A 1 67  ? -8.847  -1.447  10.909  1.00 7.07  ? 95   HIS A CG  1 
ATOM   506  N  ND1 . HIS A 1 67  ? -9.824  -1.698  11.794  1.00 7.60  ? 95   HIS A ND1 1 
ATOM   507  C  CD2 . HIS A 1 67  ? -9.469  -1.222  9.687   1.00 7.33  ? 95   HIS A CD2 1 
ATOM   508  C  CE1 . HIS A 1 67  ? -11.019 -1.634  11.173  1.00 7.87  ? 95   HIS A CE1 1 
ATOM   509  N  NE2 . HIS A 1 67  ? -10.805 -1.353  9.885   1.00 7.79  ? 95   HIS A NE2 1 
ATOM   510  N  N   . LYS A 1 68  ? -7.818  -4.305  9.467   1.00 5.93  ? 96   LYS A N   1 
ATOM   511  C  CA  . LYS A 1 68  ? -8.093  -4.808  8.114   1.00 6.09  ? 96   LYS A CA  1 
ATOM   512  C  C   . LYS A 1 68  ? -9.428  -4.314  7.587   1.00 6.02  ? 96   LYS A C   1 
ATOM   513  O  O   . LYS A 1 68  ? -10.414 -4.237  8.334   1.00 6.29  ? 96   LYS A O   1 
ATOM   514  C  CB  . LYS A 1 68  ? -8.130  -6.341  8.098   1.00 6.45  ? 96   LYS A CB  1 
ATOM   515  C  CG  . LYS A 1 68  ? -6.788  -7.014  8.335   1.00 6.74  ? 96   LYS A CG  1 
ATOM   516  C  CD  . LYS A 1 68  ? -6.627  -7.364  9.793   1.00 7.15  ? 96   LYS A CD  1 
ATOM   517  C  CE  . LYS A 1 68  ? -5.298  -8.029  10.085  1.00 6.92  ? 96   LYS A CE  1 
ATOM   518  N  NZ  . LYS A 1 68  ? -5.104  -7.888  11.556  1.00 6.67  ? 96   LYS A NZ  1 
ATOM   519  N  N   . THR A 1 69  ? -9.478  -4.033  6.290   1.00 5.79  ? 97   THR A N   1 
ATOM   520  C  CA  . THR A 1 69  ? -10.762 -3.845  5.619   1.00 5.70  ? 97   THR A CA  1 
ATOM   521  C  C   . THR A 1 69  ? -11.264 -5.202  5.141   1.00 5.82  ? 97   THR A C   1 
ATOM   522  O  O   . THR A 1 69  ? -10.514 -5.951  4.507   1.00 5.72  ? 97   THR A O   1 
ATOM   523  C  CB  . THR A 1 69  ? -10.645 -2.922  4.392   1.00 5.54  ? 97   THR A CB  1 
ATOM   524  O  OG1 . THR A 1 69  ? -10.176 -1.643  4.804   1.00 5.43  ? 97   THR A OG1 1 
ATOM   525  C  CG2 . THR A 1 69  ? -12.003 -2.717  3.726   1.00 5.56  ? 97   THR A CG2 1 
ATOM   526  N  N   . ASN A 1 70  ? -12.523 -5.522  5.444   1.00 6.24  ? 98   ASN A N   1 
ATOM   527  C  CA  . ASN A 1 70  ? -13.154 -6.728  4.913   1.00 6.79  ? 98   ASN A CA  1 
ATOM   528  C  C   . ASN A 1 70  ? -13.472 -6.545  3.432   1.00 6.74  ? 98   ASN A C   1 
ATOM   529  O  O   . ASN A 1 70  ? -14.141 -5.576  3.047   1.00 6.95  ? 98   ASN A O   1 
ATOM   530  C  CB  . ASN A 1 70  ? -14.445 -7.054  5.682   1.00 7.51  ? 98   ASN A CB  1 
ATOM   531  C  CG  . ASN A 1 70  ? -14.209 -7.442  7.135   1.00 8.03  ? 98   ASN A CG  1 
ATOM   532  O  OD1 . ASN A 1 70  ? -15.064 -7.177  7.997   0.75 9.14  ? 98   ASN A OD1 1 
ATOM   533  N  ND2 . ASN A 1 70  ? -13.107 -8.104  7.418   1.00 7.95  ? 98   ASN A ND2 1 
ATOM   534  N  N   . ILE A 1 71  ? -12.998 -7.484  2.616   1.00 6.56  ? 99   ILE A N   1 
ATOM   535  C  CA  . ILE A 1 71  ? -13.195 -7.468  1.170   1.00 6.76  ? 99   ILE A CA  1 
ATOM   536  C  C   . ILE A 1 71  ? -13.507 -8.887  0.691   1.00 6.80  ? 99   ILE A C   1 
ATOM   537  O  O   . ILE A 1 71  ? -13.380 -9.846  1.447   1.00 6.65  ? 99   ILE A O   1 
ATOM   538  C  CB  . ILE A 1 71  ? -11.945 -6.916  0.408   1.00 6.69  ? 99   ILE A CB  1 
ATOM   539  C  CG1 . ILE A 1 71  ? -10.763 -7.901  0.445   1.00 6.67  ? 99   ILE A CG1 1 
ATOM   540  C  CG2 . ILE A 1 71  ? -11.562 -5.517  0.900   1.00 6.71  ? 99   ILE A CG2 1 
ATOM   541  C  CD1 . ILE A 1 71  ? -9.655  -7.572  -0.537  1.00 6.58  ? 99   ILE A CD1 1 
ATOM   542  N  N   . THR A 1 72  ? -13.894 -9.007  -0.575  1.00 7.00  ? 100  THR A N   1 
ATOM   543  C  CA  . THR A 1 72  ? -14.056 -10.320 -1.208  1.00 7.39  ? 100  THR A CA  1 
ATOM   544  C  C   . THR A 1 72  ? -12.954 -10.530 -2.242  1.00 7.16  ? 100  THR A C   1 
ATOM   545  O  O   . THR A 1 72  ? -12.201 -9.613  -2.544  1.00 7.05  ? 100  THR A O   1 
ATOM   546  C  CB  . THR A 1 72  ? -15.429 -10.449 -1.901  1.00 7.86  ? 100  THR A CB  1 
ATOM   547  O  OG1 . THR A 1 72  ? -15.605 -9.386  -2.839  1.00 9.02  ? 100  THR A OG1 1 
ATOM   548  C  CG2 . THR A 1 72  ? -16.563 -10.411 -0.867  1.00 8.27  ? 100  THR A CG2 1 
ATOM   549  N  N   . THR A 1 73  ? -12.840 -11.752 -2.754  1.00 7.07  ? 101  THR A N   1 
ATOM   550  C  CA  . THR A 1 73  ? -12.034 -11.994 -3.952  1.00 7.12  ? 101  THR A CA  1 
ATOM   551  C  C   . THR A 1 73  ? -12.732 -11.356 -5.155  1.00 6.83  ? 101  THR A C   1 
ATOM   552  O  O   . THR A 1 73  ? -13.857 -10.860 -5.040  1.00 6.64  ? 101  THR A O   1 
ATOM   553  C  CB  . THR A 1 73  ? -11.807 -13.493 -4.214  1.00 7.56  ? 101  THR A CB  1 
ATOM   554  O  OG1 . THR A 1 73  ? -13.069 -14.146 -4.324  1.00 8.40  ? 101  THR A OG1 1 
ATOM   555  C  CG2 . THR A 1 73  ? -11.014 -14.133 -3.075  1.00 7.79  ? 101  THR A CG2 1 
ATOM   556  N  N   . GLY A 1 74  ? -12.063 -11.356 -6.299  1.00 6.50  ? 102  GLY A N   1 
ATOM   557  C  CA  . GLY A 1 74  ? -12.602 -10.693 -7.469  1.00 6.14  ? 102  GLY A CA  1 
ATOM   558  C  C   . GLY A 1 74  ? -12.262 -9.212  -7.502  1.00 6.06  ? 102  GLY A C   1 
ATOM   559  O  O   . GLY A 1 74  ? -11.307 -8.764  -6.863  1.00 5.91  ? 102  GLY A O   1 
ATOM   560  N  N   . PRO A 1 75  ? -13.042 -8.430  -8.254  1.00 6.05  ? 103  PRO A N   1 
ATOM   561  C  CA  . PRO A 1 75  ? -12.733 -7.014  -8.407  1.00 6.17  ? 103  PRO A CA  1 
ATOM   562  C  C   . PRO A 1 75  ? -12.691 -6.255  -7.089  1.00 6.27  ? 103  PRO A C   1 
ATOM   563  O  O   . PRO A 1 75  ? -13.524 -6.475  -6.191  1.00 6.53  ? 103  PRO A O   1 
ATOM   564  C  CB  . PRO A 1 75  ? -13.882 -6.511  -9.285  1.00 6.19  ? 103  PRO A CB  1 
ATOM   565  C  CG  . PRO A 1 75  ? -14.242 -7.703  -10.105 1.00 6.33  ? 103  PRO A CG  1 
ATOM   566  C  CD  . PRO A 1 75  ? -14.141 -8.853  -9.136  1.00 6.14  ? 103  PRO A CD  1 
ATOM   567  N  N   . LEU A 1 76  ? -11.713 -5.361  -6.984  1.00 6.28  ? 104  LEU A N   1 
ATOM   568  C  CA  . LEU A 1 76  ? -11.580 -4.468  -5.842  1.00 6.44  ? 104  LEU A CA  1 
ATOM   569  C  C   . LEU A 1 76  ? -11.290 -3.075  -6.373  1.00 6.71  ? 104  LEU A C   1 
ATOM   570  O  O   . LEU A 1 76  ? -10.358 -2.894  -7.152  1.00 6.59  ? 104  LEU A O   1 
ATOM   571  C  CB  . LEU A 1 76  ? -10.430 -4.899  -4.920  1.00 6.46  ? 104  LEU A CB  1 
ATOM   572  C  CG  . LEU A 1 76  ? -10.132 -3.966  -3.738  1.00 6.39  ? 104  LEU A CG  1 
ATOM   573  C  CD1 . LEU A 1 76  ? -11.278 -3.949  -2.718  1.00 6.50  ? 104  LEU A CD1 1 
ATOM   574  C  CD2 . LEU A 1 76  ? -8.814  -4.351  -3.080  1.00 6.47  ? 104  LEU A CD2 1 
ATOM   575  N  N   . ASP A 1 77  ? -12.074 -2.092  -5.950  1.00 7.10  ? 105  ASP A N   1 
ATOM   576  C  CA  . ASP A 1 77  ? -11.799 -0.708  -6.319  1.00 7.38  ? 105  ASP A CA  1 
ATOM   577  C  C   . ASP A 1 77  ? -10.725 -0.135  -5.396  1.00 7.26  ? 105  ASP A C   1 
ATOM   578  O  O   . ASP A 1 77  ? -10.811 -0.263  -4.165  1.00 7.71  ? 105  ASP A O   1 
ATOM   579  C  CB  . ASP A 1 77  ? -13.073 0.146   -6.213  1.00 8.00  ? 105  ASP A CB  1 
ATOM   580  C  CG  . ASP A 1 77  ? -14.029 -0.056  -7.391  0.50 8.09  ? 105  ASP A CG  1 
ATOM   581  O  OD1 . ASP A 1 77  ? -13.675 -0.746  -8.375  1.00 8.58  ? 105  ASP A OD1 1 
ATOM   582  O  OD2 . ASP A 1 77  ? -15.151 0.495   -7.326  0.50 8.39  ? 105  ASP A OD2 1 
ATOM   583  N  N   . ILE A 1 78  ? -9.697  0.476   -5.993  1.00 7.09  ? 106  ILE A N   1 
ATOM   584  C  CA  . ILE A 1 78  ? -8.655  1.175   -5.234  1.00 7.07  ? 106  ILE A CA  1 
ATOM   585  C  C   . ILE A 1 78  ? -8.795  2.661   -5.496  1.00 6.96  ? 106  ILE A C   1 
ATOM   586  O  O   . ILE A 1 78  ? -8.882  3.078   -6.652  1.00 7.46  ? 106  ILE A O   1 
ATOM   587  C  CB  . ILE A 1 78  ? -7.243  0.785   -5.717  1.00 7.23  ? 106  ILE A CB  1 
ATOM   588  C  CG1 . ILE A 1 78  ? -7.051  -0.736  -5.693  1.00 7.50  ? 106  ILE A CG1 1 
ATOM   589  C  CG2 . ILE A 1 78  ? -6.175  1.504   -4.896  1.00 7.33  ? 106  ILE A CG2 1 
ATOM   590  C  CD1 . ILE A 1 78  ? -7.087  -1.360  -4.317  1.00 7.70  ? 106  ILE A CD1 1 
ATOM   591  N  N   . THR A 1 79  ? -8.849  3.461   -4.428  1.00 6.41  ? 107  THR A N   1 
ATOM   592  C  CA  . THR A 1 79  ? -8.878  4.907   -4.577  1.00 6.23  ? 107  THR A CA  1 
ATOM   593  C  C   . THR A 1 79  ? -7.668  5.537   -3.896  1.00 5.77  ? 107  THR A C   1 
ATOM   594  O  O   . THR A 1 79  ? -7.464  5.387   -2.684  1.00 5.90  ? 107  THR A O   1 
ATOM   595  C  CB  . THR A 1 79  ? -10.172 5.527   -4.011  1.00 6.37  ? 107  THR A CB  1 
ATOM   596  O  OG1 . THR A 1 79  ? -11.317 4.931   -4.643  1.00 6.92  ? 107  THR A OG1 1 
ATOM   597  C  CG2 . THR A 1 79  ? -10.189 7.019   -4.290  1.00 6.46  ? 107  THR A CG2 1 
ATOM   598  N  N   . TRP A 1 80  ? -6.862  6.235   -4.697  1.00 5.42  ? 108  TRP A N   1 
ATOM   599  C  CA  . TRP A 1 80  ? -5.778  7.079   -4.195  1.00 5.16  ? 108  TRP A CA  1 
ATOM   600  C  C   . TRP A 1 80  ? -6.236  8.496   -4.030  1.00 5.14  ? 108  TRP A C   1 
ATOM   601  O  O   . TRP A 1 80  ? -7.045  8.992   -4.817  1.00 5.18  ? 108  TRP A O   1 
ATOM   602  C  CB  . TRP A 1 80  ? -4.627  7.114   -5.188  1.00 5.03  ? 108  TRP A CB  1 
ATOM   603  C  CG  . TRP A 1 80  ? -3.779  5.885   -5.310  1.00 4.91  ? 108  TRP A CG  1 
ATOM   604  C  CD1 . TRP A 1 80  ? -4.057  4.726   -6.037  1.00 4.88  ? 108  TRP A CD1 1 
ATOM   605  C  CD2 . TRP A 1 80  ? -2.431  5.679   -4.753  1.00 4.82  ? 108  TRP A CD2 1 
ATOM   606  N  NE1 . TRP A 1 80  ? -3.017  3.838   -5.943  1.00 4.88  ? 108  TRP A NE1 1 
ATOM   607  C  CE2 . TRP A 1 80  ? -2.010  4.349   -5.190  1.00 4.84  ? 108  TRP A CE2 1 
ATOM   608  C  CE3 . TRP A 1 80  ? -1.568  6.431   -3.947  1.00 4.77  ? 108  TRP A CE3 1 
ATOM   609  C  CZ2 . TRP A 1 80  ? -0.771  3.816   -4.840  1.00 4.80  ? 108  TRP A CZ2 1 
ATOM   610  C  CZ3 . TRP A 1 80  ? -0.325  5.886   -3.606  1.00 4.78  ? 108  TRP A CZ3 1 
ATOM   611  C  CH2 . TRP A 1 80  ? 0.055   4.599   -4.031  1.00 4.75  ? 108  TRP A CH2 1 
ATOM   612  N  N   . ASN A 1 81  ? -5.703  9.167   -3.013  1.00 5.29  ? 109  ASN A N   1 
ATOM   613  C  CA  . ASN A 1 81  ? -5.789  10.622  -2.936  1.00 5.43  ? 109  ASN A CA  1 
ATOM   614  C  C   . ASN A 1 81  ? -4.395  11.188  -2.999  1.00 5.53  ? 109  ASN A C   1 
ATOM   615  O  O   . ASN A 1 81  ? -3.508  10.748  -2.238  1.00 5.56  ? 109  ASN A O   1 
ATOM   616  C  CB  . ASN A 1 81  ? -6.436  11.079  -1.637  1.00 5.51  ? 109  ASN A CB  1 
ATOM   617  C  CG  . ASN A 1 81  ? -7.879  10.657  -1.519  1.00 5.59  ? 109  ASN A CG  1 
ATOM   618  O  OD1 . ASN A 1 81  ? -8.526  10.237  -2.498  0.75 5.58  ? 109  ASN A OD1 1 
ATOM   619  N  ND2 . ASN A 1 81  ? -8.408  10.803  -0.331  1.00 5.73  ? 109  ASN A ND2 1 
ATOM   620  N  N   . LEU A 1 82  ? -4.200  12.162  -3.886  1.00 5.62  ? 110  LEU A N   1 
ATOM   621  C  CA  . LEU A 1 82  ? -2.889  12.767  -4.074  1.00 5.79  ? 110  LEU A CA  1 
ATOM   622  C  C   . LEU A 1 82  ? -2.891  14.173  -3.508  1.00 5.91  ? 110  LEU A C   1 
ATOM   623  O  O   . LEU A 1 82  ? -3.645  15.034  -3.968  1.00 6.25  ? 110  LEU A O   1 
ATOM   624  C  CB  . LEU A 1 82  ? -2.514  12.799  -5.562  1.00 5.84  ? 110  LEU A CB  1 
ATOM   625  C  CG  . LEU A 1 82  ? -2.798  11.530  -6.380  1.00 5.85  ? 110  LEU A CG  1 
ATOM   626  C  CD1 . LEU A 1 82  ? -2.303  11.689  -7.812  1.00 6.07  ? 110  LEU A CD1 1 
ATOM   627  C  CD2 . LEU A 1 82  ? -2.186  10.288  -5.744  1.00 5.89  ? 110  LEU A CD2 1 
ATOM   628  N  N   . THR A 1 83  ? -2.053  14.412  -2.505  1.00 5.84  ? 111  THR A N   1 
ATOM   629  C  CA  . THR A 1 83  ? -1.932  15.767  -1.944  1.00 5.95  ? 111  THR A CA  1 
ATOM   630  C  C   . THR A 1 83  ? -1.034  16.641  -2.805  1.00 6.04  ? 111  THR A C   1 
ATOM   631  O  O   . THR A 1 83  ? -1.141  17.869  -2.769  1.00 6.35  ? 111  THR A O   1 
ATOM   632  C  CB  . THR A 1 83  ? -1.405  15.757  -0.495  1.00 5.78  ? 111  THR A CB  1 
ATOM   633  O  OG1 . THR A 1 83  ? -0.049  15.274  -0.478  1.00 5.74  ? 111  THR A OG1 1 
ATOM   634  C  CG2 . THR A 1 83  ? -2.279  14.889  0.388   1.00 5.99  ? 111  THR A CG2 1 
ATOM   635  N  N   . ALA A 1 84  ? -0.154  16.006  -3.574  1.00 6.24  ? 112  ALA A N   1 
ATOM   636  C  CA  . ALA A 1 84  ? 0.695   16.681  -4.567  1.00 6.40  ? 112  ALA A CA  1 
ATOM   637  C  C   . ALA A 1 84  ? 0.719   15.801  -5.808  1.00 6.65  ? 112  ALA A C   1 
ATOM   638  O  O   . ALA A 1 84  ? 1.311   14.710  -5.813  1.00 6.78  ? 112  ALA A O   1 
ATOM   639  C  CB  . ALA A 1 84  ? 2.109   16.929  -4.034  1.00 6.49  ? 112  ALA A CB  1 
ATOM   640  N  N   . GLN A 1 85  ? 0.025   16.256  -6.851  1.00 7.13  ? 113  GLN A N   1 
ATOM   641  C  CA  . GLN A 1 85  ? -0.012  15.532  -8.116  1.00 7.31  ? 113  GLN A CA  1 
ATOM   642  C  C   . GLN A 1 85  ? 1.349   15.565  -8.796  1.00 7.40  ? 113  GLN A C   1 
ATOM   643  O  O   . GLN A 1 85  ? 2.037   16.591  -8.774  1.00 8.13  ? 113  GLN A O   1 
ATOM   644  C  CB  . GLN A 1 85  ? -1.056  16.144  -9.048  1.00 7.69  ? 113  GLN A CB  1 
ATOM   645  C  CG  . GLN A 1 85  ? -2.487  16.074  -8.548  1.00 8.37  ? 113  GLN A CG  1 
ATOM   646  C  CD  . GLN A 1 85  ? -3.323  17.183  -9.146  1.00 9.01  ? 113  GLN A CD  1 
ATOM   647  O  OE1 . GLN A 1 85  ? -3.384  18.292  -8.604  1.00 10.01 ? 113  GLN A OE1 1 
ATOM   648  N  NE2 . GLN A 1 85  ? -3.977  16.890  -10.257 1.00 9.16  ? 113  GLN A NE2 1 
ATOM   649  N  N   . HIS A 1 86  ? 1.755   14.434  -9.368  1.00 6.95  ? 114  HIS A N   1 
ATOM   650  C  CA  . HIS A 1 86  ? 2.987   14.391  -10.151 1.00 6.91  ? 114  HIS A CA  1 
ATOM   651  C  C   . HIS A 1 86  ? 2.749   13.605  -11.401 1.00 6.93  ? 114  HIS A C   1 
ATOM   652  O  O   . HIS A 1 86  ? 1.960   12.659  -11.407 1.00 6.92  ? 114  HIS A O   1 
ATOM   653  C  CB  . HIS A 1 86  ? 4.124   13.699  -9.382  1.00 6.77  ? 114  HIS A CB  1 
ATOM   654  C  CG  . HIS A 1 86  ? 4.425   14.291  -8.018  1.00 6.61  ? 114  HIS A CG  1 
ATOM   655  N  ND1 . HIS A 1 86  ? 4.789   15.584  -7.839  1.00 6.57  ? 114  HIS A ND1 1 
ATOM   656  C  CD2 . HIS A 1 86  ? 4.459   13.695  -6.763  1.00 6.48  ? 114  HIS A CD2 1 
ATOM   657  C  CE1 . HIS A 1 86  ? 5.022   15.804  -6.526  1.00 6.50  ? 114  HIS A CE1 1 
ATOM   658  N  NE2 . HIS A 1 86  ? 4.829   14.645  -5.869  1.00 6.22  ? 114  HIS A NE2 1 
ATOM   659  N  N   . ARG A 1 87  ? 3.451   13.992  -12.466 1.00 7.13  ? 115  ARG A N   1 
ATOM   660  C  CA  A ARG A 1 87  ? 3.516   13.214  -13.696 0.50 7.03  ? 115  ARG A CA  1 
ATOM   661  C  CA  B ARG A 1 87  ? 3.480   13.205  -13.695 0.50 7.28  ? 115  ARG A CA  1 
ATOM   662  C  C   . ARG A 1 87  ? 3.812   11.758  -13.324 1.00 6.88  ? 115  ARG A C   1 
ATOM   663  O  O   . ARG A 1 87  ? 4.683   11.488  -12.482 1.00 6.70  ? 115  ARG A O   1 
ATOM   664  C  CB  A ARG A 1 87  ? 4.624   13.787  -14.578 0.50 7.23  ? 115  ARG A CB  1 
ATOM   665  C  CB  B ARG A 1 87  ? 4.497   13.780  -14.692 0.50 7.90  ? 115  ARG A CB  1 
ATOM   666  C  CG  A ARG A 1 87  ? 4.524   13.431  -16.047 0.50 7.33  ? 115  ARG A CG  1 
ATOM   667  C  CG  B ARG A 1 87  ? 4.468   13.109  -16.060 0.50 8.51  ? 115  ARG A CG  1 
ATOM   668  C  CD  A ARG A 1 87  ? 5.408   14.366  -16.858 0.50 7.38  ? 115  ARG A CD  1 
ATOM   669  C  CD  B ARG A 1 87  ? 5.053   13.995  -17.151 0.50 9.20  ? 115  ARG A CD  1 
ATOM   670  N  NE  A ARG A 1 87  ? 5.602   13.893  -18.221 0.50 7.44  ? 115  ARG A NE  1 
ATOM   671  N  NE  B ARG A 1 87  ? 6.508   14.050  -17.112 0.50 9.90  ? 115  ARG A NE  1 
ATOM   672  C  CZ  A ARG A 1 87  ? 6.409   14.479  -19.100 0.50 7.44  ? 115  ARG A CZ  1 
ATOM   673  C  CZ  B ARG A 1 87  ? 7.231   14.939  -17.785 0.50 10.16 ? 115  ARG A CZ  1 
ATOM   674  N  NH1 A ARG A 1 87  ? 7.089   15.570  -18.757 0.25 7.47  ? 115  ARG A NH1 1 
ATOM   675  N  NH1 B ARG A 1 87  ? 6.634   15.853  -18.540 0.25 10.11 ? 115  ARG A NH1 1 
ATOM   676  N  NH2 A ARG A 1 87  ? 6.532   13.982  -20.328 0.50 7.63  ? 115  ARG A NH2 1 
ATOM   677  N  NH2 B ARG A 1 87  ? 8.551   14.923  -17.702 0.50 10.40 ? 115  ARG A NH2 1 
ATOM   678  N  N   . THR A 1 88  ? 3.094   10.822  -13.943 1.00 6.63  ? 116  THR A N   1 
ATOM   679  C  CA  . THR A 1 88  ? 3.106   9.425   -13.474 1.00 6.33  ? 116  THR A CA  1 
ATOM   680  C  C   . THR A 1 88  ? 3.539   8.424   -14.538 1.00 6.26  ? 116  THR A C   1 
ATOM   681  O  O   . THR A 1 88  ? 3.055   8.480   -15.678 1.00 6.31  ? 116  THR A O   1 
ATOM   682  C  CB  . THR A 1 88  ? 1.690   9.059   -12.986 1.00 6.27  ? 116  THR A CB  1 
ATOM   683  O  OG1 . THR A 1 88  ? 1.365   9.865   -11.852 1.00 6.38  ? 116  THR A OG1 1 
ATOM   684  C  CG2 . THR A 1 88  ? 1.572   7.585   -12.596 1.00 6.14  ? 116  THR A CG2 1 
ATOM   685  N  N   . ALA A 1 89  ? 4.430   7.508   -14.145 1.00 6.08  ? 117  ALA A N   1 
ATOM   686  C  CA  . ALA A 1 89  ? 4.885   6.416   -15.016 1.00 6.12  ? 117  ALA A CA  1 
ATOM   687  C  C   . ALA A 1 89  ? 3.993   5.184   -14.932 1.00 6.14  ? 117  ALA A C   1 
ATOM   688  O  O   . ALA A 1 89  ? 3.678   4.580   -15.950 1.00 6.15  ? 117  ALA A O   1 
ATOM   689  C  CB  . ALA A 1 89  ? 6.328   6.039   -14.713 1.00 6.20  ? 117  ALA A CB  1 
ATOM   690  N  N   . SER A 1 90  ? 3.586   4.814   -13.720 1.00 6.14  ? 118  SER A N   1 
ATOM   691  C  CA  . SER A 1 90  ? 3.018   3.490   -13.492 1.00 6.30  ? 118  SER A CA  1 
ATOM   692  C  C   . SER A 1 90  ? 2.284   3.390   -12.168 1.00 6.08  ? 118  SER A C   1 
ATOM   693  O  O   . SER A 1 90  ? 2.570   4.158   -11.236 1.00 5.93  ? 118  SER A O   1 
ATOM   694  C  CB  . SER A 1 90  ? 4.124   2.429   -13.532 1.00 6.77  ? 118  SER A CB  1 
ATOM   695  O  OG  . SER A 1 90  ? 5.127   2.719   -12.570 1.00 7.48  ? 118  SER A OG  1 
ATOM   696  N  N   . TRP A 1 91  ? 1.353   2.436   -12.095 1.00 5.88  ? 119  TRP A N   1 
ATOM   697  C  CA  . TRP A 1 91  ? 0.739   1.995   -10.833 1.00 5.69  ? 119  TRP A CA  1 
ATOM   698  C  C   . TRP A 1 91  ? 0.843   0.504   -10.805 1.00 5.67  ? 119  TRP A C   1 
ATOM   699  O  O   . TRP A 1 91  ? 0.346   -0.161  -11.717 1.00 5.95  ? 119  TRP A O   1 
ATOM   700  C  CB  . TRP A 1 91  ? -0.734  2.388   -10.771 1.00 5.67  ? 119  TRP A CB  1 
ATOM   701  C  CG  . TRP A 1 91  ? -1.024  3.829   -11.084 1.00 5.72  ? 119  TRP A CG  1 
ATOM   702  C  CD1 . TRP A 1 91  ? -1.192  4.412   -12.337 1.00 5.73  ? 119  TRP A CD1 1 
ATOM   703  C  CD2 . TRP A 1 91  ? -1.237  4.912   -10.122 1.00 5.70  ? 119  TRP A CD2 1 
ATOM   704  N  NE1 . TRP A 1 91  ? -1.463  5.743   -12.220 1.00 5.71  ? 119  TRP A NE1 1 
ATOM   705  C  CE2 . TRP A 1 91  ? -1.507  6.110   -10.911 1.00 5.73  ? 119  TRP A CE2 1 
ATOM   706  C  CE3 . TRP A 1 91  ? -1.199  5.009   -8.730  1.00 5.65  ? 119  TRP A CE3 1 
ATOM   707  C  CZ2 . TRP A 1 91  ? -1.739  7.346   -10.314 1.00 5.85  ? 119  TRP A CZ2 1 
ATOM   708  C  CZ3 . TRP A 1 91  ? -1.438  6.258   -8.143  1.00 5.73  ? 119  TRP A CZ3 1 
ATOM   709  C  CH2 . TRP A 1 91  ? -1.702  7.397   -8.917  1.00 5.87  ? 119  TRP A CH2 1 
ATOM   710  N  N   . ASP A 1 92  ? 1.515   -0.044  -9.792  1.00 5.34  ? 120  ASP A N   1 
ATOM   711  C  CA  . ASP A 1 92  ? 1.681   -1.495  -9.674  1.00 5.39  ? 120  ASP A CA  1 
ATOM   712  C  C   . ASP A 1 92  ? 1.064   -1.985  -8.386  1.00 5.03  ? 120  ASP A C   1 
ATOM   713  O  O   . ASP A 1 92  ? 1.132   -1.310  -7.356  1.00 4.98  ? 120  ASP A O   1 
ATOM   714  C  CB  . ASP A 1 92  ? 3.157   -1.878  -9.677  1.00 5.83  ? 120  ASP A CB  1 
ATOM   715  C  CG  . ASP A 1 92  ? 3.833   -1.623  -10.997 1.00 6.32  ? 120  ASP A CG  1 
ATOM   716  O  OD1 . ASP A 1 92  ? 3.398   -2.177  -12.028 1.00 6.95  ? 120  ASP A OD1 1 
ATOM   717  O  OD2 . ASP A 1 92  ? 4.857   -0.900  -10.984 0.50 6.32  ? 120  ASP A OD2 1 
ATOM   718  N  N   . TYR A 1 93  ? 0.486   -3.179  -8.437  1.00 4.80  ? 121  TYR A N   1 
ATOM   719  C  CA  . TYR A 1 93  ? -0.168  -3.758  -7.269  1.00 4.70  ? 121  TYR A CA  1 
ATOM   720  C  C   . TYR A 1 93  ? 0.307   -5.175  -7.078  1.00 4.63  ? 121  TYR A C   1 
ATOM   721  O  O   . TYR A 1 93  ? 0.397   -5.944  -8.045  1.00 4.60  ? 121  TYR A O   1 
ATOM   722  C  CB  . TYR A 1 93  ? -1.688  -3.735  -7.427  1.00 4.74  ? 121  TYR A CB  1 
ATOM   723  C  CG  . TYR A 1 93  ? -2.233  -2.334  -7.467  1.00 4.76  ? 121  TYR A CG  1 
ATOM   724  C  CD1 . TYR A 1 93  ? -2.315  -1.644  -8.674  1.00 4.88  ? 121  TYR A CD1 1 
ATOM   725  C  CD2 . TYR A 1 93  ? -2.652  -1.692  -6.308  1.00 4.85  ? 121  TYR A CD2 1 
ATOM   726  C  CE1 . TYR A 1 93  ? -2.800  -0.356  -8.731  1.00 4.93  ? 121  TYR A CE1 1 
ATOM   727  C  CE2 . TYR A 1 93  ? -3.144  -0.399  -6.352  1.00 4.88  ? 121  TYR A CE2 1 
ATOM   728  C  CZ  . TYR A 1 93  ? -3.212  0.266   -7.570  1.00 4.99  ? 121  TYR A CZ  1 
ATOM   729  O  OH  . TYR A 1 93  ? -3.692  1.550   -7.649  1.00 5.14  ? 121  TYR A OH  1 
ATOM   730  N  N   . TYR A 1 94  ? 0.598   -5.512  -5.827  1.00 4.55  ? 122  TYR A N   1 
ATOM   731  C  CA  . TYR A 1 94  ? 1.044   -6.852  -5.432  1.00 4.54  ? 122  TYR A CA  1 
ATOM   732  C  C   . TYR A 1 94  ? 0.165   -7.331  -4.287  1.00 4.28  ? 122  TYR A C   1 
ATOM   733  O  O   . TYR A 1 94  ? -0.395  -6.520  -3.554  1.00 4.25  ? 122  TYR A O   1 
ATOM   734  C  CB  . TYR A 1 94  ? 2.504   -6.811  -4.943  1.00 4.90  ? 122  TYR A CB  1 
ATOM   735  C  CG  . TYR A 1 94  ? 3.489   -6.165  -5.899  1.00 5.19  ? 122  TYR A CG  1 
ATOM   736  C  CD1 . TYR A 1 94  ? 3.612   -4.774  -5.971  1.00 5.34  ? 122  TYR A CD1 1 
ATOM   737  C  CD2 . TYR A 1 94  ? 4.291   -6.941  -6.736  1.00 5.48  ? 122  TYR A CD2 1 
ATOM   738  C  CE1 . TYR A 1 94  ? 4.509   -4.178  -6.853  1.00 5.65  ? 122  TYR A CE1 1 
ATOM   739  C  CE2 . TYR A 1 94  ? 5.203   -6.351  -7.606  1.00 5.89  ? 122  TYR A CE2 1 
ATOM   740  C  CZ  . TYR A 1 94  ? 5.291   -4.977  -7.662  1.00 5.83  ? 122  TYR A CZ  1 
ATOM   741  O  OH  . TYR A 1 94  ? 6.189   -4.391  -8.527  0.75 6.01  ? 122  TYR A OH  1 
ATOM   742  N  N   . ILE A 1 95  ? 0.062   -8.645  -4.117  1.00 4.14  ? 123  ILE A N   1 
ATOM   743  C  CA  . ILE A 1 95  ? -0.607  -9.180  -2.933  1.00 4.09  ? 123  ILE A CA  1 
ATOM   744  C  C   . ILE A 1 95  ? 0.138   -10.417 -2.428  1.00 4.04  ? 123  ILE A C   1 
ATOM   745  O  O   . ILE A 1 95  ? 0.682   -11.210 -3.206  1.00 4.01  ? 123  ILE A O   1 
ATOM   746  C  CB  . ILE A 1 95  ? -2.108  -9.467  -3.184  1.00 4.03  ? 123  ILE A CB  1 
ATOM   747  C  CG1 . ILE A 1 95  ? -2.857  -9.661  -1.855  1.00 4.03  ? 123  ILE A CG1 1 
ATOM   748  C  CG2 . ILE A 1 95  ? -2.308  -10.677 -4.107  1.00 4.11  ? 123  ILE A CG2 1 
ATOM   749  C  CD1 . ILE A 1 95  ? -4.361  -9.769  -2.031  1.00 3.98  ? 123  ILE A CD1 1 
ATOM   750  N  N   . THR A 1 96  ? 0.154   -10.571 -1.109  1.00 4.00  ? 124  THR A N   1 
ATOM   751  C  CA  . THR A 1 96  ? 0.738   -11.762 -0.493  1.00 4.19  ? 124  THR A CA  1 
ATOM   752  C  C   . THR A 1 96  ? 0.144   -13.054 -1.054  1.00 4.35  ? 124  THR A C   1 
ATOM   753  O  O   . THR A 1 96  ? -1.033  -13.108 -1.404  1.00 4.35  ? 124  THR A O   1 
ATOM   754  C  CB  . THR A 1 96  ? 0.535   -11.727 1.023   1.00 4.08  ? 124  THR A CB  1 
ATOM   755  O  OG1 . THR A 1 96  ? -0.798  -11.309 1.316   1.00 3.92  ? 124  THR A OG1 1 
ATOM   756  C  CG2 . THR A 1 96  ? 1.486   -10.731 1.668   1.00 4.02  ? 124  THR A CG2 1 
ATOM   757  N  N   . LYS A 1 97  ? 0.996   -14.070 -1.168  1.00 4.64  ? 125  LYS A N   1 
ATOM   758  C  CA  . LYS A 1 97  ? 0.606   -15.386 -1.670  1.00 4.93  ? 125  LYS A CA  1 
ATOM   759  C  C   . LYS A 1 97  ? -0.213  -16.163 -0.644  1.00 5.08  ? 125  LYS A C   1 
ATOM   760  O  O   . LYS A 1 97  ? -0.065  -15.968 0.577   1.00 4.98  ? 125  LYS A O   1 
ATOM   761  C  CB  . LYS A 1 97  ? 1.859   -16.193 -2.025  1.00 5.11  ? 125  LYS A CB  1 
ATOM   762  C  CG  . LYS A 1 97  ? 2.679   -15.583 -3.150  1.00 5.48  ? 125  LYS A CG  1 
ATOM   763  C  CD  . LYS A 1 97  ? 3.993   -16.312 -3.331  1.00 5.60  ? 125  LYS A CD  1 
ATOM   764  C  CE  . LYS A 1 97  ? 4.909   -15.537 -4.258  1.00 5.89  ? 125  LYS A CE  1 
ATOM   765  N  NZ  . LYS A 1 97  ? 6.267   -16.145 -4.427  1.00 6.14  ? 125  LYS A NZ  1 
ATOM   766  N  N   . ASN A 1 98  ? -1.079  -17.050 -1.129  1.00 5.31  ? 126  ASN A N   1 
ATOM   767  C  CA  . ASN A 1 98  ? -1.681  -18.024 -0.238  1.00 5.70  ? 126  ASN A CA  1 
ATOM   768  C  C   . ASN A 1 98  ? -0.588  -18.770 0.536   1.00 5.81  ? 126  ASN A C   1 
ATOM   769  O  O   . ASN A 1 98  ? 0.413   -19.200 -0.036  1.00 5.89  ? 126  ASN A O   1 
ATOM   770  C  CB  . ASN A 1 98  ? -2.527  -19.009 -1.038  1.00 5.94  ? 126  ASN A CB  1 
ATOM   771  C  CG  . ASN A 1 98  ? -3.192  -20.025 -0.149  1.00 6.20  ? 126  ASN A CG  1 
ATOM   772  O  OD1 . ASN A 1 98  ? -3.849  -19.660 0.825   1.00 6.55  ? 126  ASN A OD1 1 
ATOM   773  N  ND2 . ASN A 1 98  ? -2.973  -21.304 -0.430  1.00 6.42  ? 126  ASN A ND2 1 
ATOM   774  N  N   . GLY A 1 99  ? -0.777  -18.909 1.842   1.00 5.99  ? 127  GLY A N   1 
ATOM   775  C  CA  . GLY A 1 99  ? 0.225   -19.563 2.685   1.00 6.08  ? 127  GLY A CA  1 
ATOM   776  C  C   . GLY A 1 99  ? 1.260   -18.672 3.344   1.00 6.21  ? 127  GLY A C   1 
ATOM   777  O  O   . GLY A 1 99  ? 2.071   -19.164 4.125   1.00 6.76  ? 127  GLY A O   1 
ATOM   778  N  N   . TRP A 1 100 ? 1.251   -17.371 3.050   1.00 6.04  ? 128  TRP A N   1 
ATOM   779  C  CA  . TRP A 1 100 ? 2.236   -16.467 3.656   1.00 5.93  ? 128  TRP A CA  1 
ATOM   780  C  C   . TRP A 1 100 ? 2.096   -16.409 5.166   1.00 5.94  ? 128  TRP A C   1 
ATOM   781  O  O   . TRP A 1 100 ? 1.075   -16.834 5.720   1.00 6.00  ? 128  TRP A O   1 
ATOM   782  C  CB  . TRP A 1 100 ? 2.116   -15.070 3.048   1.00 5.49  ? 128  TRP A CB  1 
ATOM   783  C  CG  . TRP A 1 100 ? 0.983   -14.236 3.610   1.00 5.39  ? 128  TRP A CG  1 
ATOM   784  C  CD1 . TRP A 1 100 ? -0.386  -14.432 3.443   1.00 5.31  ? 128  TRP A CD1 1 
ATOM   785  C  CD2 . TRP A 1 100 ? 1.102   -13.049 4.466   1.00 5.25  ? 128  TRP A CD2 1 
ATOM   786  N  NE1 . TRP A 1 100 ? -1.104  -13.470 4.109   1.00 5.23  ? 128  TRP A NE1 1 
ATOM   787  C  CE2 . TRP A 1 100 ? -0.267  -12.605 4.744   1.00 5.20  ? 128  TRP A CE2 1 
ATOM   788  C  CE3 . TRP A 1 100 ? 2.174   -12.333 5.010   1.00 5.17  ? 128  TRP A CE3 1 
ATOM   789  C  CZ2 . TRP A 1 100 ? -0.539  -11.493 5.536   1.00 5.26  ? 128  TRP A CZ2 1 
ATOM   790  C  CZ3 . TRP A 1 100 ? 1.888   -11.206 5.794   1.00 5.29  ? 128  TRP A CZ3 1 
ATOM   791  C  CH2 . TRP A 1 100 ? 0.565   -10.795 6.042   1.00 5.21  ? 128  TRP A CH2 1 
ATOM   792  N  N   . ASN A 1 101 ? 3.118   -15.889 5.846   1.00 6.19  ? 129  ASN A N   1 
ATOM   793  C  CA  . ASN A 1 101 ? 3.135   -15.901 7.318   1.00 6.46  ? 129  ASN A CA  1 
ATOM   794  C  C   . ASN A 1 101 ? 2.957   -14.484 7.864   1.00 6.50  ? 129  ASN A C   1 
ATOM   795  O  O   . ASN A 1 101 ? 3.876   -13.678 7.763   1.00 6.31  ? 129  ASN A O   1 
ATOM   796  C  CB  . ASN A 1 101 ? 4.450   -16.524 7.819   1.00 6.65  ? 129  ASN A CB  1 
ATOM   797  C  CG  . ASN A 1 101 ? 4.506   -16.697 9.338   1.00 7.05  ? 129  ASN A CG  1 
ATOM   798  O  OD1 . ASN A 1 101 ? 3.812   -16.028 10.104  1.00 7.20  ? 129  ASN A OD1 1 
ATOM   799  N  ND2 . ASN A 1 101 ? 5.374   -17.600 9.777   0.50 7.14  ? 129  ASN A ND2 1 
ATOM   800  N  N   . PRO A 1 102 ? 1.784   -14.186 8.465   1.00 6.55  ? 130  PRO A N   1 
ATOM   801  C  CA  . PRO A 1 102 ? 1.492   -12.811 8.903   1.00 6.88  ? 130  PRO A CA  1 
ATOM   802  C  C   . PRO A 1 102 ? 2.275   -12.357 10.139  1.00 7.02  ? 130  PRO A C   1 
ATOM   803  O  O   . PRO A 1 102 ? 2.114   -11.202 10.553  1.00 6.54  ? 130  PRO A O   1 
ATOM   804  C  CB  . PRO A 1 102 ? -0.011  -12.837 9.199   1.00 6.97  ? 130  PRO A CB  1 
ATOM   805  C  CG  . PRO A 1 102 ? -0.316  -14.254 9.499   1.00 7.13  ? 130  PRO A CG  1 
ATOM   806  C  CD  . PRO A 1 102 ? 0.623   -15.080 8.654   1.00 6.83  ? 130  PRO A CD  1 
ATOM   807  N  N   . ASN A 1 103 ? 3.088   -13.255 10.709  1.00 7.39  ? 131  ASN A N   1 
ATOM   808  C  CA  A ASN A 1 103 ? 3.930   -12.968 11.874  0.50 7.91  ? 131  ASN A CA  1 
ATOM   809  C  CA  B ASN A 1 103 ? 3.913   -12.933 11.882  0.50 7.62  ? 131  ASN A CA  1 
ATOM   810  C  C   . ASN A 1 103 ? 5.411   -12.842 11.545  1.00 7.95  ? 131  ASN A C   1 
ATOM   811  O  O   . ASN A 1 103 ? 6.260   -12.852 12.445  1.00 8.45  ? 131  ASN A O   1 
ATOM   812  C  CB  A ASN A 1 103 ? 3.765   -14.074 12.917  0.50 8.38  ? 131  ASN A CB  1 
ATOM   813  C  CB  B ASN A 1 103 ? 3.653   -13.962 12.999  0.50 7.64  ? 131  ASN A CB  1 
ATOM   814  C  CG  A ASN A 1 103 ? 2.798   -13.702 14.010  0.50 8.87  ? 131  ASN A CG  1 
ATOM   815  C  CG  B ASN A 1 103 ? 4.067   -13.469 14.378  0.50 7.58  ? 131  ASN A CG  1 
ATOM   816  O  OD1 A ASN A 1 103 ? 1.806   -13.010 13.779  0.50 9.12  ? 131  ASN A OD1 1 
ATOM   817  O  OD1 B ASN A 1 103 ? 4.592   -14.237 15.189  0.50 7.76  ? 131  ASN A OD1 1 
ATOM   818  N  ND2 A ASN A 1 103 ? 3.085   -14.167 15.225  0.50 9.23  ? 131  ASN A ND2 1 
ATOM   819  N  ND2 B ASN A 1 103 ? 3.827   -12.196 14.655  0.50 7.66  ? 131  ASN A ND2 1 
ATOM   820  N  N   . GLN A 1 104 ? 5.720   -12.740 10.255  1.00 7.86  ? 132  GLN A N   1 
ATOM   821  C  CA  A GLN A 1 104 ? 7.090   -12.614 9.770   0.70 8.02  ? 132  GLN A CA  1 
ATOM   822  C  CA  B GLN A 1 104 ? 7.095   -12.604 9.796   0.30 7.73  ? 132  GLN A CA  1 
ATOM   823  C  C   . GLN A 1 104 ? 7.268   -11.302 9.008   1.00 7.55  ? 132  GLN A C   1 
ATOM   824  O  O   . GLN A 1 104 ? 6.303   -10.780 8.443   1.00 7.04  ? 132  GLN A O   1 
ATOM   825  C  CB  A GLN A 1 104 ? 7.441   -13.800 8.864   0.70 8.78  ? 132  GLN A CB  1 
ATOM   826  C  CB  B GLN A 1 104 ? 7.510   -13.831 8.971   0.30 7.91  ? 132  GLN A CB  1 
ATOM   827  C  CG  A GLN A 1 104 ? 7.627   -15.116 9.608   0.70 9.52  ? 132  GLN A CG  1 
ATOM   828  C  CG  B GLN A 1 104 ? 7.697   -15.090 9.811   0.30 8.14  ? 132  GLN A CG  1 
ATOM   829  C  CD  A GLN A 1 104 ? 8.729   -15.046 10.646  0.70 10.16 ? 132  GLN A CD  1 
ATOM   830  C  CD  B GLN A 1 104 ? 8.011   -16.323 8.983   0.30 8.28  ? 132  GLN A CD  1 
ATOM   831  O  OE1 A GLN A 1 104 ? 9.875   -14.724 10.334  0.70 11.09 ? 132  GLN A OE1 1 
ATOM   832  O  OE1 B GLN A 1 104 ? 7.879   -16.318 7.761   0.30 8.62  ? 132  GLN A OE1 1 
ATOM   833  N  NE2 A GLN A 1 104 ? 8.382   -15.331 11.894  0.70 10.83 ? 132  GLN A NE2 1 
ATOM   834  N  NE2 B GLN A 1 104 ? 8.427   -17.392 9.651   0.30 8.42  ? 132  GLN A NE2 1 
ATOM   835  N  N   . PRO A 1 105 ? 8.505   -10.757 8.973   1.00 7.17  ? 133  PRO A N   1 
ATOM   836  C  CA  . PRO A 1 105 ? 8.677   -9.504  8.228   1.00 6.90  ? 133  PRO A CA  1 
ATOM   837  C  C   . PRO A 1 105 ? 8.251   -9.618  6.753   1.00 6.58  ? 133  PRO A C   1 
ATOM   838  O  O   . PRO A 1 105 ? 8.487   -10.644 6.110   1.00 6.61  ? 133  PRO A O   1 
ATOM   839  C  CB  . PRO A 1 105 ? 10.178  -9.211  8.370   1.00 7.04  ? 133  PRO A CB  1 
ATOM   840  C  CG  . PRO A 1 105 ? 10.568  -9.881  9.654   1.00 7.65  ? 133  PRO A CG  1 
ATOM   841  C  CD  . PRO A 1 105 ? 9.734   -11.135 9.705   1.00 7.44  ? 133  PRO A CD  1 
ATOM   842  N  N   . LEU A 1 106 ? 7.617   -8.572  6.231   1.00 5.95  ? 134  LEU A N   1 
ATOM   843  C  CA  . LEU A 1 106 ? 7.160   -8.577  4.844   1.00 5.89  ? 134  LEU A CA  1 
ATOM   844  C  C   . LEU A 1 106 ? 8.339   -8.647  3.887   1.00 5.82  ? 134  LEU A C   1 
ATOM   845  O  O   . LEU A 1 106 ? 9.308   -7.902  4.021   1.00 5.85  ? 134  LEU A O   1 
ATOM   846  C  CB  . LEU A 1 106 ? 6.304   -7.343  4.542   1.00 5.56  ? 134  LEU A CB  1 
ATOM   847  C  CG  . LEU A 1 106 ? 4.983   -7.153  5.299   1.00 5.43  ? 134  LEU A CG  1 
ATOM   848  C  CD1 . LEU A 1 106 ? 4.351   -5.804  4.959   1.00 5.31  ? 134  LEU A CD1 1 
ATOM   849  C  CD2 . LEU A 1 106 ? 4.015   -8.304  5.026   1.00 5.51  ? 134  LEU A CD2 1 
ATOM   850  N  N   . ASP A 1 107 ? 8.228   -9.546  2.907   1.00 5.99  ? 135  ASP A N   1 
ATOM   851  C  CA  . ASP A 1 107 ? 9.266   -9.798  1.928   1.00 6.29  ? 135  ASP A CA  1 
ATOM   852  C  C   . ASP A 1 107 ? 8.553   -9.820  0.578   1.00 6.19  ? 135  ASP A C   1 
ATOM   853  O  O   . ASP A 1 107 ? 7.589   -10.572 0.402   1.00 6.01  ? 135  ASP A O   1 
ATOM   854  C  CB  . ASP A 1 107 ? 9.913   -11.153 2.239   1.00 6.83  ? 135  ASP A CB  1 
ATOM   855  C  CG  . ASP A 1 107 ? 11.048  -11.518 1.284   1.00 7.17  ? 135  ASP A CG  1 
ATOM   856  O  OD1 . ASP A 1 107 ? 11.174  -10.949 0.185   1.00 7.37  ? 135  ASP A OD1 1 
ATOM   857  O  OD2 . ASP A 1 107 ? 11.832  -12.413 1.669   1.00 8.25  ? 135  ASP A OD2 1 
ATOM   858  N  N   . ILE A 1 108 ? 9.014   -9.000  -0.371  1.00 6.18  ? 136  ILE A N   1 
ATOM   859  C  CA  . ILE A 1 108 ? 8.329   -8.897  -1.674  1.00 6.25  ? 136  ILE A CA  1 
ATOM   860  C  C   . ILE A 1 108 ? 8.319   -10.231 -2.424  1.00 6.25  ? 136  ILE A C   1 
ATOM   861  O  O   . ILE A 1 108 ? 7.448   -10.487 -3.266  1.00 6.16  ? 136  ILE A O   1 
ATOM   862  C  CB  . ILE A 1 108 ? 8.905   -7.763  -2.558  1.00 6.38  ? 136  ILE A CB  1 
ATOM   863  C  CG1 . ILE A 1 108 ? 7.901   -7.356  -3.648  1.00 6.49  ? 136  ILE A CG1 1 
ATOM   864  C  CG2 . ILE A 1 108 ? 10.245  -8.165  -3.182  1.00 6.43  ? 136  ILE A CG2 1 
ATOM   865  C  CD1 . ILE A 1 108 ? 6.628   -6.705  -3.132  1.00 6.65  ? 136  ILE A CD1 1 
ATOM   866  N  N   . LYS A 1 109 ? 9.279   -11.095 -2.098  1.00 6.52  ? 137  LYS A N   1 
ATOM   867  C  CA  . LYS A 1 109 ? 9.321   -12.421 -2.713  1.00 6.68  ? 137  LYS A CA  1 
ATOM   868  C  C   . LYS A 1 109 ? 8.127   -13.287 -2.336  1.00 6.26  ? 137  LYS A C   1 
ATOM   869  O  O   . LYS A 1 109 ? 7.875   -14.318 -2.973  1.00 6.59  ? 137  LYS A O   1 
ATOM   870  C  CB  . LYS A 1 109 ? 10.621  -13.145 -2.361  1.00 7.29  ? 137  LYS A CB  1 
ATOM   871  C  CG  . LYS A 1 109 ? 11.831  -12.522 -3.026  1.00 8.14  ? 137  LYS A CG  1 
ATOM   872  C  CD  . LYS A 1 109 ? 13.106  -13.242 -2.642  1.00 8.91  ? 137  LYS A CD  1 
ATOM   873  C  CE  . LYS A 1 109 ? 14.283  -12.661 -3.400  1.00 9.31  ? 137  LYS A CE  1 
ATOM   874  N  NZ  . LYS A 1 109 ? 14.682  -11.312 -2.924  0.50 9.84  ? 137  LYS A NZ  1 
ATOM   875  N  N   . ASN A 1 110 ? 7.408   -12.890 -1.289  1.00 5.89  ? 138  ASN A N   1 
ATOM   876  C  CA  . ASN A 1 110 ? 6.201   -13.603 -0.867  1.00 5.71  ? 138  ASN A CA  1 
ATOM   877  C  C   . ASN A 1 110 ? 4.894   -12.991 -1.376  1.00 5.35  ? 138  ASN A C   1 
ATOM   878  O  O   . ASN A 1 110 ? 3.803   -13.334 -0.899  1.00 5.21  ? 138  ASN A O   1 
ATOM   879  C  CB  . ASN A 1 110 ? 6.195   -13.734 0.658   1.00 5.91  ? 138  ASN A CB  1 
ATOM   880  C  CG  . ASN A 1 110 ? 7.365   -14.546 1.156   1.00 6.23  ? 138  ASN A CG  1 
ATOM   881  O  OD1 . ASN A 1 110 ? 7.846   -15.426 0.443   1.00 6.87  ? 138  ASN A OD1 1 
ATOM   882  N  ND2 . ASN A 1 110 ? 7.846   -14.246 2.356   1.00 6.29  ? 138  ASN A ND2 1 
ATOM   883  N  N   . PHE A 1 111 ? 5.014   -12.088 -2.344  1.00 5.04  ? 139  PHE A N   1 
ATOM   884  C  CA  . PHE A 1 111 ? 3.869   -11.444 -3.020  1.00 4.98  ? 139  PHE A CA  1 
ATOM   885  C  C   . PHE A 1 111 ? 3.893   -11.823 -4.500  1.00 5.09  ? 139  PHE A C   1 
ATOM   886  O  O   . PHE A 1 111 ? 4.979   -12.052 -5.071  1.00 5.36  ? 139  PHE A O   1 
ATOM   887  C  CB  . PHE A 1 111 ? 4.004   -9.913  -2.988  1.00 4.71  ? 139  PHE A CB  1 
ATOM   888  C  CG  . PHE A 1 111 ? 3.833   -9.271  -1.629  1.00 4.47  ? 139  PHE A CG  1 
ATOM   889  C  CD1 . PHE A 1 111 ? 4.778   -9.444  -0.604  1.00 4.49  ? 139  PHE A CD1 1 
ATOM   890  C  CD2 . PHE A 1 111 ? 2.772   -8.407  -1.410  1.00 4.35  ? 139  PHE A CD2 1 
ATOM   891  C  CE1 . PHE A 1 111 ? 4.613   -8.800  0.615   1.00 4.39  ? 139  PHE A CE1 1 
ATOM   892  C  CE2 . PHE A 1 111 ? 2.606   -7.757  -0.199  1.00 4.30  ? 139  PHE A CE2 1 
ATOM   893  C  CZ  . PHE A 1 111 ? 3.528   -7.944  0.821   1.00 4.32  ? 139  PHE A CZ  1 
ATOM   894  N  N   . ASP A 1 112 ? 2.719   -11.844 -5.131  1.00 5.13  ? 140  ASP A N   1 
ATOM   895  C  CA  . ASP A 1 112 ? 2.623   -11.836 -6.603  1.00 5.38  ? 140  ASP A CA  1 
ATOM   896  C  C   . ASP A 1 112 ? 2.180   -10.463 -7.066  1.00 5.42  ? 140  ASP A C   1 
ATOM   897  O  O   . ASP A 1 112 ? 1.343   -9.834  -6.420  1.00 5.20  ? 140  ASP A O   1 
ATOM   898  C  CB  . ASP A 1 112 ? 1.547   -12.808 -7.105  1.00 5.67  ? 140  ASP A CB  1 
ATOM   899  C  CG  . ASP A 1 112 ? 1.888   -14.255 -6.850  1.00 5.89  ? 140  ASP A CG  1 
ATOM   900  O  OD1 . ASP A 1 112 ? 3.061   -14.647 -6.984  1.00 6.36  ? 140  ASP A OD1 1 
ATOM   901  O  OD2 . ASP A 1 112 ? 0.957   -15.001 -6.522  1.00 6.05  ? 140  ASP A OD2 1 
ATOM   902  N  N   . LYS A 1 113 ? 2.701   -10.001 -8.197  1.00 5.39  ? 141  LYS A N   1 
ATOM   903  C  CA  . LYS A 1 113 ? 2.067   -8.869  -8.880  1.00 5.70  ? 141  LYS A CA  1 
ATOM   904  C  C   . LYS A 1 113 ? 0.673   -9.277  -9.346  1.00 5.46  ? 141  LYS A C   1 
ATOM   905  O  O   . LYS A 1 113 ? 0.474   -10.418 -9.807  1.00 5.45  ? 141  LYS A O   1 
ATOM   906  C  CB  . LYS A 1 113 ? 2.919   -8.404  -10.053 1.00 6.19  ? 141  LYS A CB  1 
ATOM   907  C  CG  . LYS A 1 113 ? 2.498   -7.063  -10.631 1.00 6.80  ? 141  LYS A CG  1 
ATOM   908  C  CD  . LYS A 1 113 ? 3.507   -6.602  -11.664 1.00 7.49  ? 141  LYS A CD  1 
ATOM   909  C  CE  . LYS A 1 113 ? 3.607   -5.095  -11.680 1.00 8.14  ? 141  LYS A CE  1 
ATOM   910  N  NZ  . LYS A 1 113 ? 4.563   -4.660  -12.730 1.00 8.75  ? 141  LYS A NZ  1 
ATOM   911  N  N   . ILE A 1 114 ? -0.286  -8.359  -9.195  1.00 5.22  ? 142  ILE A N   1 
ATOM   912  C  CA  . ILE A 1 114 ? -1.666  -8.634  -9.612  1.00 5.09  ? 142  ILE A CA  1 
ATOM   913  C  C   . ILE A 1 114 ? -2.293  -7.574  -10.508 1.00 5.20  ? 142  ILE A C   1 
ATOM   914  O  O   . ILE A 1 114 ? -3.405  -7.764  -10.987 1.00 5.06  ? 142  ILE A O   1 
ATOM   915  C  CB  . ILE A 1 114 ? -2.603  -8.948  -8.420  1.00 5.04  ? 142  ILE A CB  1 
ATOM   916  C  CG1 . ILE A 1 114 ? -2.605  -7.805  -7.379  1.00 4.91  ? 142  ILE A CG1 1 
ATOM   917  C  CG2 . ILE A 1 114 ? -2.231  -10.307 -7.825  1.00 5.03  ? 142  ILE A CG2 1 
ATOM   918  C  CD1 . ILE A 1 114 ? -3.767  -7.866  -6.392  1.00 5.00  ? 142  ILE A CD1 1 
ATOM   919  N  N   . ALA A 1 115 ? -1.582  -6.477  -10.749 1.00 5.33  ? 143  ALA A N   1 
ATOM   920  C  CA  . ALA A 1 115 ? -2.056  -5.447  -11.682 1.00 5.69  ? 143  ALA A CA  1 
ATOM   921  C  C   . ALA A 1 115 ? -0.920  -4.505  -12.016 1.00 5.98  ? 143  ALA A C   1 
ATOM   922  O  O   . ALA A 1 115 ? -0.012  -4.308  -11.215 1.00 5.81  ? 143  ALA A O   1 
ATOM   923  C  CB  . ALA A 1 115 ? -3.216  -4.665  -11.090 1.00 5.76  ? 143  ALA A CB  1 
ATOM   924  N  N   . SER A 1 116 ? -0.987  -3.927  -13.207 1.00 6.59  ? 144  SER A N   1 
ATOM   925  C  CA  . SER A 1 116 ? -0.012  -2.925  -13.620 1.00 7.24  ? 144  SER A CA  1 
ATOM   926  C  C   . SER A 1 116 ? -0.697  -1.983  -14.583 1.00 7.78  ? 144  SER A C   1 
ATOM   927  O  O   . SER A 1 116 ? -1.198  -2.413  -15.625 1.00 8.42  ? 144  SER A O   1 
ATOM   928  C  CB  . SER A 1 116 ? 1.204   -3.565  -14.282 1.00 7.64  ? 144  SER A CB  1 
ATOM   929  O  OG  . SER A 1 116 ? 2.188   -2.580  -14.574 1.00 8.38  ? 144  SER A OG  1 
ATOM   930  N  N   . ILE A 1 117 ? -0.749  -0.701  -14.232 1.00 7.98  ? 145  ILE A N   1 
ATOM   931  C  CA  . ILE A 1 117 ? -1.444  0.287   -15.048 1.00 8.43  ? 145  ILE A CA  1 
ATOM   932  C  C   . ILE A 1 117 ? -0.478  1.375   -15.477 1.00 8.52  ? 145  ILE A C   1 
ATOM   933  O  O   . ILE A 1 117 ? 0.145   1.997   -14.628 1.00 8.59  ? 145  ILE A O   1 
ATOM   934  C  CB  . ILE A 1 117 ? -2.619  0.908   -14.282 1.00 8.75  ? 145  ILE A CB  1 
ATOM   935  C  CG1 . ILE A 1 117 ? -3.596  -0.193  -13.851 1.00 8.97  ? 145  ILE A CG1 1 
ATOM   936  C  CG2 . ILE A 1 117 ? -3.336  1.949   -15.142 1.00 8.98  ? 145  ILE A CG2 1 
ATOM   937  C  CD1 . ILE A 1 117 ? -4.673  0.248   -12.888 1.00 9.82  ? 145  ILE A CD1 1 
ATOM   938  N  N   . ASP A 1 118 ? -0.359  1.602   -16.790 1.00 8.55  ? 146  ASP A N   1 
ATOM   939  C  CA  . ASP A 1 118 ? 0.549   2.613   -17.347 1.00 8.77  ? 146  ASP A CA  1 
ATOM   940  C  C   . ASP A 1 118 ? 0.000   4.012   -17.068 1.00 8.94  ? 146  ASP A C   1 
ATOM   941  O  O   . ASP A 1 118 ? -1.148  4.319   -17.387 1.00 9.40  ? 146  ASP A O   1 
ATOM   942  C  CB  . ASP A 1 118 ? 0.698   2.374   -18.866 1.00 8.78  ? 146  ASP A CB  1 
ATOM   943  C  CG  . ASP A 1 118 ? 1.851   3.154   -19.506 0.50 8.78  ? 146  ASP A CG  1 
ATOM   944  O  OD1 . ASP A 1 118 ? 2.332   4.154   -18.939 0.75 8.70  ? 146  ASP A OD1 1 
ATOM   945  O  OD2 . ASP A 1 118 ? 2.272   2.757   -20.617 0.50 9.27  ? 146  ASP A OD2 1 
ATOM   946  N  N   . GLY A 1 119 ? 0.843   4.858   -16.483 1.00 8.68  ? 147  GLY A N   1 
ATOM   947  C  CA  . GLY A 1 119 ? 0.482   6.252   -16.214 1.00 9.19  ? 147  GLY A CA  1 
ATOM   948  C  C   . GLY A 1 119 ? 0.578   7.163   -17.432 1.00 9.59  ? 147  GLY A C   1 
ATOM   949  O  O   . GLY A 1 119 ? 0.096   8.297   -17.399 1.00 9.63  ? 147  GLY A O   1 
ATOM   950  N  N   . LYS A 1 120 ? 1.237   6.676   -18.487 1.00 9.91  ? 148  LYS A N   1 
ATOM   951  C  CA  . LYS A 1 120 ? 1.371   7.391   -19.780 1.00 10.31 ? 148  LYS A CA  1 
ATOM   952  C  C   . LYS A 1 120 ? 2.104   8.741   -19.689 1.00 9.87  ? 148  LYS A C   1 
ATOM   953  O  O   . LYS A 1 120 ? 2.000   9.575   -20.591 1.00 9.73  ? 148  LYS A O   1 
ATOM   954  C  CB  . LYS A 1 120 ? 0.004   7.534   -20.479 1.00 10.96 ? 148  LYS A CB  1 
ATOM   955  C  CG  . LYS A 1 120 ? -0.721  6.223   -20.766 1.00 11.84 ? 148  LYS A CG  1 
ATOM   956  C  CD  . LYS A 1 120 ? -1.995  6.499   -21.551 1.00 12.62 ? 148  LYS A CD  1 
ATOM   957  C  CE  . LYS A 1 120 ? -2.807  5.231   -21.770 0.50 12.88 ? 148  LYS A CE  1 
ATOM   958  N  NZ  . LYS A 1 120 ? -4.218  5.551   -22.131 0.50 13.40 ? 148  LYS A NZ  1 
ATOM   959  N  N   . GLN A 1 121 ? 2.843   8.953   -18.599 1.00 9.39  ? 149  GLN A N   1 
ATOM   960  C  CA  . GLN A 1 121 ? 3.584   10.197  -18.388 1.00 9.26  ? 149  GLN A CA  1 
ATOM   961  C  C   . GLN A 1 121 ? 2.641   11.389  -18.438 1.00 9.31  ? 149  GLN A C   1 
ATOM   962  O  O   . GLN A 1 121 ? 2.942   12.413  -19.057 1.00 9.67  ? 149  GLN A O   1 
ATOM   963  C  CB  . GLN A 1 121 ? 4.746   10.332  -19.388 1.00 9.26  ? 149  GLN A CB  1 
ATOM   964  C  CG  . GLN A 1 121 ? 5.898   9.386   -19.092 1.00 9.02  ? 149  GLN A CG  1 
ATOM   965  C  CD  . GLN A 1 121 ? 6.743   9.817   -17.899 1.00 9.14  ? 149  GLN A CD  1 
ATOM   966  O  OE1 . GLN A 1 121 ? 6.553   10.898  -17.328 1.00 9.08  ? 149  GLN A OE1 1 
ATOM   967  N  NE2 . GLN A 1 121 ? 7.698   8.983   -17.534 1.00 8.97  ? 149  GLN A NE2 1 
ATOM   968  N  N   . GLU A 1 122 ? 1.497   11.231  -17.783 1.00 9.27  ? 150  GLU A N   1 
ATOM   969  C  CA  . GLU A 1 122 ? 0.505   12.288  -17.623 1.00 9.50  ? 150  GLU A CA  1 
ATOM   970  C  C   . GLU A 1 122 ? 0.332   12.606  -16.141 1.00 9.34  ? 150  GLU A C   1 
ATOM   971  O  O   . GLU A 1 122 ? 0.778   11.830  -15.281 1.00 8.99  ? 150  GLU A O   1 
ATOM   972  C  CB  . GLU A 1 122 ? -0.828  11.874  -18.252 1.00 10.01 ? 150  GLU A CB  1 
ATOM   973  C  CG  . GLU A 1 122 ? -0.739  11.681  -19.759 1.00 10.55 ? 150  GLU A CG  1 
ATOM   974  C  CD  . GLU A 1 122 ? -1.998  11.123  -20.394 1.00 11.19 ? 150  GLU A CD  1 
ATOM   975  O  OE1 . GLU A 1 122 ? -3.069  11.123  -19.751 0.50 11.19 ? 150  GLU A OE1 1 
ATOM   976  O  OE2 . GLU A 1 122 ? -1.902  10.681  -21.564 1.00 11.96 ? 150  GLU A OE2 1 
ATOM   977  N  N   . VAL A 1 123 ? -0.292  13.746  -15.849 1.00 9.28  ? 151  VAL A N   1 
ATOM   978  C  CA  . VAL A 1 123 ? -0.533  14.166  -14.463 1.00 9.22  ? 151  VAL A CA  1 
ATOM   979  C  C   . VAL A 1 123 ? -1.949  13.766  -14.052 1.00 9.04  ? 151  VAL A C   1 
ATOM   980  O  O   . VAL A 1 123 ? -2.929  14.303  -14.566 1.00 9.28  ? 151  VAL A O   1 
ATOM   981  C  CB  . VAL A 1 123 ? -0.281  15.685  -14.230 1.00 9.24  ? 151  VAL A CB  1 
ATOM   982  C  CG1 . VAL A 1 123 ? -0.457  16.037  -12.751 1.00 9.48  ? 151  VAL A CG1 1 
ATOM   983  C  CG2 . VAL A 1 123 ? 1.113   16.090  -14.707 1.00 9.46  ? 151  VAL A CG2 1 
ATOM   984  N  N   . PRO A 1 124 ? -2.068  12.802  -13.132 1.00 8.86  ? 152  PRO A N   1 
ATOM   985  C  CA  . PRO A 1 124 ? -3.399  12.356  -12.718 1.00 9.06  ? 152  PRO A CA  1 
ATOM   986  C  C   . PRO A 1 124 ? -4.165  13.402  -11.908 1.00 9.10  ? 152  PRO A C   1 
ATOM   987  O  O   . PRO A 1 124 ? -3.578  14.362  -11.380 1.00 9.03  ? 152  PRO A O   1 
ATOM   988  C  CB  . PRO A 1 124 ? -3.112  11.110  -11.866 1.00 9.09  ? 152  PRO A CB  1 
ATOM   989  C  CG  . PRO A 1 124 ? -1.722  11.301  -11.368 1.00 9.23  ? 152  PRO A CG  1 
ATOM   990  C  CD  . PRO A 1 124 ? -0.992  12.123  -12.389 1.00 8.94  ? 152  PRO A CD  1 
ATOM   991  N  N   . ASN A 1 125 ? -5.471  13.196  -11.807 1.00 9.53  ? 153  ASN A N   1 
ATOM   992  C  CA  . ASN A 1 125 ? -6.306  13.982  -10.916 1.00 9.75  ? 153  ASN A CA  1 
ATOM   993  C  C   . ASN A 1 125 ? -5.944  13.694  -9.459  1.00 9.07  ? 153  ASN A C   1 
ATOM   994  O  O   . ASN A 1 125 ? -5.217  12.738  -9.170  1.00 8.61  ? 153  ASN A O   1 
ATOM   995  C  CB  . ASN A 1 125 ? -7.781  13.666  -11.172 1.00 10.97 ? 153  ASN A CB  1 
ATOM   996  C  CG  . ASN A 1 125 ? -8.178  13.890  -12.619 0.50 12.05 ? 153  ASN A CG  1 
ATOM   997  O  OD1 . ASN A 1 125 ? -8.740  13.007  -13.268 0.75 13.54 ? 153  ASN A OD1 1 
ATOM   998  N  ND2 . ASN A 1 125 ? -7.861  15.065  -13.139 1.00 13.18 ? 153  ASN A ND2 1 
ATOM   999  N  N   . LYS A 1 126 ? -6.444  14.529  -8.556  1.00 8.74  ? 154  LYS A N   1 
ATOM   1000 C  CA  A LYS A 1 126 ? -6.203  14.385  -7.118  0.50 8.55  ? 154  LYS A CA  1 
ATOM   1001 C  CA  B LYS A 1 126 ? -6.168  14.359  -7.130  0.50 8.42  ? 154  LYS A CA  1 
ATOM   1002 C  C   . LYS A 1 126 ? -6.840  13.122  -6.525  1.00 8.04  ? 154  LYS A C   1 
ATOM   1003 O  O   . LYS A 1 126 ? -6.409  12.631  -5.483  1.00 7.91  ? 154  LYS A O   1 
ATOM   1004 C  CB  A LYS A 1 126 ? -6.704  15.625  -6.374  0.50 9.07  ? 154  LYS A CB  1 
ATOM   1005 C  CB  B LYS A 1 126 ? -6.515  15.628  -6.349  0.50 8.75  ? 154  LYS A CB  1 
ATOM   1006 C  CG  A LYS A 1 126 ? -5.935  16.897  -6.702  0.50 9.55  ? 154  LYS A CG  1 
ATOM   1007 C  CG  B LYS A 1 126 ? -5.366  16.627  -6.310  0.50 8.84  ? 154  LYS A CG  1 
ATOM   1008 C  CD  A LYS A 1 126 ? -6.369  18.047  -5.809  0.50 9.96  ? 154  LYS A CD  1 
ATOM   1009 C  CD  B LYS A 1 126 ? -5.776  17.949  -5.687  0.50 9.27  ? 154  LYS A CD  1 
ATOM   1010 C  CE  A LYS A 1 126 ? -5.854  17.861  -4.388  0.50 10.44 ? 154  LYS A CE  1 
ATOM   1011 C  CE  B LYS A 1 126 ? -6.741  18.704  -6.587  0.50 9.43  ? 154  LYS A CE  1 
ATOM   1012 N  NZ  A LYS A 1 126 ? -4.383  17.658  -4.309  0.50 10.69 ? 154  LYS A NZ  1 
ATOM   1013 N  NZ  B LYS A 1 126 ? -6.053  19.482  -7.661  0.50 9.72  ? 154  LYS A NZ  1 
ATOM   1014 N  N   . VAL A 1 127 ? -7.878  12.609  -7.184  1.00 7.59  ? 155  VAL A N   1 
ATOM   1015 C  CA  . VAL A 1 127 ? -8.498  11.350  -6.779  1.00 7.33  ? 155  VAL A CA  1 
ATOM   1016 C  C   . VAL A 1 127 ? -8.345  10.403  -7.960  1.00 7.34  ? 155  VAL A C   1 
ATOM   1017 O  O   . VAL A 1 127 ? -8.763  10.721  -9.079  1.00 7.75  ? 155  VAL A O   1 
ATOM   1018 C  CB  . VAL A 1 127 ? -9.981  11.542  -6.381  1.00 7.09  ? 155  VAL A CB  1 
ATOM   1019 C  CG1 . VAL A 1 127 ? -10.662 10.206  -6.124  1.00 6.97  ? 155  VAL A CG1 1 
ATOM   1020 C  CG2 . VAL A 1 127 ? -10.088 12.433  -5.149  1.00 6.95  ? 155  VAL A CG2 1 
ATOM   1021 N  N   . VAL A 1 128 ? -7.701  9.259   -7.726  1.00 7.23  ? 156  VAL A N   1 
ATOM   1022 C  CA  . VAL A 1 128 ? -7.453  8.274   -8.794  1.00 7.40  ? 156  VAL A CA  1 
ATOM   1023 C  C   . VAL A 1 128 ? -8.165  6.982   -8.410  1.00 7.39  ? 156  VAL A C   1 
ATOM   1024 O  O   . VAL A 1 128 ? -7.929  6.420   -7.331  1.00 7.22  ? 156  VAL A O   1 
ATOM   1025 C  CB  . VAL A 1 128 ? -5.947  8.002   -9.005  1.00 7.39  ? 156  VAL A CB  1 
ATOM   1026 C  CG1 . VAL A 1 128 ? -5.724  6.892   -10.034 1.00 7.53  ? 156  VAL A CG1 1 
ATOM   1027 C  CG2 . VAL A 1 128 ? -5.232  9.282   -9.435  1.00 7.55  ? 156  VAL A CG2 1 
ATOM   1028 N  N   . LYS A 1 129 ? -9.033  6.516   -9.301  1.00 7.79  ? 157  LYS A N   1 
ATOM   1029 C  CA  . LYS A 1 129 ? -9.845  5.329   -9.052  1.00 8.27  ? 157  LYS A CA  1 
ATOM   1030 C  C   . LYS A 1 129 ? -9.446  4.246   -10.047 1.00 8.06  ? 157  LYS A C   1 
ATOM   1031 O  O   . LYS A 1 129 ? -9.478  4.469   -11.262 1.00 8.24  ? 157  LYS A O   1 
ATOM   1032 C  CB  . LYS A 1 129 ? -11.336 5.673   -9.196  1.00 9.09  ? 157  LYS A CB  1 
ATOM   1033 C  CG  . LYS A 1 129 ? -11.815 6.804   -8.300  1.00 9.78  ? 157  LYS A CG  1 
ATOM   1034 C  CD  . LYS A 1 129 ? -13.176 7.309   -8.751  0.50 10.00 ? 157  LYS A CD  1 
ATOM   1035 C  CE  . LYS A 1 129 ? -13.653 8.462   -7.890  0.50 10.12 ? 157  LYS A CE  1 
ATOM   1036 N  NZ  . LYS A 1 129 ? -15.013 8.890   -8.310  0.50 10.51 ? 157  LYS A NZ  1 
ATOM   1037 N  N   . GLN A 1 130 ? -9.068  3.072   -9.525  1.00 7.82  ? 158  GLN A N   1 
ATOM   1038 C  CA  . GLN A 1 130 ? -8.656  1.928   -10.349 1.00 7.67  ? 158  GLN A CA  1 
ATOM   1039 C  C   . GLN A 1 130 ? -9.326  0.673   -9.821  1.00 7.70  ? 158  GLN A C   1 
ATOM   1040 O  O   . GLN A 1 130 ? -9.756  0.641   -8.671  0.50 7.45  ? 158  GLN A O   1 
ATOM   1041 C  CB  . GLN A 1 130 ? -7.121  1.782   -10.371 1.00 7.61  ? 158  GLN A CB  1 
ATOM   1042 C  CG  . GLN A 1 130 ? -6.435  3.016   -10.963 1.00 7.63  ? 158  GLN A CG  1 
ATOM   1043 C  CD  . GLN A 1 130 ? -4.931  3.027   -10.805 1.00 7.72  ? 158  GLN A CD  1 
ATOM   1044 O  OE1 . GLN A 1 130 ? -4.347  2.338   -9.955  1.00 7.77  ? 158  GLN A OE1 1 
ATOM   1045 N  NE2 . GLN A 1 130 ? -4.292  3.834   -11.626 1.00 7.82  ? 158  GLN A NE2 1 
ATOM   1046 N  N   . THR A 1 131 ? -9.491  -0.321  -10.683 1.00 7.50  ? 159  THR A N   1 
ATOM   1047 C  CA  . THR A 1 131 ? -10.065 -1.598  -10.266 1.00 7.48  ? 159  THR A CA  1 
ATOM   1048 C  C   . THR A 1 131 ? -9.042  -2.688  -10.562 1.00 7.33  ? 159  THR A C   1 
ATOM   1049 O  O   . THR A 1 131 ? -8.495  -2.752  -11.661 1.00 7.79  ? 159  THR A O   1 
ATOM   1050 C  CB  . THR A 1 131 ? -11.418 -1.880  -10.972 1.00 7.86  ? 159  THR A CB  1 
ATOM   1051 O  OG1 . THR A 1 131 ? -12.313 -0.783  -10.754 1.00 8.25  ? 159  THR A OG1 1 
ATOM   1052 C  CG2 . THR A 1 131 ? -12.093 -3.141  -10.420 1.00 8.06  ? 159  THR A CG2 1 
ATOM   1053 N  N   . ILE A 1 132 ? -8.746  -3.496  -9.554  1.00 7.00  ? 160  ILE A N   1 
ATOM   1054 C  CA  . ILE A 1 132 ? -7.813  -4.615  -9.693  1.00 6.75  ? 160  ILE A CA  1 
ATOM   1055 C  C   . ILE A 1 132 ? -8.548  -5.892  -9.307  1.00 6.72  ? 160  ILE A C   1 
ATOM   1056 O  O   . ILE A 1 132 ? -9.571  -5.820  -8.634  1.00 7.03  ? 160  ILE A O   1 
ATOM   1057 C  CB  . ILE A 1 132 ? -6.529  -4.400  -8.846  1.00 6.75  ? 160  ILE A CB  1 
ATOM   1058 C  CG1 . ILE A 1 132 ? -6.805  -4.468  -7.337  1.00 6.77  ? 160  ILE A CG1 1 
ATOM   1059 C  CG2 . ILE A 1 132 ? -5.860  -3.072  -9.226  1.00 6.83  ? 160  ILE A CG2 1 
ATOM   1060 C  CD1 . ILE A 1 132 ? -5.545  -4.400  -6.490  1.00 6.84  ? 160  ILE A CD1 1 
ATOM   1061 N  N   . ASN A 1 133 ? -8.041  -7.042  -9.735  1.00 6.43  ? 161  ASN A N   1 
ATOM   1062 C  CA  . ASN A 1 133 ? -8.642  -8.323  -9.362  1.00 6.27  ? 161  ASN A CA  1 
ATOM   1063 C  C   . ASN A 1 133 ? -7.870  -9.025  -8.257  1.00 5.78  ? 161  ASN A C   1 
ATOM   1064 O  O   . ASN A 1 133 ? -6.681  -9.253  -8.369  1.00 5.63  ? 161  ASN A O   1 
ATOM   1065 C  CB  . ASN A 1 133 ? -8.760  -9.259  -10.576 1.00 7.05  ? 161  ASN A CB  1 
ATOM   1066 C  CG  . ASN A 1 133 ? -9.912  -8.896  -11.496 1.00 7.56  ? 161  ASN A CG  1 
ATOM   1067 O  OD1 . ASN A 1 133 ? -11.034 -8.629  -11.046 1.00 8.69  ? 161  ASN A OD1 1 
ATOM   1068 N  ND2 . ASN A 1 133 ? -9.655  -8.940  -12.797 0.75 7.96  ? 161  ASN A ND2 1 
ATOM   1069 N  N   . ILE A 1 134 ? -8.580  -9.386  -7.195  1.00 5.29  ? 162  ILE A N   1 
ATOM   1070 C  CA  . ILE A 1 134 ? -8.018  -10.169 -6.116  1.00 5.18  ? 162  ILE A CA  1 
ATOM   1071 C  C   . ILE A 1 134 ? -8.179  -11.653 -6.466  1.00 4.97  ? 162  ILE A C   1 
ATOM   1072 O  O   . ILE A 1 134 ? -9.311  -12.147 -6.595  1.00 4.89  ? 162  ILE A O   1 
ATOM   1073 C  CB  . ILE A 1 134 ? -8.734  -9.842  -4.787  1.00 5.20  ? 162  ILE A CB  1 
ATOM   1074 C  CG1 . ILE A 1 134 ? -8.647  -8.340  -4.463  1.00 5.32  ? 162  ILE A CG1 1 
ATOM   1075 C  CG2 . ILE A 1 134 ? -8.150  -10.664 -3.637  1.00 5.26  ? 162  ILE A CG2 1 
ATOM   1076 C  CD1 . ILE A 1 134 ? -7.242  -7.778  -4.432  1.00 5.41  ? 162  ILE A CD1 1 
ATOM   1077 N  N   . PRO A 1 135 ? -7.055  -12.381 -6.621  1.00 4.93  ? 163  PRO A N   1 
ATOM   1078 C  CA  . PRO A 1 135 ? -7.157  -13.799 -7.015  1.00 4.91  ? 163  PRO A CA  1 
ATOM   1079 C  C   . PRO A 1 135 ? -7.929  -14.664 -6.018  1.00 4.94  ? 163  PRO A C   1 
ATOM   1080 O  O   . PRO A 1 135 ? -7.889  -14.429 -4.813  1.00 4.89  ? 163  PRO A O   1 
ATOM   1081 C  CB  . PRO A 1 135 ? -5.693  -14.243 -7.108  1.00 4.90  ? 163  PRO A CB  1 
ATOM   1082 C  CG  . PRO A 1 135 ? -4.938  -12.980 -7.402  1.00 4.92  ? 163  PRO A CG  1 
ATOM   1083 C  CD  . PRO A 1 135 ? -5.649  -11.924 -6.594  1.00 4.86  ? 163  PRO A CD  1 
ATOM   1084 N  N   . THR A 1 136 ? -8.606  -15.682 -6.531  1.00 4.88  ? 164  THR A N   1 
ATOM   1085 C  CA  . THR A 1 136 ? -9.536  -16.452 -5.718  1.00 4.98  ? 164  THR A CA  1 
ATOM   1086 C  C   . THR A 1 136 ? -8.890  -17.518 -4.839  1.00 5.10  ? 164  THR A C   1 
ATOM   1087 O  O   . THR A 1 136 ? -9.611  -18.240 -4.136  1.00 5.37  ? 164  THR A O   1 
ATOM   1088 C  CB  . THR A 1 136 ? -10.611 -17.106 -6.600  1.00 4.93  ? 164  THR A CB  1 
ATOM   1089 O  OG1 . THR A 1 136 ? -9.959  -17.834 -7.653  1.00 5.01  ? 164  THR A OG1 1 
ATOM   1090 C  CG2 . THR A 1 136 ? -11.532 -16.034 -7.212  1.00 4.81  ? 164  THR A CG2 1 
ATOM   1091 N  N   . ASP A 1 137 ? -7.561  -17.618 -4.860  1.00 5.06  ? 165  ASP A N   1 
ATOM   1092 C  CA  . ASP A 1 137 ? -6.843  -18.471 -3.906  1.00 5.14  ? 165  ASP A CA  1 
ATOM   1093 C  C   . ASP A 1 137 ? -6.433  -17.732 -2.625  1.00 5.39  ? 165  ASP A C   1 
ATOM   1094 O  O   . ASP A 1 137 ? -5.756  -18.312 -1.768  1.00 5.87  ? 165  ASP A O   1 
ATOM   1095 C  CB  . ASP A 1 137 ? -5.626  -19.156 -4.537  1.00 4.94  ? 165  ASP A CB  1 
ATOM   1096 C  CG  . ASP A 1 137 ? -4.603  -18.185 -5.087  1.00 4.83  ? 165  ASP A CG  1 
ATOM   1097 O  OD1 . ASP A 1 137 ? -4.873  -16.977 -5.211  1.00 4.83  ? 165  ASP A OD1 1 
ATOM   1098 O  OD2 . ASP A 1 137 ? -3.504  -18.668 -5.403  1.00 4.78  ? 165  ASP A OD2 1 
ATOM   1099 N  N   . ARG A 1 138 ? -6.836  -16.472 -2.500  1.00 5.51  ? 166  ARG A N   1 
ATOM   1100 C  CA  . ARG A 1 138 ? -6.560  -15.707 -1.286  1.00 5.62  ? 166  ARG A CA  1 
ATOM   1101 C  C   . ARG A 1 138 ? -7.786  -15.681 -0.396  1.00 5.71  ? 166  ARG A C   1 
ATOM   1102 O  O   . ARG A 1 138 ? -8.899  -15.352 -0.854  1.00 6.08  ? 166  ARG A O   1 
ATOM   1103 C  CB  . ARG A 1 138 ? -6.175  -14.272 -1.629  1.00 5.57  ? 166  ARG A CB  1 
ATOM   1104 C  CG  . ARG A 1 138 ? -4.697  -14.012 -1.852  1.00 5.54  ? 166  ARG A CG  1 
ATOM   1105 C  CD  . ARG A 1 138 ? -4.071  -14.817 -2.977  1.00 5.26  ? 166  ARG A CD  1 
ATOM   1106 N  NE  . ARG A 1 138 ? -2.743  -14.308 -3.316  1.00 4.99  ? 166  ARG A NE  1 
ATOM   1107 C  CZ  . ARG A 1 138 ? -2.133  -14.478 -4.481  1.00 4.87  ? 166  ARG A CZ  1 
ATOM   1108 N  NH1 . ARG A 1 138 ? -2.722  -15.150 -5.472  1.00 4.85  ? 166  ARG A NH1 1 
ATOM   1109 N  NH2 . ARG A 1 138 ? -0.931  -13.932 -4.671  1.00 4.80  ? 166  ARG A NH2 1 
ATOM   1110 N  N   . LYS A 1 139 ? -7.565  -16.025 0.873   1.00 5.77  ? 167  LYS A N   1 
ATOM   1111 C  CA  A LYS A 1 139 ? -8.602  -15.904 1.892   0.50 5.66  ? 167  LYS A CA  1 
ATOM   1112 C  CA  B LYS A 1 139 ? -8.586  -15.994 1.917   0.50 5.67  ? 167  LYS A CA  1 
ATOM   1113 C  C   . LYS A 1 139 ? -7.947  -15.462 3.190   1.00 5.51  ? 167  LYS A C   1 
ATOM   1114 O  O   . LYS A 1 139 ? -6.754  -15.710 3.430   1.00 5.45  ? 167  LYS A O   1 
ATOM   1115 C  CB  A LYS A 1 139 ? -9.362  -17.227 2.080   0.50 5.92  ? 167  LYS A CB  1 
ATOM   1116 C  CB  B LYS A 1 139 ? -9.117  -17.407 2.181   0.50 5.92  ? 167  LYS A CB  1 
ATOM   1117 C  CG  A LYS A 1 139 ? -10.664 -17.145 2.884   0.50 6.16  ? 167  LYS A CG  1 
ATOM   1118 C  CG  B LYS A 1 139 ? -10.150 -17.486 3.301   0.50 6.17  ? 167  LYS A CG  1 
ATOM   1119 C  CD  A LYS A 1 139 ? -11.368 -18.496 2.896   0.50 6.35  ? 167  LYS A CD  1 
ATOM   1120 C  CD  B LYS A 1 139 ? -10.787 -18.854 3.406   0.50 6.40  ? 167  LYS A CD  1 
ATOM   1121 C  CE  A LYS A 1 139 ? -12.541 -18.533 3.864   0.50 6.44  ? 167  LYS A CE  1 
ATOM   1122 C  CE  B LYS A 1 139 ? -12.039 -18.798 4.272   0.50 6.56  ? 167  LYS A CE  1 
ATOM   1123 N  NZ  A LYS A 1 139 ? -12.171 -18.211 5.273   0.50 6.52  ? 167  LYS A NZ  1 
ATOM   1124 N  NZ  B LYS A 1 139 ? -13.080 -17.838 3.788   0.50 6.80  ? 167  LYS A NZ  1 
ATOM   1125 N  N   . GLY A 1 140 ? -8.723  -14.764 4.010   1.00 5.19  ? 168  GLY A N   1 
ATOM   1126 C  CA  . GLY A 1 140 ? -8.213  -14.295 5.288   1.00 4.72  ? 168  GLY A CA  1 
ATOM   1127 C  C   . GLY A 1 140 ? -7.314  -13.087 5.144   1.00 4.46  ? 168  GLY A C   1 
ATOM   1128 O  O   . GLY A 1 140 ? -7.443  -12.319 4.187   1.00 4.37  ? 168  GLY A O   1 
ATOM   1129 N  N   . TYR A 1 141 ? -6.440  -12.902 6.121   1.00 4.17  ? 169  TYR A N   1 
ATOM   1130 C  CA  . TYR A 1 141 ? -5.572  -11.722 6.133   1.00 4.06  ? 169  TYR A CA  1 
ATOM   1131 C  C   . TYR A 1 141 ? -4.512  -11.771 5.041   1.00 4.02  ? 169  TYR A C   1 
ATOM   1132 O  O   . TYR A 1 141 ? -3.693  -12.693 4.983   1.00 4.26  ? 169  TYR A O   1 
ATOM   1133 C  CB  . TYR A 1 141 ? -4.925  -11.591 7.506   1.00 4.12  ? 169  TYR A CB  1 
ATOM   1134 C  CG  . TYR A 1 141 ? -3.933  -10.463 7.690   1.00 3.99  ? 169  TYR A CG  1 
ATOM   1135 C  CD1 . TYR A 1 141 ? -4.044  -9.249  6.984   1.00 4.01  ? 169  TYR A CD1 1 
ATOM   1136 C  CD2 . TYR A 1 141 ? -2.894  -10.601 8.618   1.00 3.93  ? 169  TYR A CD2 1 
ATOM   1137 C  CE1 . TYR A 1 141 ? -3.123  -8.232  7.191   1.00 3.98  ? 169  TYR A CE1 1 
ATOM   1138 C  CE2 . TYR A 1 141 ? -1.984  -9.585  8.836   1.00 3.95  ? 169  TYR A CE2 1 
ATOM   1139 C  CZ  . TYR A 1 141 ? -2.113  -8.402  8.125   1.00 3.88  ? 169  TYR A CZ  1 
ATOM   1140 O  OH  . TYR A 1 141 ? -1.203  -7.389  8.350   1.00 3.84  ? 169  TYR A OH  1 
ATOM   1141 N  N   . HIS A 1 142 ? -4.545  -10.740 4.197   1.00 3.86  ? 170  HIS A N   1 
ATOM   1142 C  CA  . HIS A 1 142 ? -3.509  -10.499 3.182   1.00 3.69  ? 170  HIS A CA  1 
ATOM   1143 C  C   . HIS A 1 142 ? -3.080  -9.069  3.172   1.00 3.62  ? 170  HIS A C   1 
ATOM   1144 O  O   . HIS A 1 142 ? -3.800  -8.191  3.663   1.00 3.61  ? 170  HIS A O   1 
ATOM   1145 C  CB  . HIS A 1 142 ? -4.029  -10.930 1.814   1.00 3.68  ? 170  HIS A CB  1 
ATOM   1146 C  CG  . HIS A 1 142 ? -4.020  -12.405 1.660   1.00 3.62  ? 170  HIS A CG  1 
ATOM   1147 N  ND1 . HIS A 1 142 ? -2.914  -13.079 1.280   1.00 3.61  ? 170  HIS A ND1 1 
ATOM   1148 C  CD2 . HIS A 1 142 ? -4.991  -13.359 1.940   1.00 3.60  ? 170  HIS A CD2 1 
ATOM   1149 C  CE1 . HIS A 1 142 ? -3.167  -14.392 1.284   1.00 3.61  ? 170  HIS A CE1 1 
ATOM   1150 N  NE2 . HIS A 1 142 ? -4.442  -14.569 1.692   1.00 3.58  ? 170  HIS A NE2 1 
ATOM   1151 N  N   . VAL A 1 143 ? -1.888  -8.825  2.623   1.00 3.57  ? 171  VAL A N   1 
ATOM   1152 C  CA  . VAL A 1 143 ? -1.396  -7.463  2.426   1.00 3.60  ? 171  VAL A CA  1 
ATOM   1153 C  C   . VAL A 1 143 ? -1.311  -7.167  0.931   1.00 3.63  ? 171  VAL A C   1 
ATOM   1154 O  O   . VAL A 1 143 ? -0.694  -7.924  0.164   1.00 3.60  ? 171  VAL A O   1 
ATOM   1155 C  CB  . VAL A 1 143 ? -0.014  -7.245  3.093   1.00 3.60  ? 171  VAL A CB  1 
ATOM   1156 C  CG1 . VAL A 1 143 ? 0.510   -5.842  2.809   1.00 3.66  ? 171  VAL A CG1 1 
ATOM   1157 C  CG2 . VAL A 1 143 ? -0.122  -7.449  4.599   1.00 3.61  ? 171  VAL A CG2 1 
ATOM   1158 N  N   . ILE A 1 144 ? -1.953  -6.066  0.533   1.00 3.60  ? 172  ILE A N   1 
ATOM   1159 C  CA  . ILE A 1 144 ? -1.785  -5.511  -0.820  1.00 3.69  ? 172  ILE A CA  1 
ATOM   1160 C  C   . ILE A 1 144 ? -0.708  -4.452  -0.756  1.00 3.68  ? 172  ILE A C   1 
ATOM   1161 O  O   . ILE A 1 144 ? -0.672  -3.649  0.172   1.00 3.68  ? 172  ILE A O   1 
ATOM   1162 C  CB  . ILE A 1 144 ? -3.097  -4.912  -1.368  1.00 3.75  ? 172  ILE A CB  1 
ATOM   1163 C  CG1 . ILE A 1 144 ? -4.170  -6.003  -1.454  1.00 3.86  ? 172  ILE A CG1 1 
ATOM   1164 C  CG2 . ILE A 1 144 ? -2.868  -4.237  -2.732  1.00 3.83  ? 172  ILE A CG2 1 
ATOM   1165 C  CD1 . ILE A 1 144 ? -5.559  -5.465  -1.718  1.00 3.97  ? 172  ILE A CD1 1 
ATOM   1166 N  N   . TYR A 1 145 ? 0.205   -4.487  -1.723  1.00 3.67  ? 173  TYR A N   1 
ATOM   1167 C  CA  . TYR A 1 145 ? 1.246   -3.462  -1.810  1.00 3.80  ? 173  TYR A CA  1 
ATOM   1168 C  C   . TYR A 1 145 ? 1.032   -2.647  -3.080  1.00 3.86  ? 173  TYR A C   1 
ATOM   1169 O  O   . TYR A 1 145 ? 1.140   -3.174  -4.196  1.00 3.90  ? 173  TYR A O   1 
ATOM   1170 C  CB  . TYR A 1 145 ? 2.626   -4.109  -1.782  1.00 3.87  ? 173  TYR A CB  1 
ATOM   1171 C  CG  . TYR A 1 145 ? 3.771   -3.210  -1.314  1.00 3.93  ? 173  TYR A CG  1 
ATOM   1172 C  CD1 . TYR A 1 145 ? 3.681   -2.425  -0.141  1.00 4.02  ? 173  TYR A CD1 1 
ATOM   1173 C  CD2 . TYR A 1 145 ? 4.968   -3.192  -2.028  1.00 3.98  ? 173  TYR A CD2 1 
ATOM   1174 C  CE1 . TYR A 1 145 ? 4.753   -1.637  0.283   1.00 4.07  ? 173  TYR A CE1 1 
ATOM   1175 C  CE2 . TYR A 1 145 ? 6.038   -2.417  -1.615  1.00 4.02  ? 173  TYR A CE2 1 
ATOM   1176 C  CZ  . TYR A 1 145 ? 5.930   -1.656  -0.456  1.00 4.05  ? 173  TYR A CZ  1 
ATOM   1177 O  OH  . TYR A 1 145 ? 7.020   -0.906  -0.057  1.00 4.14  ? 173  TYR A OH  1 
ATOM   1178 N  N   . ALA A 1 146 ? 0.674   -1.382  -2.896  1.00 3.87  ? 174  ALA A N   1 
ATOM   1179 C  CA  . ALA A 1 146 ? 0.333   -0.481  -4.002  1.00 3.93  ? 174  ALA A CA  1 
ATOM   1180 C  C   . ALA A 1 146 ? 1.469   0.505   -4.209  1.00 3.98  ? 174  ALA A C   1 
ATOM   1181 O  O   . ALA A 1 146 ? 1.899   1.156   -3.251  1.00 4.08  ? 174  ALA A O   1 
ATOM   1182 C  CB  . ALA A 1 146 ? -0.962  0.263   -3.709  1.00 4.04  ? 174  ALA A CB  1 
ATOM   1183 N  N   . VAL A 1 147 ? 1.960   0.595   -5.442  1.00 3.98  ? 175  VAL A N   1 
ATOM   1184 C  CA  . VAL A 1 147 ? 3.161   1.379   -5.740  1.00 4.07  ? 175  VAL A CA  1 
ATOM   1185 C  C   . VAL A 1 147 ? 2.903   2.365   -6.875  1.00 4.13  ? 175  VAL A C   1 
ATOM   1186 O  O   . VAL A 1 147 ? 2.647   1.969   -8.012  1.00 4.14  ? 175  VAL A O   1 
ATOM   1187 C  CB  . VAL A 1 147 ? 4.371   0.477   -6.095  1.00 4.09  ? 175  VAL A CB  1 
ATOM   1188 C  CG1 . VAL A 1 147 ? 5.627   1.326   -6.309  1.00 4.23  ? 175  VAL A CG1 1 
ATOM   1189 C  CG2 . VAL A 1 147 ? 4.631   -0.571  -5.008  1.00 4.16  ? 175  VAL A CG2 1 
ATOM   1190 N  N   . TRP A 1 148 ? 2.978   3.649   -6.546  1.00 4.12  ? 176  TRP A N   1 
ATOM   1191 C  CA  . TRP A 1 148 ? 2.770   4.732   -7.508  1.00 4.14  ? 176  TRP A CA  1 
ATOM   1192 C  C   . TRP A 1 148 ? 4.121   5.191   -7.994  1.00 4.13  ? 176  TRP A C   1 
ATOM   1193 O  O   . TRP A 1 148 ? 4.883   5.807   -7.245  1.00 4.05  ? 176  TRP A O   1 
ATOM   1194 C  CB  . TRP A 1 148 ? 1.988   5.857   -6.822  1.00 4.20  ? 176  TRP A CB  1 
ATOM   1195 C  CG  . TRP A 1 148 ? 1.844   7.129   -7.614  1.00 4.27  ? 176  TRP A CG  1 
ATOM   1196 C  CD1 . TRP A 1 148 ? 1.780   7.275   -8.997  1.00 4.35  ? 176  TRP A CD1 1 
ATOM   1197 C  CD2 . TRP A 1 148 ? 1.724   8.481   -7.076  1.00 4.28  ? 176  TRP A CD2 1 
ATOM   1198 N  NE1 . TRP A 1 148 ? 1.638   8.599   -9.342  1.00 4.29  ? 176  TRP A NE1 1 
ATOM   1199 C  CE2 . TRP A 1 148 ? 1.577   9.371   -8.225  1.00 4.31  ? 176  TRP A CE2 1 
ATOM   1200 C  CE3 . TRP A 1 148 ? 1.684   9.021   -5.791  1.00 4.27  ? 176  TRP A CE3 1 
ATOM   1201 C  CZ2 . TRP A 1 148 ? 1.448   10.746  -8.075  1.00 4.28  ? 176  TRP A CZ2 1 
ATOM   1202 C  CZ3 . TRP A 1 148 ? 1.556   10.404  -5.656  1.00 4.29  ? 176  TRP A CZ3 1 
ATOM   1203 C  CH2 . TRP A 1 148 ? 1.436   11.241  -6.768  1.00 4.24  ? 176  TRP A CH2 1 
ATOM   1204 N  N   . GLY A 1 149 ? 4.438   4.878   -9.250  1.00 4.22  ? 177  GLY A N   1 
ATOM   1205 C  CA  . GLY A 1 149 ? 5.737   5.238   -9.822  1.00 4.43  ? 177  GLY A CA  1 
ATOM   1206 C  C   . GLY A 1 149 ? 5.701   6.572   -10.528 1.00 4.54  ? 177  GLY A C   1 
ATOM   1207 O  O   . GLY A 1 149 ? 4.932   6.772   -11.477 1.00 4.62  ? 177  GLY A O   1 
ATOM   1208 N  N   . ILE A 1 150 ? 6.556   7.484   -10.062 1.00 4.70  ? 178  ILE A N   1 
ATOM   1209 C  CA  . ILE A 1 150 ? 6.579   8.869   -10.563 1.00 5.06  ? 178  ILE A CA  1 
ATOM   1210 C  C   . ILE A 1 150 ? 7.259   8.940   -11.936 1.00 5.21  ? 178  ILE A C   1 
ATOM   1211 O  O   . ILE A 1 150 ? 8.248   8.258   -12.188 1.00 5.33  ? 178  ILE A O   1 
ATOM   1212 C  CB  . ILE A 1 150 ? 7.215   9.808   -9.518  1.00 5.05  ? 178  ILE A CB  1 
ATOM   1213 C  CG1 . ILE A 1 150 ? 6.483   9.702   -8.164  1.00 5.12  ? 178  ILE A CG1 1 
ATOM   1214 C  CG2 . ILE A 1 150 ? 7.219   11.258  -10.002 1.00 5.07  ? 178  ILE A CG2 1 
ATOM   1215 C  CD1 . ILE A 1 150 ? 4.966   9.791   -8.234  1.00 5.09  ? 178  ILE A CD1 1 
ATOM   1216 N  N   . GLY A 1 151 ? 6.706   9.754   -12.831 1.00 5.58  ? 179  GLY A N   1 
ATOM   1217 C  CA  . GLY A 1 151 ? 7.199   9.805   -14.206 1.00 6.15  ? 179  GLY A CA  1 
ATOM   1218 C  C   . GLY A 1 151 ? 8.446   10.643  -14.433 1.00 6.41  ? 179  GLY A C   1 
ATOM   1219 O  O   . GLY A 1 151 ? 9.238   10.335  -15.319 1.00 6.61  ? 179  GLY A O   1 
ATOM   1220 N  N   . ASP A 1 152 ? 8.628   11.692  -13.631 1.00 6.75  ? 180  ASP A N   1 
ATOM   1221 C  CA  . ASP A 1 152 ? 9.722   12.647  -13.839 1.00 7.15  ? 180  ASP A CA  1 
ATOM   1222 C  C   . ASP A 1 152 ? 10.728  12.636  -12.700 1.00 7.15  ? 180  ASP A C   1 
ATOM   1223 O  O   . ASP A 1 152 ? 11.529  13.558  -12.566 1.00 7.36  ? 180  ASP A O   1 
ATOM   1224 C  CB  . ASP A 1 152 ? 9.186   14.065  -14.077 1.00 7.32  ? 180  ASP A CB  1 
ATOM   1225 C  CG  . ASP A 1 152 ? 8.196   14.519  -13.002 1.00 7.57  ? 180  ASP A CG  1 
ATOM   1226 O  OD1 . ASP A 1 152 ? 7.992   13.815  -11.988 1.00 8.09  ? 180  ASP A OD1 1 
ATOM   1227 O  OD2 . ASP A 1 152 ? 7.605   15.599  -13.184 1.00 8.03  ? 180  ASP A OD2 1 
ATOM   1228 N  N   . THR A 1 153 ? 10.680  11.595  -11.868 1.00 7.17  ? 181  THR A N   1 
ATOM   1229 C  CA  . THR A 1 153 ? 11.720  11.347  -10.865 1.00 7.20  ? 181  THR A CA  1 
ATOM   1230 C  C   . THR A 1 153 ? 12.014  9.844   -10.837 1.00 7.29  ? 181  THR A C   1 
ATOM   1231 O  O   . THR A 1 153 ? 11.282  9.046   -11.438 1.00 7.15  ? 181  THR A O   1 
ATOM   1232 C  CB  . THR A 1 153 ? 11.316  11.758  -9.428  1.00 7.43  ? 181  THR A CB  1 
ATOM   1233 O  OG1 . THR A 1 153 ? 10.374  10.802  -8.910  1.00 7.60  ? 181  THR A OG1 1 
ATOM   1234 C  CG2 . THR A 1 153 ? 10.714  13.160  -9.365  1.00 7.37  ? 181  THR A CG2 1 
ATOM   1235 N  N   . VAL A 1 154 ? 13.059  9.470   -10.114 1.00 7.74  ? 182  VAL A N   1 
ATOM   1236 C  CA  . VAL A 1 154 ? 13.390  8.047   -9.957  1.00 8.05  ? 182  VAL A CA  1 
ATOM   1237 C  C   . VAL A 1 154 ? 12.664  7.392   -8.779  1.00 7.81  ? 182  VAL A C   1 
ATOM   1238 O  O   . VAL A 1 154 ? 12.996  6.271   -8.384  1.00 7.70  ? 182  VAL A O   1 
ATOM   1239 C  CB  . VAL A 1 154 ? 14.911  7.804   -9.874  1.00 8.74  ? 182  VAL A CB  1 
ATOM   1240 C  CG1 . VAL A 1 154 ? 15.577  8.230   -11.176 1.00 9.43  ? 182  VAL A CG1 1 
ATOM   1241 C  CG2 . VAL A 1 154 ? 15.498  8.545   -8.679  1.00 9.15  ? 182  VAL A CG2 1 
ATOM   1242 N  N   . ASN A 1 155 ? 11.673  8.092   -8.235  1.00 7.48  ? 183  ASN A N   1 
ATOM   1243 C  CA  . ASN A 1 155 ? 10.998  7.647   -7.019  1.00 7.19  ? 183  ASN A CA  1 
ATOM   1244 C  C   . ASN A 1 155 ? 9.600   7.100   -7.212  1.00 6.22  ? 183  ASN A C   1 
ATOM   1245 O  O   . ASN A 1 155 ? 9.028   7.185   -8.301  1.00 6.02  ? 183  ASN A O   1 
ATOM   1246 C  CB  . ASN A 1 155 ? 10.967  8.781   -5.992  1.00 8.10  ? 183  ASN A CB  1 
ATOM   1247 C  CG  . ASN A 1 155 ? 12.346  9.092   -5.432  1.00 9.02  ? 183  ASN A CG  1 
ATOM   1248 O  OD1 . ASN A 1 155 ? 13.313  8.367   -5.683  1.00 9.82  ? 183  ASN A OD1 1 
ATOM   1249 N  ND2 . ASN A 1 155 ? 12.436  10.161  -4.655  1.00 10.15 ? 183  ASN A ND2 1 
ATOM   1250 N  N   . ALA A 1 156 ? 9.080   6.516   -6.135  1.00 5.48  ? 184  ALA A N   1 
ATOM   1251 C  CA  . ALA A 1 156 ? 7.725   5.993   -6.062  1.00 4.95  ? 184  ALA A CA  1 
ATOM   1252 C  C   . ALA A 1 156 ? 7.160   6.229   -4.665  1.00 4.60  ? 184  ALA A C   1 
ATOM   1253 O  O   . ALA A 1 156 ? 7.902   6.499   -3.708  1.00 4.53  ? 184  ALA A O   1 
ATOM   1254 C  CB  . ALA A 1 156 ? 7.695   4.503   -6.392  1.00 4.93  ? 184  ALA A CB  1 
ATOM   1255 N  N   . PHE A 1 157 ? 5.842   6.098   -4.561  1.00 4.34  ? 185  PHE A N   1 
ATOM   1256 C  CA  . PHE A 1 157 ? 5.129   6.129   -3.277  1.00 4.14  ? 185  PHE A CA  1 
ATOM   1257 C  C   . PHE A 1 157 ? 4.569   4.752   -2.993  1.00 3.99  ? 185  PHE A C   1 
ATOM   1258 O  O   . PHE A 1 157 ? 4.011   4.109   -3.881  1.00 4.00  ? 185  PHE A O   1 
ATOM   1259 C  CB  . PHE A 1 157 ? 4.050   7.227   -3.275  1.00 4.16  ? 185  PHE A CB  1 
ATOM   1260 C  CG  . PHE A 1 157 ? 4.639   8.612   -3.299  1.00 4.13  ? 185  PHE A CG  1 
ATOM   1261 C  CD1 . PHE A 1 157 ? 5.075   9.172   -4.505  1.00 4.19  ? 185  PHE A CD1 1 
ATOM   1262 C  CD2 . PHE A 1 157 ? 4.814   9.337   -2.115  1.00 4.21  ? 185  PHE A CD2 1 
ATOM   1263 C  CE1 . PHE A 1 157 ? 5.666   10.431  -4.542  1.00 4.18  ? 185  PHE A CE1 1 
ATOM   1264 C  CE2 . PHE A 1 157 ? 5.412   10.602  -2.150  1.00 4.23  ? 185  PHE A CE2 1 
ATOM   1265 C  CZ  . PHE A 1 157 ? 5.831   11.152  -3.362  1.00 4.29  ? 185  PHE A CZ  1 
ATOM   1266 N  N   . TYR A 1 158 ? 4.775   4.302   -1.762  1.00 3.77  ? 186  TYR A N   1 
ATOM   1267 C  CA  . TYR A 1 158 ? 4.512   2.915   -1.387  1.00 3.66  ? 186  TYR A CA  1 
ATOM   1268 C  C   . TYR A 1 158 ? 3.436   2.850   -0.325  1.00 3.64  ? 186  TYR A C   1 
ATOM   1269 O  O   . TYR A 1 158 ? 3.535   3.510   0.709   1.00 3.64  ? 186  TYR A O   1 
ATOM   1270 C  CB  . TYR A 1 158 ? 5.800   2.274   -0.861  1.00 3.70  ? 186  TYR A CB  1 
ATOM   1271 C  CG  . TYR A 1 158 ? 6.920   2.142   -1.868  1.00 3.69  ? 186  TYR A CG  1 
ATOM   1272 C  CD1 . TYR A 1 158 ? 7.827   3.185   -2.100  1.00 3.71  ? 186  TYR A CD1 1 
ATOM   1273 C  CD2 . TYR A 1 158 ? 7.094   0.964   -2.573  1.00 3.73  ? 186  TYR A CD2 1 
ATOM   1274 C  CE1 . TYR A 1 158 ? 8.855   3.045   -3.024  1.00 3.74  ? 186  TYR A CE1 1 
ATOM   1275 C  CE2 . TYR A 1 158 ? 8.115   0.810   -3.492  1.00 3.76  ? 186  TYR A CE2 1 
ATOM   1276 C  CZ  . TYR A 1 158 ? 9.005   1.840   -3.701  1.00 3.72  ? 186  TYR A CZ  1 
ATOM   1277 O  OH  . TYR A 1 158 ? 10.017  1.650   -4.621  1.00 3.94  ? 186  TYR A OH  1 
ATOM   1278 N  N   . GLN A 1 159 ? 2.430   2.015   -0.587  1.00 3.56  ? 187  GLN A N   1 
ATOM   1279 C  CA  . GLN A 1 159 ? 1.262   1.888   0.293   1.00 3.53  ? 187  GLN A CA  1 
ATOM   1280 C  C   . GLN A 1 159 ? 0.918   0.433   0.589   1.00 3.48  ? 187  GLN A C   1 
ATOM   1281 O  O   . GLN A 1 159 ? 0.334   -0.247  -0.244  1.00 3.40  ? 187  GLN A O   1 
ATOM   1282 C  CB  . GLN A 1 159 ? 0.061   2.607   -0.340  1.00 3.67  ? 187  GLN A CB  1 
ATOM   1283 C  CG  . GLN A 1 159 ? 0.264   4.116   -0.392  1.00 3.79  ? 187  GLN A CG  1 
ATOM   1284 C  CD  . GLN A 1 159 ? -0.030  4.757   0.949   1.00 3.80  ? 187  GLN A CD  1 
ATOM   1285 O  OE1 . GLN A 1 159 ? -1.191  4.799   1.376   1.00 3.93  ? 187  GLN A OE1 1 
ATOM   1286 N  NE2 . GLN A 1 159 ? 1.010   5.218   1.642   1.00 3.92  ? 187  GLN A NE2 1 
ATOM   1287 N  N   . ALA A 1 160 ? 1.295   -0.043  1.775   1.00 3.42  ? 188  ALA A N   1 
ATOM   1288 C  CA  . ALA A 1 160 ? 0.831   -1.349  2.250   1.00 3.48  ? 188  ALA A CA  1 
ATOM   1289 C  C   . ALA A 1 160 ? -0.589  -1.216  2.774   1.00 3.52  ? 188  ALA A C   1 
ATOM   1290 O  O   . ALA A 1 160 ? -0.900  -0.263  3.476   1.00 3.51  ? 188  ALA A O   1 
ATOM   1291 C  CB  . ALA A 1 160 ? 1.743   -1.888  3.334   1.00 3.53  ? 188  ALA A CB  1 
ATOM   1292 N  N   . ILE A 1 161 ? -1.428  -2.178  2.392   1.00 3.57  ? 189  ILE A N   1 
ATOM   1293 C  CA  . ILE A 1 161 ? -2.871  -2.189  2.700   1.00 3.73  ? 189  ILE A CA  1 
ATOM   1294 C  C   . ILE A 1 161 ? -3.235  -3.542  3.306   1.00 3.82  ? 189  ILE A C   1 
ATOM   1295 O  O   . ILE A 1 161 ? -2.998  -4.587  2.704   1.00 3.88  ? 189  ILE A O   1 
ATOM   1296 C  CB  . ILE A 1 161 ? -3.711  -1.976  1.414   1.00 3.80  ? 189  ILE A CB  1 
ATOM   1297 C  CG1 . ILE A 1 161 ? -3.306  -0.681  0.691   1.00 3.86  ? 189  ILE A CG1 1 
ATOM   1298 C  CG2 . ILE A 1 161 ? -5.205  -1.977  1.734   1.00 3.83  ? 189  ILE A CG2 1 
ATOM   1299 C  CD1 . ILE A 1 161 ? -3.661  -0.672  -0.789  1.00 4.02  ? 189  ILE A CD1 1 
ATOM   1300 N  N   . ASP A 1 162 ? -3.820  -3.509  4.501   1.00 3.84  ? 190  ASP A N   1 
ATOM   1301 C  CA  . ASP A 1 162 ? -4.209  -4.721  5.218   1.00 3.93  ? 190  ASP A CA  1 
ATOM   1302 C  C   . ASP A 1 162 ? -5.657  -5.063  4.927   1.00 4.03  ? 190  ASP A C   1 
ATOM   1303 O  O   . ASP A 1 162 ? -6.547  -4.246  5.173   1.00 4.04  ? 190  ASP A O   1 
ATOM   1304 C  CB  . ASP A 1 162 ? -4.000  -4.511  6.718   1.00 3.86  ? 190  ASP A CB  1 
ATOM   1305 C  CG  . ASP A 1 162 ? -2.553  -4.263  7.052   1.00 3.91  ? 190  ASP A CG  1 
ATOM   1306 O  OD1 . ASP A 1 162 ? -1.748  -5.199  6.882   1.00 3.79  ? 190  ASP A OD1 1 
ATOM   1307 O  OD2 . ASP A 1 162 ? -2.210  -3.123  7.433   1.00 3.99  ? 190  ASP A OD2 1 
ATOM   1308 N  N   . VAL A 1 163 ? -5.888  -6.253  4.382   1.00 4.13  ? 191  VAL A N   1 
ATOM   1309 C  CA  . VAL A 1 163 ? -7.250  -6.683  4.046   1.00 4.38  ? 191  VAL A CA  1 
ATOM   1310 C  C   . VAL A 1 163 ? -7.582  -8.053  4.648   1.00 4.55  ? 191  VAL A C   1 
ATOM   1311 O  O   . VAL A 1 163 ? -6.692  -8.862  4.914   1.00 4.47  ? 191  VAL A O   1 
ATOM   1312 C  CB  . VAL A 1 163 ? -7.520  -6.648  2.518   1.00 4.39  ? 191  VAL A CB  1 
ATOM   1313 C  CG1 . VAL A 1 163 ? -7.368  -5.239  1.978   1.00 4.41  ? 191  VAL A CG1 1 
ATOM   1314 C  CG2 . VAL A 1 163 ? -6.594  -7.608  1.770   1.00 4.34  ? 191  VAL A CG2 1 
ATOM   1315 N  N   . ASN A 1 164 ? -8.872  -8.270  4.901   1.00 5.07  ? 192  ASN A N   1 
ATOM   1316 C  CA  . ASN A 1 164 ? -9.378  -9.572  5.326   1.00 5.66  ? 192  ASN A CA  1 
ATOM   1317 C  C   . ASN A 1 164 ? -10.349 -10.052 4.265   1.00 6.16  ? 192  ASN A C   1 
ATOM   1318 O  O   . ASN A 1 164 ? -11.431 -9.506  4.110   1.00 6.01  ? 192  ASN A O   1 
ATOM   1319 C  CB  . ASN A 1 164 ? -10.066 -9.469  6.687   1.00 5.88  ? 192  ASN A CB  1 
ATOM   1320 C  CG  . ASN A 1 164 ? -10.660 -10.782 7.139   1.00 6.17  ? 192  ASN A CG  1 
ATOM   1321 O  OD1 . ASN A 1 164 ? -11.847 -10.853 7.487   0.50 6.31  ? 192  ASN A OD1 1 
ATOM   1322 N  ND2 . ASN A 1 164 ? -9.849  -11.825 7.130   1.00 6.35  ? 192  ASN A ND2 1 
ATOM   1323 N  N   . ILE A 1 165 ? -9.941  -11.082 3.541   1.00 6.96  ? 193  ILE A N   1 
ATOM   1324 C  CA  . ILE A 1 165 ? -10.693 -11.545 2.377   1.00 8.26  ? 193  ILE A CA  1 
ATOM   1325 C  C   . ILE A 1 165 ? -11.617 -12.673 2.789   1.00 9.16  ? 193  ILE A C   1 
ATOM   1326 O  O   . ILE A 1 165 ? -11.163 -13.713 3.275   1.00 9.07  ? 193  ILE A O   1 
ATOM   1327 C  CB  . ILE A 1 165 ? -9.707  -11.986 1.265   1.00 8.06  ? 193  ILE A CB  1 
ATOM   1328 C  CG1 . ILE A 1 165 ? -8.730  -10.842 0.933   1.00 8.24  ? 193  ILE A CG1 1 
ATOM   1329 C  CG2 . ILE A 1 165 ? -10.468 -12.467 0.033   1.00 8.35  ? 193  ILE A CG2 1 
ATOM   1330 C  CD1 . ILE A 1 165 ? -7.590  -11.213 0.003   1.00 8.11  ? 193  ILE A CD1 1 
ATOM   1331 N  N   A GLN A 1 166 ? -12.918 -12.471 2.593   0.50 9.55  ? 194  GLN A N   1 
ATOM   1332 N  N   B GLN A 1 166 ? -12.918 -12.430 2.644   0.50 10.14 ? 194  GLN A N   1 
ATOM   1333 C  CA  A GLN A 1 166 ? -13.913 -13.522 2.855   0.50 10.25 ? 194  GLN A CA  1 
ATOM   1334 C  CA  B GLN A 1 166 ? -13.944 -13.341 3.161   0.50 11.33 ? 194  GLN A CA  1 
ATOM   1335 C  C   A GLN A 1 166 ? -14.964 -13.579 1.751   0.50 10.62 ? 194  GLN A C   1 
ATOM   1336 C  C   B GLN A 1 166 ? -15.222 -13.326 2.328   0.50 11.78 ? 194  GLN A C   1 
ATOM   1337 O  O   A GLN A 1 166 ? -16.097 -14.033 1.938   0.50 11.32 ? 194  GLN A O   1 
ATOM   1338 O  O   B GLN A 1 166 ? -16.189 -14.000 2.693   0.50 12.29 ? 194  GLN A O   1 
ATOM   1339 C  CB  A GLN A 1 166 ? -14.598 -13.310 4.204   0.50 10.43 ? 194  GLN A CB  1 
ATOM   1340 C  CB  B GLN A 1 166 ? -14.269 -13.004 4.620   0.50 12.23 ? 194  GLN A CB  1 
ATOM   1341 C  CG  A GLN A 1 166 ? -13.667 -13.267 5.410   0.50 10.50 ? 194  GLN A CG  1 
ATOM   1342 C  CG  B GLN A 1 166 ? -14.454 -11.515 4.874   0.50 12.87 ? 194  GLN A CG  1 
ATOM   1343 C  CD  A GLN A 1 166 ? -12.903 -14.560 5.635   0.50 10.63 ? 194  GLN A CD  1 
ATOM   1344 C  CD  B GLN A 1 166 ? -15.297 -11.214 6.097   0.50 13.39 ? 194  GLN A CD  1 
ATOM   1345 O  OE1 A GLN A 1 166 ? -13.374 -15.647 5.297   0.50 10.91 ? 194  GLN A OE1 1 
ATOM   1346 O  OE1 B GLN A 1 166 ? -15.159 -11.858 7.140   0.50 14.13 ? 194  GLN A OE1 1 
ATOM   1347 N  NE2 A GLN A 1 166 ? -11.717 -14.445 6.221   0.50 10.54 ? 194  GLN A NE2 1 
ATOM   1348 N  NE2 B GLN A 1 166 ? -16.178 -10.225 5.977   0.50 13.61 ? 194  GLN A NE2 1 
ATOM   1349 O  OXT A GLN A 1 166 ? -14.708 -13.156 0.638   0.50 11.01 ? 194  GLN A OXT 1 
ATOM   1350 O  OXT B GLN A 1 166 ? -15.330 -12.676 1.286   0.50 12.00 ? 194  GLN A OXT 1 
HETATM 1351 CU CU  . CU  B 2 .   ? 4.845   14.374  -3.952  1.00 5.43  ? 195  CU  A CU  1 
HETATM 1352 C  C1  . PEG C 3 .   ? -10.301 17.393  -3.106  1.00 23.82 ? 1195 PEG A C1  1 
HETATM 1353 O  O1  . PEG C 3 .   ? -11.239 18.121  -3.904  1.00 25.48 ? 1195 PEG A O1  1 
HETATM 1354 C  C2  . PEG C 3 .   ? -9.642  16.289  -3.930  1.00 23.90 ? 1195 PEG A C2  1 
HETATM 1355 O  O2  . PEG C 3 .   ? -9.075  15.322  -3.042  1.00 23.78 ? 1195 PEG A O2  1 
HETATM 1356 C  C3  . PEG C 3 .   ? -7.777  15.720  -2.593  1.00 23.60 ? 1195 PEG A C3  1 
HETATM 1357 C  C4  . PEG C 3 .   ? -7.190  14.722  -1.604  1.00 23.69 ? 1195 PEG A C4  1 
HETATM 1358 O  O4  . PEG C 3 .   ? -5.914  15.210  -1.158  1.00 25.50 ? 1195 PEG A O4  1 
HETATM 1359 C  C1  . PEG D 3 .   ? 10.096  -6.631  -8.311  0.75 22.80 ? 1196 PEG A C1  1 
HETATM 1360 O  O1  . PEG D 3 .   ? 9.904   -5.404  -9.025  0.75 24.06 ? 1196 PEG A O1  1 
HETATM 1361 C  C2  . PEG D 3 .   ? 8.832   -6.961  -7.523  0.75 22.46 ? 1196 PEG A C2  1 
HETATM 1362 O  O2  . PEG D 3 .   ? 8.733   -8.373  -7.338  0.75 22.76 ? 1196 PEG A O2  1 
HETATM 1363 C  C3  . PEG D 3 .   ? 7.737   -8.968  -8.174  0.75 21.89 ? 1196 PEG A C3  1 
HETATM 1364 C  C4  . PEG D 3 .   ? 7.161   -10.238 -7.554  0.75 22.47 ? 1196 PEG A C4  1 
HETATM 1365 O  O4  . PEG D 3 .   ? 7.013   -10.074 -6.139  0.75 21.65 ? 1196 PEG A O4  1 
HETATM 1366 O  O   . HOH E 4 .   ? 9.313   13.328  0.201   1.00 12.77 ? 2001 HOH A O   1 
HETATM 1367 O  O   . HOH E 4 .   ? 2.683   7.702   0.861   1.00 4.76  ? 2002 HOH A O   1 
HETATM 1368 O  O   . HOH E 4 .   ? -4.602  14.733  3.172   1.00 17.44 ? 2003 HOH A O   1 
HETATM 1369 O  O   . HOH E 4 .   ? -11.666 6.243   3.412   1.00 16.63 ? 2004 HOH A O   1 
HETATM 1370 O  O   . HOH E 4 .   ? -12.030 2.547   -3.730  1.00 13.23 ? 2005 HOH A O   1 
HETATM 1371 O  O   . HOH E 4 .   ? -12.974 2.358   2.004   1.00 21.95 ? 2006 HOH A O   1 
HETATM 1372 O  O   . HOH E 4 .   ? -14.783 1.732   -2.894  1.00 27.12 ? 2007 HOH A O   1 
HETATM 1373 O  O   . HOH E 4 .   ? -12.671 -0.223  -2.195  1.00 19.37 ? 2008 HOH A O   1 
HETATM 1374 O  O   . HOH E 4 .   ? -11.197 0.861   4.050   1.00 15.40 ? 2009 HOH A O   1 
HETATM 1375 O  O   . HOH E 4 .   ? -7.585  -1.761  4.292   1.00 4.87  ? 2010 HOH A O   1 
HETATM 1376 O  O   . HOH E 4 .   ? -4.665  -1.107  5.702   1.00 3.82  ? 2011 HOH A O   1 
HETATM 1377 O  O   . HOH E 4 .   ? 0.452   2.146   4.163   1.00 4.21  ? 2012 HOH A O   1 
HETATM 1378 O  O   . HOH E 4 .   ? 4.791   -5.149  8.231   1.00 5.19  ? 2013 HOH A O   1 
HETATM 1379 O  O   . HOH E 4 .   ? -14.149 4.722   3.087   1.00 27.59 ? 2014 HOH A O   1 
HETATM 1380 O  O   . HOH E 4 .   ? -12.020 8.237   1.708   1.00 15.55 ? 2015 HOH A O   1 
HETATM 1381 O  O   . HOH E 4 .   ? -13.898 -0.218  2.256   1.00 30.39 ? 2016 HOH A O   1 
HETATM 1382 O  O   . HOH E 4 .   ? -12.727 -1.705  0.169   1.00 18.66 ? 2017 HOH A O   1 
HETATM 1383 O  O   . HOH E 4 .   ? -3.547  7.039   14.948  1.00 9.78  ? 2018 HOH A O   1 
HETATM 1384 O  O   . HOH E 4 .   ? -12.895 0.816   6.142   1.00 20.84 ? 2019 HOH A O   1 
HETATM 1385 O  O   . HOH E 4 .   ? -6.202  13.197  8.481   1.00 10.12 ? 2020 HOH A O   1 
HETATM 1386 O  O   . HOH E 4 .   ? -5.011  11.724  6.070   1.00 13.60 ? 2021 HOH A O   1 
HETATM 1387 O  O   . HOH E 4 .   ? -4.330  12.840  11.799  1.00 9.18  ? 2022 HOH A O   1 
HETATM 1388 O  O   . HOH E 4 .   ? -4.731  14.985  10.163  1.00 18.01 ? 2023 HOH A O   1 
HETATM 1389 O  O   . HOH E 4 .   ? -6.194  15.409  13.399  1.00 21.60 ? 2024 HOH A O   1 
HETATM 1390 O  O   . HOH E 4 .   ? -1.815  7.562   16.971  1.00 18.03 ? 2025 HOH A O   1 
HETATM 1391 O  O   . HOH E 4 .   ? -11.504 6.581   6.265   1.00 22.04 ? 2026 HOH A O   1 
HETATM 1392 O  O   . HOH E 4 .   ? -6.114  14.036  15.673  1.00 15.34 ? 2027 HOH A O   1 
HETATM 1393 O  O   . HOH E 4 .   ? -8.080  17.292  12.352  1.00 23.72 ? 2028 HOH A O   1 
HETATM 1394 O  O   . HOH E 4 .   ? -11.669 4.858   8.325   1.00 15.57 ? 2029 HOH A O   1 
HETATM 1395 O  O   . HOH E 4 .   ? -13.339 6.461   9.701   1.00 16.07 ? 2030 HOH A O   1 
HETATM 1396 O  O   . HOH E 4 .   ? -13.465 2.835   8.079   1.00 22.64 ? 2031 HOH A O   1 
HETATM 1397 O  O   . HOH E 4 .   ? -12.959 8.950   14.666  1.00 27.08 ? 2032 HOH A O   1 
HETATM 1398 O  O   . HOH E 4 .   ? -13.920 5.267   12.213  1.00 21.70 ? 2033 HOH A O   1 
HETATM 1399 O  O   . HOH E 4 .   ? -14.892 2.694   12.171  1.00 25.88 ? 2034 HOH A O   1 
HETATM 1400 O  O   . HOH E 4 .   ? -12.637 5.965   14.471  1.00 18.38 ? 2035 HOH A O   1 
HETATM 1401 O  O   . HOH E 4 .   ? -10.475 8.996   15.981  1.00 22.86 ? 2036 HOH A O   1 
HETATM 1402 O  O   . HOH E 4 .   ? -9.803  0.488   16.268  1.00 13.47 ? 2037 HOH A O   1 
HETATM 1403 O  O   . HOH E 4 .   ? -7.579  2.122   16.644  1.00 8.88  ? 2038 HOH A O   1 
HETATM 1404 O  O   . HOH E 4 .   ? -4.740  11.885  14.463  1.00 8.97  ? 2039 HOH A O   1 
HETATM 1405 O  O   . HOH E 4 .   ? -8.052  12.081  15.822  1.00 19.16 ? 2040 HOH A O   1 
HETATM 1406 O  O   . HOH E 4 .   ? 1.725   8.205   18.956  1.00 31.50 ? 2041 HOH A O   1 
HETATM 1407 O  O   . HOH E 4 .   ? 4.096   7.743   22.622  1.00 28.22 ? 2042 HOH A O   1 
HETATM 1408 O  O   . HOH E 4 .   ? 6.089   4.033   17.588  1.00 22.75 ? 2043 HOH A O   1 
HETATM 1409 O  O   . HOH E 4 .   ? 4.300   10.594  16.824  1.00 24.37 ? 2044 HOH A O   1 
HETATM 1410 O  O   . HOH E 4 .   ? -3.994  -1.360  8.396   1.00 3.85  ? 2045 HOH A O   1 
HETATM 1411 O  O   . HOH E 4 .   ? -3.460  0.014   16.361  1.00 11.80 ? 2046 HOH A O   1 
HETATM 1412 O  O   . HOH E 4 .   ? 0.640   7.341   15.816  1.00 14.71 ? 2047 HOH A O   1 
HETATM 1413 O  O   . HOH E 4 .   ? -0.984  6.000   18.910  1.00 18.00 ? 2048 HOH A O   1 
HETATM 1414 O  O   . HOH E 4 .   ? 2.098   5.810   22.366  1.00 15.32 ? 2049 HOH A O   1 
HETATM 1415 O  O   . HOH E 4 .   ? 5.178   4.563   20.236  1.00 21.09 ? 2050 HOH A O   1 
HETATM 1416 O  O   . HOH E 4 .   ? 14.202  8.967   -1.388  1.00 16.79 ? 2051 HOH A O   1 
HETATM 1417 O  O   . HOH E 4 .   ? 14.120  13.064  -6.598  1.00 24.24 ? 2052 HOH A O   1 
HETATM 1418 O  O   . HOH E 4 .   ? 4.331   6.284   16.657  1.00 13.62 ? 2053 HOH A O   1 
HETATM 1419 O  O   . HOH E 4 .   ? 14.705  4.115   -11.348 1.00 33.79 ? 2054 HOH A O   1 
HETATM 1420 O  O   . HOH E 4 .   ? 9.282   5.247   -16.918 1.00 17.09 ? 2055 HOH A O   1 
HETATM 1421 O  O   . HOH E 4 .   ? 7.573   2.082   -9.270  1.00 10.11 ? 2056 HOH A O   1 
HETATM 1422 O  O   . HOH E 4 .   ? 17.717  -2.965  -6.797  1.00 31.56 ? 2057 HOH A O   1 
HETATM 1423 O  O   . HOH E 4 .   ? 9.000   0.955   -11.497 1.00 19.35 ? 2058 HOH A O   1 
HETATM 1424 O  O   . HOH E 4 .   ? 6.011   10.916  14.384  1.00 26.23 ? 2059 HOH A O   1 
HETATM 1425 O  O   . HOH E 4 .   ? 2.226   9.698   15.326  1.00 8.26  ? 2060 HOH A O   1 
HETATM 1426 O  O   . HOH E 4 .   ? 8.139   15.496  8.057   1.00 6.66  ? 2061 HOH A O   1 
HETATM 1427 O  O   . HOH E 4 .   ? 8.706   12.040  2.488   1.00 5.90  ? 2062 HOH A O   1 
HETATM 1428 O  O   . HOH E 4 .   ? 12.819  -7.059  10.003  1.00 33.80 ? 2063 HOH A O   1 
HETATM 1429 O  O   . HOH E 4 .   ? 14.501  -12.794 5.158   1.00 35.35 ? 2064 HOH A O   1 
HETATM 1430 O  O   . HOH E 4 .   ? 14.197  1.047   13.273  1.00 20.78 ? 2065 HOH A O   1 
HETATM 1431 O  O   . HOH E 4 .   ? 0.195   10.786  18.839  1.00 21.93 ? 2066 HOH A O   1 
HETATM 1432 O  O   . HOH E 4 .   ? -2.856  13.076  18.248  1.00 17.88 ? 2067 HOH A O   1 
HETATM 1433 O  O   . HOH E 4 .   ? 14.595  12.914  13.661  1.00 36.66 ? 2068 HOH A O   1 
HETATM 1434 O  O   . HOH E 4 .   ? 11.003  11.258  11.987  1.00 19.32 ? 2069 HOH A O   1 
HETATM 1435 O  O   . HOH E 4 .   ? 12.167  9.270   13.644  1.00 20.82 ? 2070 HOH A O   1 
HETATM 1436 O  O   . HOH E 4 .   ? 3.180   13.193  16.636  1.00 24.33 ? 2071 HOH A O   1 
HETATM 1437 O  O   . HOH E 4 .   ? 7.493   -1.500  16.328  1.00 31.09 ? 2072 HOH A O   1 
HETATM 1438 O  O   . HOH E 4 .   ? 11.853  -0.028  14.596  1.00 26.66 ? 2073 HOH A O   1 
HETATM 1439 O  O   . HOH E 4 .   ? 4.637   13.806  10.567  1.00 6.57  ? 2074 HOH A O   1 
HETATM 1440 O  O   . HOH E 4 .   ? 9.418   -8.321  12.385  1.00 23.12 ? 2075 HOH A O   1 
HETATM 1441 O  O   . HOH E 4 .   ? 9.149   -5.546  14.549  1.00 25.74 ? 2076 HOH A O   1 
HETATM 1442 O  O   . HOH E 4 .   ? 7.011   -8.878  16.080  1.00 28.99 ? 2077 HOH A O   1 
HETATM 1443 O  O   . HOH E 4 .   ? -2.947  13.418  5.051   1.00 12.64 ? 2078 HOH A O   1 
HETATM 1444 O  O   . HOH E 4 .   ? -4.212  -13.963 9.845   1.00 13.21 ? 2079 HOH A O   1 
HETATM 1445 O  O   . HOH E 4 .   ? -14.489 1.046   9.794   1.00 30.39 ? 2080 HOH A O   1 
HETATM 1446 O  O   A HOH E 4 .   ? -14.437 -3.765  -0.914  0.50 16.92 ? 2081 HOH A O   1 
HETATM 1447 O  O   B HOH E 4 .   ? -17.981 -6.775  0.195   0.50 12.43 ? 2081 HOH A O   1 
HETATM 1448 O  O   . HOH E 4 .   ? -17.981 -6.775  0.195   1.00 35.88 ? 2082 HOH A O   1 
HETATM 1449 O  O   . HOH E 4 .   ? 13.383  7.317   0.776   1.00 10.83 ? 2083 HOH A O   1 
HETATM 1450 O  O   . HOH E 4 .   ? 9.044   15.016  -3.102  1.00 18.80 ? 2084 HOH A O   1 
HETATM 1451 O  O   . HOH E 4 .   ? 9.016   11.601  -6.671  1.00 12.16 ? 2085 HOH A O   1 
HETATM 1452 O  O   . HOH E 4 .   ? 11.816  13.671  -5.004  1.00 21.07 ? 2086 HOH A O   1 
HETATM 1453 O  O   . HOH E 4 .   ? 15.361  3.279   -8.586  1.00 25.94 ? 2087 HOH A O   1 
HETATM 1454 O  O   . HOH E 4 .   ? 12.824  6.309   -12.902 1.00 19.33 ? 2088 HOH A O   1 
HETATM 1455 O  O   . HOH E 4 .   ? 12.124  3.739   -14.124 1.00 20.91 ? 2089 HOH A O   1 
HETATM 1456 O  O   . HOH E 4 .   ? 9.442   4.485   -14.400 1.00 16.32 ? 2090 HOH A O   1 
HETATM 1457 O  O   . HOH E 4 .   ? 8.977   0.559   -7.436  1.00 14.74 ? 2091 HOH A O   1 
HETATM 1458 O  O   . HOH E 4 .   ? 15.426  -3.432  -2.669  1.00 14.67 ? 2092 HOH A O   1 
HETATM 1459 O  O   . HOH E 4 .   ? 16.589  -1.001  -3.565  1.00 21.64 ? 2093 HOH A O   1 
HETATM 1460 O  O   . HOH E 4 .   ? 15.370  -4.140  -5.432  1.00 24.31 ? 2094 HOH A O   1 
HETATM 1461 O  O   . HOH E 4 .   ? 15.714  0.149   -10.208 1.00 28.67 ? 2095 HOH A O   1 
HETATM 1462 O  O   . HOH E 4 .   ? 11.982  1.344   -12.364 1.00 26.65 ? 2096 HOH A O   1 
HETATM 1463 O  O   . HOH E 4 .   ? 4.841   19.089  -5.058  1.00 22.79 ? 2097 HOH A O   1 
HETATM 1464 O  O   . HOH E 4 .   ? 5.629   20.267  -10.120 1.00 29.68 ? 2098 HOH A O   1 
HETATM 1465 O  O   . HOH E 4 .   ? 9.429   17.383  -10.329 1.00 18.62 ? 2099 HOH A O   1 
HETATM 1466 O  O   . HOH E 4 .   ? 7.624   18.421  -6.417  1.00 28.68 ? 2100 HOH A O   1 
HETATM 1467 O  O   . HOH E 4 .   ? 11.536  -1.296  1.156   1.00 7.29  ? 2101 HOH A O   1 
HETATM 1468 O  O   . HOH E 4 .   ? 9.699   0.049   -0.360  1.00 9.30  ? 2102 HOH A O   1 
HETATM 1469 O  O   . HOH E 4 .   ? 4.339   6.450   -21.025 1.00 16.49 ? 2103 HOH A O   1 
HETATM 1470 O  O   . HOH E 4 .   ? 6.930   0.268   -15.289 1.00 27.12 ? 2104 HOH A O   1 
HETATM 1471 O  O   . HOH E 4 .   ? 11.474  -7.718  0.355   1.00 7.84  ? 2105 HOH A O   1 
HETATM 1472 O  O   . HOH E 4 .   ? 13.887  -7.694  -2.197  1.00 21.24 ? 2106 HOH A O   1 
HETATM 1473 O  O   . HOH E 4 .   ? 16.615  -5.595  -0.680  1.00 25.72 ? 2107 HOH A O   1 
HETATM 1474 O  O   . HOH E 4 .   ? -5.244  8.339   -13.625 1.00 16.51 ? 2108 HOH A O   1 
HETATM 1475 O  O   . HOH E 4 .   ? 15.827  -7.267  1.653   1.00 16.17 ? 2109 HOH A O   1 
HETATM 1476 O  O   . HOH E 4 .   ? 14.203  -5.020  8.110   1.00 16.25 ? 2110 HOH A O   1 
HETATM 1477 O  O   . HOH E 4 .   ? 15.975  -7.001  5.565   1.00 18.44 ? 2111 HOH A O   1 
HETATM 1478 O  O   . HOH E 4 .   ? 14.694  -11.261 2.203   1.00 19.18 ? 2112 HOH A O   1 
HETATM 1479 O  O   . HOH E 4 .   ? 13.617  -10.108 -0.805  1.00 17.02 ? 2113 HOH A O   1 
HETATM 1480 O  O   . HOH E 4 .   ? 13.790  -8.947  7.963   1.00 29.02 ? 2114 HOH A O   1 
HETATM 1481 O  O   . HOH E 4 .   ? 11.495  -3.911  10.444  1.00 27.57 ? 2115 HOH A O   1 
HETATM 1482 O  O   . HOH E 4 .   ? 7.419   -3.802  6.169   1.00 6.75  ? 2116 HOH A O   1 
HETATM 1483 O  O   . HOH E 4 .   ? 4.362   -20.258 -2.560  1.00 33.65 ? 2117 HOH A O   1 
HETATM 1484 O  O   . HOH E 4 .   ? 13.729  0.493   10.580  1.00 17.71 ? 2118 HOH A O   1 
HETATM 1485 O  O   . HOH E 4 .   ? 0.761   -10.415 18.482  1.00 26.79 ? 2119 HOH A O   1 
HETATM 1486 O  O   . HOH E 4 .   ? 12.870  -11.707 7.965   1.00 23.17 ? 2120 HOH A O   1 
HETATM 1487 O  O   . HOH E 4 .   ? 3.078   1.911   3.115   1.00 2.88  ? 2121 HOH A O   1 
HETATM 1488 O  O   . HOH E 4 .   ? 11.600  3.177   8.093   1.00 7.85  ? 2122 HOH A O   1 
HETATM 1489 O  O   . HOH E 4 .   ? 14.154  4.796   1.912   1.00 9.23  ? 2123 HOH A O   1 
HETATM 1490 O  O   . HOH E 4 .   ? 16.477  6.301   5.961   1.00 15.44 ? 2124 HOH A O   1 
HETATM 1491 O  O   . HOH E 4 .   ? 14.608  8.303   5.520   1.00 21.76 ? 2125 HOH A O   1 
HETATM 1492 O  O   . HOH E 4 .   ? 14.626  11.935  10.275  1.00 21.29 ? 2126 HOH A O   1 
HETATM 1493 O  O   . HOH E 4 .   ? 11.975  12.345  9.563   1.00 15.61 ? 2127 HOH A O   1 
HETATM 1494 O  O   . HOH E 4 .   ? 14.201  7.374   12.920  1.00 17.20 ? 2128 HOH A O   1 
HETATM 1495 O  O   . HOH E 4 .   ? 15.973  9.190   11.695  1.00 15.84 ? 2129 HOH A O   1 
HETATM 1496 O  O   . HOH E 4 .   ? 8.157   9.339   13.707  1.00 20.81 ? 2130 HOH A O   1 
HETATM 1497 O  O   A HOH E 4 .   ? -2.732  19.342  -12.888 0.50 19.65 ? 2131 HOH A O   1 
HETATM 1498 O  O   B HOH E 4 .   ? -0.445  -30.527 3.213   0.50 15.62 ? 2131 HOH A O   1 
HETATM 1499 O  O   . HOH E 4 .   ? 8.801   -1.412  13.666  1.00 25.03 ? 2132 HOH A O   1 
HETATM 1500 O  O   . HOH E 4 .   ? -13.609 12.302  -7.587  0.50 14.24 ? 2133 HOH A O   1 
HETATM 1501 O  O   . HOH E 4 .   ? 14.674  3.703   14.333  1.00 24.61 ? 2134 HOH A O   1 
HETATM 1502 O  O   . HOH E 4 .   ? 10.268  3.846   15.950  1.00 28.85 ? 2135 HOH A O   1 
HETATM 1503 O  O   . HOH E 4 .   ? 4.419   -0.579  15.513  1.00 11.35 ? 2136 HOH A O   1 
HETATM 1504 O  O   . HOH E 4 .   ? 7.355   -6.111  7.786   1.00 6.94  ? 2137 HOH A O   1 
HETATM 1505 O  O   . HOH E 4 .   ? 8.844   -6.516  10.228  1.00 14.66 ? 2138 HOH A O   1 
HETATM 1506 O  O   . HOH E 4 .   ? 9.366   -3.909  12.442  1.00 28.94 ? 2139 HOH A O   1 
HETATM 1507 O  O   . HOH E 4 .   ? 11.457  -0.726  10.507  1.00 10.57 ? 2140 HOH A O   1 
HETATM 1508 O  O   . HOH E 4 .   ? -14.435 -5.439  -12.650 1.00 14.92 ? 2141 HOH A O   1 
HETATM 1509 O  O   . HOH E 4 .   ? 3.202   -1.865  18.689  1.00 18.25 ? 2142 HOH A O   1 
HETATM 1510 O  O   . HOH E 4 .   ? 5.361   -4.270  19.843  1.00 21.35 ? 2143 HOH A O   1 
HETATM 1511 O  O   . HOH E 4 .   ? 5.643   -7.337  17.540  1.00 20.08 ? 2144 HOH A O   1 
HETATM 1512 O  O   . HOH E 4 .   ? 2.070   -6.007  18.767  1.00 20.23 ? 2145 HOH A O   1 
HETATM 1513 O  O   . HOH E 4 .   ? 7.093   -7.271  13.812  1.00 16.49 ? 2146 HOH A O   1 
HETATM 1514 O  O   . HOH E 4 .   ? 6.059   -10.825 14.742  1.00 22.15 ? 2147 HOH A O   1 
HETATM 1515 O  O   . HOH E 4 .   ? 7.249   -10.058 12.076  1.00 15.00 ? 2148 HOH A O   1 
HETATM 1516 O  O   . HOH E 4 .   ? -2.163  -7.200  11.322  1.00 6.39  ? 2149 HOH A O   1 
HETATM 1517 O  O   . HOH E 4 .   ? 0.095   -7.536  17.585  1.00 11.68 ? 2150 HOH A O   1 
HETATM 1518 O  O   . HOH E 4 .   ? -1.022  -11.450 16.654  1.00 9.72  ? 2151 HOH A O   1 
HETATM 1519 O  O   . HOH E 4 .   ? -5.444  -11.640 10.888  1.00 10.60 ? 2152 HOH A O   1 
HETATM 1520 O  O   . HOH E 4 .   ? -3.907  -8.141  19.252  1.00 7.43  ? 2153 HOH A O   1 
HETATM 1521 O  O   . HOH E 4 .   ? -2.159  -6.103  18.470  1.00 13.10 ? 2154 HOH A O   1 
HETATM 1522 O  O   . HOH E 4 .   ? -2.756  -3.832  17.715  1.00 18.20 ? 2155 HOH A O   1 
HETATM 1523 O  O   . HOH E 4 .   ? 6.860   19.908  -12.863 1.00 11.97 ? 2156 HOH A O   1 
HETATM 1524 O  O   . HOH E 4 .   ? 17.895  7.406   -6.310  1.00 27.17 ? 2157 HOH A O   1 
HETATM 1525 O  O   . HOH E 4 .   ? -9.381  -1.650  14.422  1.00 17.42 ? 2158 HOH A O   1 
HETATM 1526 O  O   . HOH E 4 .   ? -12.650 -1.289  7.937   1.00 19.10 ? 2159 HOH A O   1 
HETATM 1527 O  O   . HOH E 4 .   ? -12.028 -5.014  10.212  1.00 22.00 ? 2160 HOH A O   1 
HETATM 1528 O  O   . HOH E 4 .   ? -14.190 -3.623  6.851   1.00 12.68 ? 2161 HOH A O   1 
HETATM 1529 O  O   . HOH E 4 .   ? -15.718 -3.666  4.261   1.00 24.07 ? 2162 HOH A O   1 
HETATM 1530 O  O   . HOH E 4 .   ? -17.668 -6.074  7.146   1.00 30.21 ? 2163 HOH A O   1 
HETATM 1531 O  O   . HOH E 4 .   ? -11.791 -7.966  9.726   1.00 22.21 ? 2164 HOH A O   1 
HETATM 1532 O  O   . HOH E 4 .   ? -16.378 -8.699  2.815   1.00 30.99 ? 2165 HOH A O   1 
HETATM 1533 O  O   . HOH E 4 .   ? -14.511 -6.286  -1.730  1.00 17.90 ? 2166 HOH A O   1 
HETATM 1534 O  O   . HOH E 4 .   ? -12.649 -7.112  -3.547  1.00 11.41 ? 2167 HOH A O   1 
HETATM 1535 O  O   . HOH E 4 .   ? -15.261 -8.533  -5.581  1.00 9.97  ? 2168 HOH A O   1 
HETATM 1536 O  O   . HOH E 4 .   ? -16.957 -6.881  -2.737  1.00 22.71 ? 2169 HOH A O   1 
HETATM 1537 O  O   . HOH E 4 .   ? -13.568 -16.168 -2.616  1.00 19.32 ? 2170 HOH A O   1 
HETATM 1538 O  O   . HOH E 4 .   ? -15.766 -4.972  -4.922  1.00 23.20 ? 2171 HOH A O   1 
HETATM 1539 O  O   . HOH E 4 .   ? -14.502 -2.514  -4.589  1.00 16.23 ? 2172 HOH A O   1 
HETATM 1540 O  O   . HOH E 4 .   ? -15.798 -1.860  -9.512  1.00 15.64 ? 2173 HOH A O   1 
HETATM 1541 O  O   . HOH E 4 .   ? -15.180 2.768   -5.626  1.00 24.32 ? 2174 HOH A O   1 
HETATM 1542 O  O   . HOH E 4 .   ? -12.166 3.050   -7.441  1.00 22.28 ? 2175 HOH A O   1 
HETATM 1543 O  O   . HOH E 4 .   ? -10.667 10.452  0.941   1.00 14.26 ? 2176 HOH A O   1 
HETATM 1544 O  O   . HOH E 4 .   ? -3.044  20.218  -4.430  1.00 32.53 ? 2177 HOH A O   1 
HETATM 1545 O  O   . HOH E 4 .   ? -1.552  18.739  -6.498  1.00 17.21 ? 2178 HOH A O   1 
HETATM 1546 O  O   . HOH E 4 .   ? 3.131   18.680  -7.277  1.00 22.26 ? 2179 HOH A O   1 
HETATM 1547 O  O   . HOH E 4 .   ? 5.318   17.461  -9.792  1.00 11.55 ? 2180 HOH A O   1 
HETATM 1548 O  O   . HOH E 4 .   ? -6.177  17.099  -12.785 1.00 23.68 ? 2181 HOH A O   1 
HETATM 1549 O  O   . HOH E 4 .   ? 7.905   14.227  -7.098  1.00 13.88 ? 2182 HOH A O   1 
HETATM 1550 O  O   . HOH E 4 .   ? 7.577   15.190  -9.736  1.00 10.48 ? 2183 HOH A O   1 
HETATM 1551 O  O   . HOH E 4 .   ? 5.113   16.245  -12.251 1.00 8.60  ? 2184 HOH A O   1 
HETATM 1552 O  O   . HOH E 4 .   ? 4.480   12.466  -21.959 1.00 14.64 ? 2185 HOH A O   1 
HETATM 1553 O  O   . HOH E 4 .   ? 9.231   12.394  -17.622 1.00 18.45 ? 2186 HOH A O   1 
HETATM 1554 O  O   . HOH E 4 .   ? 4.817   5.937   -18.383 1.00 10.80 ? 2187 HOH A O   1 
HETATM 1555 O  O   . HOH E 4 .   ? 4.808   1.608   -9.980  1.00 7.15  ? 2188 HOH A O   1 
HETATM 1556 O  O   . HOH E 4 .   ? 7.666   2.548   -13.513 1.00 21.93 ? 2189 HOH A O   1 
HETATM 1557 O  O   . HOH E 4 .   ? -2.496  7.631   -14.122 1.00 13.49 ? 2190 HOH A O   1 
HETATM 1558 O  O   . HOH E 4 .   ? 6.618   -1.642  -8.517  1.00 15.29 ? 2191 HOH A O   1 
HETATM 1559 O  O   . HOH E 4 .   ? 6.970   -13.866 -6.178  1.00 8.24  ? 2192 HOH A O   1 
HETATM 1560 O  O   . HOH E 4 .   ? 7.057   -17.140 -1.756  1.00 12.02 ? 2193 HOH A O   1 
HETATM 1561 O  O   . HOH E 4 .   ? 5.609   -18.327 -6.046  1.00 15.48 ? 2194 HOH A O   1 
HETATM 1562 O  O   . HOH E 4 .   ? -1.161  -17.733 -3.997  1.00 5.83  ? 2195 HOH A O   1 
HETATM 1563 O  O   . HOH E 4 .   ? 0.819   -20.531 -2.421  1.00 16.56 ? 2196 HOH A O   1 
HETATM 1564 O  O   . HOH E 4 .   ? 3.398   -19.172 0.094   1.00 21.11 ? 2197 HOH A O   1 
HETATM 1565 O  O   . HOH E 4 .   ? -6.698  -20.767 2.324   1.00 29.48 ? 2198 HOH A O   1 
HETATM 1566 O  O   . HOH E 4 .   ? -2.529  -17.292 3.195   1.00 13.55 ? 2199 HOH A O   1 
HETATM 1567 O  O   . HOH E 4 .   ? -5.068  -17.430 1.681   1.00 8.21  ? 2200 HOH A O   1 
HETATM 1568 O  O   . HOH E 4 .   ? -2.800  -21.669 3.262   1.00 30.91 ? 2201 HOH A O   1 
HETATM 1569 O  O   . HOH E 4 .   ? -3.493  -23.603 1.271   1.00 27.93 ? 2202 HOH A O   1 
HETATM 1570 O  O   . HOH E 4 .   ? 2.309   -21.959 4.527   1.00 26.37 ? 2203 HOH A O   1 
HETATM 1571 O  O   . HOH E 4 .   ? -0.160  -20.934 6.411   1.00 34.98 ? 2204 HOH A O   1 
HETATM 1572 O  O   . HOH E 4 .   ? -1.658  -16.729 5.728   1.00 13.70 ? 2205 HOH A O   1 
HETATM 1573 O  O   . HOH E 4 .   ? 5.398   -15.121 4.518   1.00 15.14 ? 2206 HOH A O   1 
HETATM 1574 O  O   . HOH E 4 .   ? 5.309   -11.925 6.075   1.00 7.89  ? 2207 HOH A O   1 
HETATM 1575 O  O   . HOH E 4 .   ? 1.483   -15.582 16.122  1.00 17.88 ? 2208 HOH A O   1 
HETATM 1576 O  O   . HOH E 4 .   ? 0.620   -13.070 14.810  0.50 7.57  ? 2209 HOH A O   1 
HETATM 1577 O  O   . HOH E 4 .   ? 3.219   -11.704 17.329  0.50 12.84 ? 2210 HOH A O   1 
HETATM 1578 O  O   . HOH E 4 .   ? 9.131   -11.338 13.534  1.00 31.10 ? 2211 HOH A O   1 
HETATM 1579 O  O   . HOH E 4 .   ? 11.400  -12.755 12.165  1.00 28.15 ? 2212 HOH A O   1 
HETATM 1580 O  O   . HOH E 4 .   ? 11.081  -14.607 7.910   1.00 27.25 ? 2213 HOH A O   1 
HETATM 1581 O  O   . HOH E 4 .   ? 7.820   -14.697 5.636   1.00 24.01 ? 2214 HOH A O   1 
HETATM 1582 O  O   . HOH E 4 .   ? 6.017   -11.469 3.309   0.50 8.25  ? 2215 HOH A O   1 
HETATM 1583 O  O   . HOH E 4 .   ? 6.947   -11.995 3.997   0.50 5.28  ? 2216 HOH A O   1 
HETATM 1584 O  O   . HOH E 4 .   ? 10.511  -12.432 6.364   1.00 16.25 ? 2217 HOH A O   1 
HETATM 1585 O  O   . HOH E 4 .   ? 11.674  -13.475 4.172   1.00 17.68 ? 2218 HOH A O   1 
HETATM 1586 O  O   . HOH E 4 .   ? 12.782  -14.797 0.695   1.00 26.19 ? 2219 HOH A O   1 
HETATM 1587 O  O   . HOH E 4 .   ? 17.215  -10.804 -3.907  1.00 20.32 ? 2220 HOH A O   1 
HETATM 1588 O  O   . HOH E 4 .   ? 6.107   -17.271 2.834   1.00 26.98 ? 2221 HOH A O   1 
HETATM 1589 O  O   . HOH E 4 .   ? 10.421  -16.455 0.292   1.00 17.87 ? 2222 HOH A O   1 
HETATM 1590 O  O   . HOH E 4 .   ? 9.976   -15.915 3.637   1.00 20.58 ? 2223 HOH A O   1 
HETATM 1591 O  O   . HOH E 4 .   ? 5.346   -13.906 -8.421  1.00 10.06 ? 2224 HOH A O   1 
HETATM 1592 O  O   . HOH E 4 .   ? 3.857   -17.065 -7.795  1.00 18.12 ? 2225 HOH A O   1 
HETATM 1593 O  O   . HOH E 4 .   ? -1.422  -15.160 -8.098  1.00 6.14  ? 2226 HOH A O   1 
HETATM 1594 O  O   . HOH E 4 .   ? 0.791   -17.621 -6.052  1.00 8.91  ? 2227 HOH A O   1 
HETATM 1595 O  O   . HOH E 4 .   ? 4.521   -11.630 -9.735  1.00 7.79  ? 2228 HOH A O   1 
HETATM 1596 O  O   . HOH E 4 .   ? 0.527   -13.087 -10.316 1.00 11.03 ? 2229 HOH A O   1 
HETATM 1597 O  O   . HOH E 4 .   ? 3.599   -5.769  -15.267 1.00 21.79 ? 2230 HOH A O   1 
HETATM 1598 O  O   . HOH E 4 .   ? -5.182  -10.071 -10.443 1.00 5.83  ? 2231 HOH A O   1 
HETATM 1599 O  O   . HOH E 4 .   ? -5.932  -7.032  -11.811 1.00 8.30  ? 2232 HOH A O   1 
HETATM 1600 O  O   . HOH E 4 .   ? -3.498  -4.559  -14.730 1.00 16.90 ? 2233 HOH A O   1 
HETATM 1601 O  O   . HOH E 4 .   ? -1.101  -4.586  -17.268 1.00 22.94 ? 2234 HOH A O   1 
HETATM 1602 O  O   . HOH E 4 .   ? 0.574   -1.911  -18.616 1.00 30.78 ? 2235 HOH A O   1 
HETATM 1603 O  O   . HOH E 4 .   ? -3.716  -2.217  -16.876 1.00 20.77 ? 2236 HOH A O   1 
HETATM 1604 O  O   . HOH E 4 .   ? -2.302  0.128   -18.536 1.00 15.19 ? 2237 HOH A O   1 
HETATM 1605 O  O   . HOH E 4 .   ? -3.393  5.856   -16.310 1.00 24.90 ? 2238 HOH A O   1 
HETATM 1606 O  O   . HOH E 4 .   ? -2.887  3.162   -19.237 1.00 25.65 ? 2239 HOH A O   1 
HETATM 1607 O  O   . HOH E 4 .   ? 3.580   4.177   -22.153 1.00 21.16 ? 2240 HOH A O   1 
HETATM 1608 O  O   . HOH E 4 .   ? 1.293   0.366   -21.730 1.00 27.76 ? 2241 HOH A O   1 
HETATM 1609 O  O   . HOH E 4 .   ? -1.250  9.576   -15.462 1.00 12.43 ? 2242 HOH A O   1 
HETATM 1610 O  O   . HOH E 4 .   ? 0.672   10.544  -22.746 1.00 12.92 ? 2243 HOH A O   1 
HETATM 1611 O  O   . HOH E 4 .   ? 7.568   6.326   -18.719 1.00 9.53  ? 2244 HOH A O   1 
HETATM 1612 O  O   . HOH E 4 .   ? -3.854  10.096  -16.971 1.00 28.13 ? 2245 HOH A O   1 
HETATM 1613 O  O   . HOH E 4 .   ? -3.697  13.994  -18.958 1.00 18.42 ? 2246 HOH A O   1 
HETATM 1614 O  O   . HOH E 4 .   ? -3.589  10.661  -23.676 1.00 27.75 ? 2247 HOH A O   1 
HETATM 1615 O  O   . HOH E 4 .   ? -1.555  15.274  -17.877 1.00 10.36 ? 2248 HOH A O   1 
HETATM 1616 O  O   . HOH E 4 .   ? -3.725  17.079  -14.043 1.00 18.52 ? 2249 HOH A O   1 
HETATM 1617 O  O   . HOH E 4 .   ? -4.597  13.337  -16.411 1.00 24.59 ? 2250 HOH A O   1 
HETATM 1618 O  O   . HOH E 4 .   ? -6.424  10.800  -13.116 1.00 13.76 ? 2251 HOH A O   1 
HETATM 1619 O  O   . HOH E 4 .   ? -8.828  10.372  -11.834 1.00 15.87 ? 2252 HOH A O   1 
HETATM 1620 O  O   . HOH E 4 .   ? -6.799  15.286  -15.890 1.00 29.56 ? 2253 HOH A O   1 
HETATM 1621 O  O   . HOH E 4 .   ? -9.964  14.574  -8.449  1.00 20.00 ? 2254 HOH A O   1 
HETATM 1622 O  O   . HOH E 4 .   ? -8.311  18.345  -9.223  0.50 19.63 ? 2255 HOH A O   1 
HETATM 1623 O  O   . HOH E 4 .   ? -7.926  16.989  -9.403  0.50 12.73 ? 2256 HOH A O   1 
HETATM 1624 O  O   . HOH E 4 .   ? -11.648 11.430  -9.823  1.00 27.89 ? 2257 HOH A O   1 
HETATM 1625 O  O   . HOH E 4 .   ? -9.328  7.648   -11.911 1.00 20.98 ? 2258 HOH A O   1 
HETATM 1626 O  O   . HOH E 4 .   ? -14.430 10.795  -6.502  0.50 15.90 ? 2259 HOH A O   1 
HETATM 1627 O  O   . HOH E 4 .   ? -17.299 10.777  -6.205  1.00 24.62 ? 2260 HOH A O   1 
HETATM 1628 O  O   . HOH E 4 .   ? -5.592  4.983   -13.849 1.00 19.29 ? 2261 HOH A O   1 
HETATM 1629 O  O   . HOH E 4 .   ? -8.596  0.335   -13.408 1.00 22.10 ? 2262 HOH A O   1 
HETATM 1630 O  O   . HOH E 4 .   ? -6.169  -3.136  -13.546 1.00 27.35 ? 2263 HOH A O   1 
HETATM 1631 O  O   . HOH E 4 .   ? -11.710 -6.190  -12.417 1.00 21.28 ? 2264 HOH A O   1 
HETATM 1632 O  O   . HOH E 4 .   ? -11.998 -11.398 -10.902 1.00 9.96  ? 2265 HOH A O   1 
HETATM 1633 O  O   . HOH E 4 .   ? -7.189  -9.573  -13.865 1.00 15.63 ? 2266 HOH A O   1 
HETATM 1634 O  O   . HOH E 4 .   ? -11.479 -8.750  -14.931 1.00 29.18 ? 2267 HOH A O   1 
HETATM 1635 O  O   . HOH E 4 .   ? -12.171 -18.399 -3.358  1.00 20.94 ? 2268 HOH A O   1 
HETATM 1636 O  O   . HOH E 4 .   ? -7.349  -20.179 -0.215  1.00 22.84 ? 2269 HOH A O   1 
HETATM 1637 O  O   . HOH E 4 .   ? -11.338 -16.859 -0.797  1.00 13.20 ? 2270 HOH A O   1 
HETATM 1638 O  O   . HOH E 4 .   ? -5.286  -16.559 5.684   0.50 9.82  ? 2271 HOH A O   1 
HETATM 1639 O  O   . HOH E 4 .   ? -5.508  -18.854 4.190   1.00 19.60 ? 2272 HOH A O   1 
HETATM 1640 O  O   . HOH E 4 .   ? -4.495  -15.524 4.943   0.50 9.62  ? 2273 HOH A O   1 
HETATM 1641 O  O   . HOH E 4 .   ? -12.091 -15.539 5.410   0.50 10.49 ? 2274 HOH A O   1 
HETATM 1642 O  O   . HOH E 4 .   ? -6.733  -14.604 8.475   1.00 9.85  ? 2275 HOH A O   1 
HETATM 1643 O  O   . HOH E 4 .   ? -3.111  -14.635 7.099   1.00 21.48 ? 2276 HOH A O   1 
HETATM 1644 O  O   . HOH E 4 .   ? 13.987  14.105  -11.173 1.00 11.21 ? 2277 HOH A O   1 
HETATM 1645 O  O   . HOH E 4 .   ? 8.996   18.000  -12.998 1.00 10.49 ? 2278 HOH A O   1 
HETATM 1646 O  O   . HOH E 4 .   ? 14.783  11.971  -9.514  1.00 14.17 ? 2279 HOH A O   1 
HETATM 1647 O  O   . HOH E 4 .   ? 16.045  9.202   -5.511  1.00 20.48 ? 2280 HOH A O   1 
HETATM 1648 O  O   . HOH E 4 .   ? -13.245 -13.205 8.769   1.00 17.57 ? 2281 HOH A O   1 
HETATM 1649 O  O   . HOH E 4 .   ? -7.757  -10.706 9.417   1.00 17.04 ? 2282 HOH A O   1 
HETATM 1650 O  O   . HOH E 4 .   ? -9.463  -13.943 8.757   1.00 14.32 ? 2283 HOH A O   1 
HETATM 1651 O  O   . HOH E 4 .   ? -18.472 -12.862 3.205   1.00 21.77 ? 2284 HOH A O   1 
HETATM 1652 O  O   . HOH E 4 .   ? -15.642 -10.745 6.793   0.50 16.89 ? 2285 HOH A O   1 
HETATM 1653 O  O   . HOH E 4 .   ? -17.563 -13.381 6.267   1.00 27.46 ? 2286 HOH A O   1 
HETATM 1654 O  O   . HOH E 4 .   ? -11.312 19.775  -1.556  1.00 29.43 ? 2287 HOH A O   1 
HETATM 1655 O  O   . HOH E 4 .   ? -4.775  18.000  0.644   1.00 24.00 ? 2288 HOH A O   1 
HETATM 1656 O  O   . HOH E 4 .   ? -8.069  20.372  -3.873  1.00 28.91 ? 2289 HOH A O   1 
HETATM 1657 O  O   . HOH E 4 .   ? 7.501   -7.448  -10.856 1.00 31.76 ? 2290 HOH A O   1 
# 
loop_
_pdbx_poly_seq_scheme.asym_id 
_pdbx_poly_seq_scheme.entity_id 
_pdbx_poly_seq_scheme.seq_id 
_pdbx_poly_seq_scheme.mon_id 
_pdbx_poly_seq_scheme.ndb_seq_num 
_pdbx_poly_seq_scheme.pdb_seq_num 
_pdbx_poly_seq_scheme.auth_seq_num 
_pdbx_poly_seq_scheme.pdb_mon_id 
_pdbx_poly_seq_scheme.auth_mon_id 
_pdbx_poly_seq_scheme.pdb_strand_id 
_pdbx_poly_seq_scheme.pdb_ins_code 
_pdbx_poly_seq_scheme.hetero 
A 1 1   HIS 1   29  29  HIS HIS A . n 
A 1 2   GLY 2   30  30  GLY GLY A . n 
A 1 3   TYR 3   31  31  TYR TYR A . n 
A 1 4   VAL 4   32  32  VAL VAL A . n 
A 1 5   ALA 5   33  33  ALA ALA A . n 
A 1 6   SER 6   34  34  SER SER A . n 
A 1 7   PRO 7   35  35  PRO PRO A . n 
A 1 8   GLY 8   36  36  GLY GLY A . n 
A 1 9   SER 9   37  37  SER SER A . n 
A 1 10  ARG 10  38  38  ARG ARG A . n 
A 1 11  ALA 11  39  39  ALA ALA A . n 
A 1 12  PHE 12  40  40  PHE PHE A . n 
A 1 13  PHE 13  41  41  PHE PHE A . n 
A 1 14  GLY 14  42  42  GLY GLY A . n 
A 1 15  SER 15  43  43  SER SER A . n 
A 1 16  SER 16  44  44  SER SER A . n 
A 1 17  ALA 17  45  45  ALA ALA A . n 
A 1 18  GLY 18  46  46  GLY GLY A . n 
A 1 19  GLY 19  47  47  GLY GLY A . n 
A 1 20  ASN 20  48  48  ASN ASN A . n 
A 1 21  LEU 21  49  49  LEU LEU A . n 
A 1 22  ASN 22  50  50  ASN ASN A . n 
A 1 23  THR 23  51  51  THR THR A . n 
A 1 24  ASN 24  52  52  ASN ASN A . n 
A 1 25  VAL 25  53  53  VAL VAL A . n 
A 1 26  GLY 26  54  54  GLY GLY A . n 
A 1 27  ARG 27  55  55  ARG ARG A . n 
A 1 28  ALA 28  56  56  ALA ALA A . n 
A 1 29  GLN 29  57  57  GLN GLN A . n 
A 1 30  TRP 30  58  58  TRP TRP A . n 
A 1 31  GLU 31  59  59  GLU GLU A . n 
A 1 32  PRO 32  60  60  PRO PRO A . n 
A 1 33  GLN 33  61  61  GLN GLN A . n 
A 1 34  SER 34  62  62  SER SER A . n 
A 1 35  ILE 35  63  63  ILE ILE A . n 
A 1 36  GLU 36  64  64  GLU GLU A . n 
A 1 37  ALA 37  65  65  ALA ALA A . n 
A 1 38  PRO 38  66  66  PRO PRO A . n 
A 1 39  LYS 39  67  67  LYS LYS A . n 
A 1 40  ASN 40  68  68  ASN ASN A . n 
A 1 41  THR 41  69  69  THR THR A . n 
A 1 42  PHE 42  70  70  PHE PHE A . n 
A 1 43  ILE 43  71  71  ILE ILE A . n 
A 1 44  THR 44  72  72  THR THR A . n 
A 1 45  GLY 45  73  73  GLY GLY A . n 
A 1 46  LYS 46  74  74  LYS LYS A . n 
A 1 47  LEU 47  75  75  LEU LEU A . n 
A 1 48  ALA 48  76  76  ALA ALA A . n 
A 1 49  SER 49  77  77  SER SER A . n 
A 1 50  ALA 50  78  78  ALA ALA A . n 
A 1 51  GLY 51  79  79  GLY GLY A . n 
A 1 52  VAL 52  80  80  VAL VAL A . n 
A 1 53  SER 53  81  81  SER SER A . n 
A 1 54  GLY 54  82  82  GLY GLY A . n 
A 1 55  PHE 55  83  83  PHE PHE A . n 
A 1 56  GLU 56  84  84  GLU GLU A . n 
A 1 57  PRO 57  85  85  PRO PRO A . n 
A 1 58  LEU 58  86  86  LEU LEU A . n 
A 1 59  ASP 59  87  87  ASP ASP A . n 
A 1 60  GLU 60  88  88  GLU GLU A . n 
A 1 61  GLN 61  89  89  GLN GLN A . n 
A 1 62  THR 62  90  90  THR THR A . n 
A 1 63  ALA 63  91  91  ALA ALA A . n 
A 1 64  THR 64  92  92  THR THR A . n 
A 1 65  ARG 65  93  93  ARG ARG A . n 
A 1 66  TRP 66  94  94  TRP TRP A . n 
A 1 67  HIS 67  95  95  HIS HIS A . n 
A 1 68  LYS 68  96  96  LYS LYS A . n 
A 1 69  THR 69  97  97  THR THR A . n 
A 1 70  ASN 70  98  98  ASN ASN A . n 
A 1 71  ILE 71  99  99  ILE ILE A . n 
A 1 72  THR 72  100 100 THR THR A . n 
A 1 73  THR 73  101 101 THR THR A . n 
A 1 74  GLY 74  102 102 GLY GLY A . n 
A 1 75  PRO 75  103 103 PRO PRO A . n 
A 1 76  LEU 76  104 104 LEU LEU A . n 
A 1 77  ASP 77  105 105 ASP ASP A . n 
A 1 78  ILE 78  106 106 ILE ILE A . n 
A 1 79  THR 79  107 107 THR THR A . n 
A 1 80  TRP 80  108 108 TRP TRP A . n 
A 1 81  ASN 81  109 109 ASN ASN A . n 
A 1 82  LEU 82  110 110 LEU LEU A . n 
A 1 83  THR 83  111 111 THR THR A . n 
A 1 84  ALA 84  112 112 ALA ALA A . n 
A 1 85  GLN 85  113 113 GLN GLN A . n 
A 1 86  HIS 86  114 114 HIS HIS A . n 
A 1 87  ARG 87  115 115 ARG ARG A . n 
A 1 88  THR 88  116 116 THR THR A . n 
A 1 89  ALA 89  117 117 ALA ALA A . n 
A 1 90  SER 90  118 118 SER SER A . n 
A 1 91  TRP 91  119 119 TRP TRP A . n 
A 1 92  ASP 92  120 120 ASP ASP A . n 
A 1 93  TYR 93  121 121 TYR TYR A . n 
A 1 94  TYR 94  122 122 TYR TYR A . n 
A 1 95  ILE 95  123 123 ILE ILE A . n 
A 1 96  THR 96  124 124 THR THR A . n 
A 1 97  LYS 97  125 125 LYS LYS A . n 
A 1 98  ASN 98  126 126 ASN ASN A . n 
A 1 99  GLY 99  127 127 GLY GLY A . n 
A 1 100 TRP 100 128 128 TRP TRP A . n 
A 1 101 ASN 101 129 129 ASN ASN A . n 
A 1 102 PRO 102 130 130 PRO PRO A . n 
A 1 103 ASN 103 131 131 ASN ASN A . n 
A 1 104 GLN 104 132 132 GLN GLN A . n 
A 1 105 PRO 105 133 133 PRO PRO A . n 
A 1 106 LEU 106 134 134 LEU LEU A . n 
A 1 107 ASP 107 135 135 ASP ASP A . n 
A 1 108 ILE 108 136 136 ILE ILE A . n 
A 1 109 LYS 109 137 137 LYS LYS A . n 
A 1 110 ASN 110 138 138 ASN ASN A . n 
A 1 111 PHE 111 139 139 PHE PHE A . n 
A 1 112 ASP 112 140 140 ASP ASP A . n 
A 1 113 LYS 113 141 141 LYS LYS A . n 
A 1 114 ILE 114 142 142 ILE ILE A . n 
A 1 115 ALA 115 143 143 ALA ALA A . n 
A 1 116 SER 116 144 144 SER SER A . n 
A 1 117 ILE 117 145 145 ILE ILE A . n 
A 1 118 ASP 118 146 146 ASP ASP A . n 
A 1 119 GLY 119 147 147 GLY GLY A . n 
A 1 120 LYS 120 148 148 LYS LYS A . n 
A 1 121 GLN 121 149 149 GLN GLN A . n 
A 1 122 GLU 122 150 150 GLU GLU A . n 
A 1 123 VAL 123 151 151 VAL VAL A . n 
A 1 124 PRO 124 152 152 PRO PRO A . n 
A 1 125 ASN 125 153 153 ASN ASN A . n 
A 1 126 LYS 126 154 154 LYS LYS A . n 
A 1 127 VAL 127 155 155 VAL VAL A . n 
A 1 128 VAL 128 156 156 VAL VAL A . n 
A 1 129 LYS 129 157 157 LYS LYS A . n 
A 1 130 GLN 130 158 158 GLN GLN A . n 
A 1 131 THR 131 159 159 THR THR A . n 
A 1 132 ILE 132 160 160 ILE ILE A . n 
A 1 133 ASN 133 161 161 ASN ASN A . n 
A 1 134 ILE 134 162 162 ILE ILE A . n 
A 1 135 PRO 135 163 163 PRO PRO A . n 
A 1 136 THR 136 164 164 THR THR A . n 
A 1 137 ASP 137 165 165 ASP ASP A . n 
A 1 138 ARG 138 166 166 ARG ARG A . n 
A 1 139 LYS 139 167 167 LYS LYS A . n 
A 1 140 GLY 140 168 168 GLY GLY A . n 
A 1 141 TYR 141 169 169 TYR TYR A . n 
A 1 142 HIS 142 170 170 HIS HIS A . n 
A 1 143 VAL 143 171 171 VAL VAL A . n 
A 1 144 ILE 144 172 172 ILE ILE A . n 
A 1 145 TYR 145 173 173 TYR TYR A . n 
A 1 146 ALA 146 174 174 ALA ALA A . n 
A 1 147 VAL 147 175 175 VAL VAL A . n 
A 1 148 TRP 148 176 176 TRP TRP A . n 
A 1 149 GLY 149 177 177 GLY GLY A . n 
A 1 150 ILE 150 178 178 ILE ILE A . n 
A 1 151 GLY 151 179 179 GLY GLY A . n 
A 1 152 ASP 152 180 180 ASP ASP A . n 
A 1 153 THR 153 181 181 THR THR A . n 
A 1 154 VAL 154 182 182 VAL VAL A . n 
A 1 155 ASN 155 183 183 ASN ASN A . n 
A 1 156 ALA 156 184 184 ALA ALA A . n 
A 1 157 PHE 157 185 185 PHE PHE A . n 
A 1 158 TYR 158 186 186 TYR TYR A . n 
A 1 159 GLN 159 187 187 GLN GLN A . n 
A 1 160 ALA 160 188 188 ALA ALA A . n 
A 1 161 ILE 161 189 189 ILE ILE A . n 
A 1 162 ASP 162 190 190 ASP ASP A . n 
A 1 163 VAL 163 191 191 VAL VAL A . n 
A 1 164 ASN 164 192 192 ASN ASN A . n 
A 1 165 ILE 165 193 193 ILE ILE A . n 
A 1 166 GLN 166 194 194 GLN GLN A . n 
# 
loop_
_pdbx_nonpoly_scheme.asym_id 
_pdbx_nonpoly_scheme.entity_id 
_pdbx_nonpoly_scheme.mon_id 
_pdbx_nonpoly_scheme.ndb_seq_num 
_pdbx_nonpoly_scheme.pdb_seq_num 
_pdbx_nonpoly_scheme.auth_seq_num 
_pdbx_nonpoly_scheme.pdb_mon_id 
_pdbx_nonpoly_scheme.auth_mon_id 
_pdbx_nonpoly_scheme.pdb_strand_id 
_pdbx_nonpoly_scheme.pdb_ins_code 
B 2 CU  1   195  195  CU  CU  A . 
C 3 PEG 1   1195 1195 PEG PEG A . 
D 3 PEG 1   1196 1196 PEG PEG A . 
E 4 HOH 1   2001 2001 HOH HOH A . 
E 4 HOH 2   2002 2002 HOH HOH A . 
E 4 HOH 3   2003 2003 HOH HOH A . 
E 4 HOH 4   2004 2004 HOH HOH A . 
E 4 HOH 5   2005 2005 HOH HOH A . 
E 4 HOH 6   2006 2006 HOH HOH A . 
E 4 HOH 7   2007 2007 HOH HOH A . 
E 4 HOH 8   2008 2008 HOH HOH A . 
E 4 HOH 9   2009 2009 HOH HOH A . 
E 4 HOH 10  2010 2010 HOH HOH A . 
E 4 HOH 11  2011 2011 HOH HOH A . 
E 4 HOH 12  2012 2012 HOH HOH A . 
E 4 HOH 13  2013 2013 HOH HOH A . 
E 4 HOH 14  2014 2014 HOH HOH A . 
E 4 HOH 15  2015 2015 HOH HOH A . 
E 4 HOH 16  2016 2016 HOH HOH A . 
E 4 HOH 17  2017 2017 HOH HOH A . 
E 4 HOH 18  2018 2018 HOH HOH A . 
E 4 HOH 19  2019 2019 HOH HOH A . 
E 4 HOH 20  2020 2020 HOH HOH A . 
E 4 HOH 21  2021 2021 HOH HOH A . 
E 4 HOH 22  2022 2022 HOH HOH A . 
E 4 HOH 23  2023 2023 HOH HOH A . 
E 4 HOH 24  2024 2024 HOH HOH A . 
E 4 HOH 25  2025 2025 HOH HOH A . 
E 4 HOH 26  2026 2026 HOH HOH A . 
E 4 HOH 27  2027 2027 HOH HOH A . 
E 4 HOH 28  2028 2028 HOH HOH A . 
E 4 HOH 29  2029 2029 HOH HOH A . 
E 4 HOH 30  2030 2030 HOH HOH A . 
E 4 HOH 31  2031 2031 HOH HOH A . 
E 4 HOH 32  2032 2032 HOH HOH A . 
E 4 HOH 33  2033 2033 HOH HOH A . 
E 4 HOH 34  2034 2034 HOH HOH A . 
E 4 HOH 35  2035 2035 HOH HOH A . 
E 4 HOH 36  2036 2036 HOH HOH A . 
E 4 HOH 37  2037 2037 HOH HOH A . 
E 4 HOH 38  2038 2038 HOH HOH A . 
E 4 HOH 39  2039 2039 HOH HOH A . 
E 4 HOH 40  2040 2040 HOH HOH A . 
E 4 HOH 41  2041 2041 HOH HOH A . 
E 4 HOH 42  2042 2042 HOH HOH A . 
E 4 HOH 43  2043 2043 HOH HOH A . 
E 4 HOH 44  2044 2044 HOH HOH A . 
E 4 HOH 45  2045 2045 HOH HOH A . 
E 4 HOH 46  2046 2046 HOH HOH A . 
E 4 HOH 47  2047 2047 HOH HOH A . 
E 4 HOH 48  2048 2048 HOH HOH A . 
E 4 HOH 49  2049 2049 HOH HOH A . 
E 4 HOH 50  2050 2050 HOH HOH A . 
E 4 HOH 51  2051 2051 HOH HOH A . 
E 4 HOH 52  2052 2052 HOH HOH A . 
E 4 HOH 53  2053 2053 HOH HOH A . 
E 4 HOH 54  2054 2054 HOH HOH A . 
E 4 HOH 55  2055 2055 HOH HOH A . 
E 4 HOH 56  2056 2056 HOH HOH A . 
E 4 HOH 57  2057 2057 HOH HOH A . 
E 4 HOH 58  2058 2058 HOH HOH A . 
E 4 HOH 59  2059 2059 HOH HOH A . 
E 4 HOH 60  2060 2060 HOH HOH A . 
E 4 HOH 61  2061 2061 HOH HOH A . 
E 4 HOH 62  2062 2062 HOH HOH A . 
E 4 HOH 63  2063 2063 HOH HOH A . 
E 4 HOH 64  2064 2064 HOH HOH A . 
E 4 HOH 65  2065 2065 HOH HOH A . 
E 4 HOH 66  2066 2066 HOH HOH A . 
E 4 HOH 67  2067 2067 HOH HOH A . 
E 4 HOH 68  2068 2068 HOH HOH A . 
E 4 HOH 69  2069 2069 HOH HOH A . 
E 4 HOH 70  2070 2070 HOH HOH A . 
E 4 HOH 71  2071 2071 HOH HOH A . 
E 4 HOH 72  2072 2072 HOH HOH A . 
E 4 HOH 73  2073 2073 HOH HOH A . 
E 4 HOH 74  2074 2074 HOH HOH A . 
E 4 HOH 75  2075 2075 HOH HOH A . 
E 4 HOH 76  2076 2076 HOH HOH A . 
E 4 HOH 77  2077 2077 HOH HOH A . 
E 4 HOH 78  2078 2078 HOH HOH A . 
E 4 HOH 79  2079 2079 HOH HOH A . 
E 4 HOH 80  2080 2080 HOH HOH A . 
E 4 HOH 81  2081 2081 HOH HOH A . 
E 4 HOH 82  2082 2082 HOH HOH A . 
E 4 HOH 83  2083 2083 HOH HOH A . 
E 4 HOH 84  2084 2084 HOH HOH A . 
E 4 HOH 85  2085 2085 HOH HOH A . 
E 4 HOH 86  2086 2086 HOH HOH A . 
E 4 HOH 87  2087 2087 HOH HOH A . 
E 4 HOH 88  2088 2088 HOH HOH A . 
E 4 HOH 89  2089 2089 HOH HOH A . 
E 4 HOH 90  2090 2090 HOH HOH A . 
E 4 HOH 91  2091 2091 HOH HOH A . 
E 4 HOH 92  2092 2092 HOH HOH A . 
E 4 HOH 93  2093 2093 HOH HOH A . 
E 4 HOH 94  2094 2094 HOH HOH A . 
E 4 HOH 95  2095 2095 HOH HOH A . 
E 4 HOH 96  2096 2096 HOH HOH A . 
E 4 HOH 97  2097 2097 HOH HOH A . 
E 4 HOH 98  2098 2098 HOH HOH A . 
E 4 HOH 99  2099 2099 HOH HOH A . 
E 4 HOH 100 2100 2100 HOH HOH A . 
E 4 HOH 101 2101 2101 HOH HOH A . 
E 4 HOH 102 2102 2102 HOH HOH A . 
E 4 HOH 103 2103 2103 HOH HOH A . 
E 4 HOH 104 2104 2104 HOH HOH A . 
E 4 HOH 105 2105 2105 HOH HOH A . 
E 4 HOH 106 2106 2106 HOH HOH A . 
E 4 HOH 107 2107 2107 HOH HOH A . 
E 4 HOH 108 2108 2108 HOH HOH A . 
E 4 HOH 109 2109 2109 HOH HOH A . 
E 4 HOH 110 2110 2110 HOH HOH A . 
E 4 HOH 111 2111 2111 HOH HOH A . 
E 4 HOH 112 2112 2112 HOH HOH A . 
E 4 HOH 113 2113 2113 HOH HOH A . 
E 4 HOH 114 2114 2114 HOH HOH A . 
E 4 HOH 115 2115 2115 HOH HOH A . 
E 4 HOH 116 2116 2116 HOH HOH A . 
E 4 HOH 117 2117 2117 HOH HOH A . 
E 4 HOH 118 2118 2118 HOH HOH A . 
E 4 HOH 119 2119 2119 HOH HOH A . 
E 4 HOH 120 2120 2120 HOH HOH A . 
E 4 HOH 121 2121 2121 HOH HOH A . 
E 4 HOH 122 2122 2122 HOH HOH A . 
E 4 HOH 123 2123 2123 HOH HOH A . 
E 4 HOH 124 2124 2124 HOH HOH A . 
E 4 HOH 125 2125 2125 HOH HOH A . 
E 4 HOH 126 2126 2126 HOH HOH A . 
E 4 HOH 127 2127 2127 HOH HOH A . 
E 4 HOH 128 2128 2128 HOH HOH A . 
E 4 HOH 129 2129 2129 HOH HOH A . 
E 4 HOH 130 2130 2130 HOH HOH A . 
E 4 HOH 131 2131 2131 HOH HOH A . 
E 4 HOH 132 2132 2132 HOH HOH A . 
E 4 HOH 133 2133 2133 HOH HOH A . 
E 4 HOH 134 2134 2134 HOH HOH A . 
E 4 HOH 135 2135 2135 HOH HOH A . 
E 4 HOH 136 2136 2136 HOH HOH A . 
E 4 HOH 137 2137 2137 HOH HOH A . 
E 4 HOH 138 2138 2138 HOH HOH A . 
E 4 HOH 139 2139 2139 HOH HOH A . 
E 4 HOH 140 2140 2140 HOH HOH A . 
E 4 HOH 141 2141 2141 HOH HOH A . 
E 4 HOH 142 2142 2142 HOH HOH A . 
E 4 HOH 143 2143 2143 HOH HOH A . 
E 4 HOH 144 2144 2144 HOH HOH A . 
E 4 HOH 145 2145 2145 HOH HOH A . 
E 4 HOH 146 2146 2146 HOH HOH A . 
E 4 HOH 147 2147 2147 HOH HOH A . 
E 4 HOH 148 2148 2148 HOH HOH A . 
E 4 HOH 149 2149 2149 HOH HOH A . 
E 4 HOH 150 2150 2150 HOH HOH A . 
E 4 HOH 151 2151 2151 HOH HOH A . 
E 4 HOH 152 2152 2152 HOH HOH A . 
E 4 HOH 153 2153 2153 HOH HOH A . 
E 4 HOH 154 2154 2154 HOH HOH A . 
E 4 HOH 155 2155 2155 HOH HOH A . 
E 4 HOH 156 2156 2156 HOH HOH A . 
E 4 HOH 157 2157 2157 HOH HOH A . 
E 4 HOH 158 2158 2158 HOH HOH A . 
E 4 HOH 159 2159 2159 HOH HOH A . 
E 4 HOH 160 2160 2160 HOH HOH A . 
E 4 HOH 161 2161 2161 HOH HOH A . 
E 4 HOH 162 2162 2162 HOH HOH A . 
E 4 HOH 163 2163 2163 HOH HOH A . 
E 4 HOH 164 2164 2164 HOH HOH A . 
E 4 HOH 165 2165 2165 HOH HOH A . 
E 4 HOH 166 2166 2166 HOH HOH A . 
E 4 HOH 167 2167 2167 HOH HOH A . 
E 4 HOH 168 2168 2168 HOH HOH A . 
E 4 HOH 169 2169 2169 HOH HOH A . 
E 4 HOH 170 2170 2170 HOH HOH A . 
E 4 HOH 171 2171 2171 HOH HOH A . 
E 4 HOH 172 2172 2172 HOH HOH A . 
E 4 HOH 173 2173 2173 HOH HOH A . 
E 4 HOH 174 2174 2174 HOH HOH A . 
E 4 HOH 175 2175 2175 HOH HOH A . 
E 4 HOH 176 2176 2176 HOH HOH A . 
E 4 HOH 177 2177 2177 HOH HOH A . 
E 4 HOH 178 2178 2178 HOH HOH A . 
E 4 HOH 179 2179 2179 HOH HOH A . 
E 4 HOH 180 2180 2180 HOH HOH A . 
E 4 HOH 181 2181 2181 HOH HOH A . 
E 4 HOH 182 2182 2182 HOH HOH A . 
E 4 HOH 183 2183 2183 HOH HOH A . 
E 4 HOH 184 2184 2184 HOH HOH A . 
E 4 HOH 185 2185 2185 HOH HOH A . 
E 4 HOH 186 2186 2186 HOH HOH A . 
E 4 HOH 187 2187 2187 HOH HOH A . 
E 4 HOH 188 2188 2188 HOH HOH A . 
E 4 HOH 189 2189 2189 HOH HOH A . 
E 4 HOH 190 2190 2190 HOH HOH A . 
E 4 HOH 191 2191 2191 HOH HOH A . 
E 4 HOH 192 2192 2192 HOH HOH A . 
E 4 HOH 193 2193 2193 HOH HOH A . 
E 4 HOH 194 2194 2194 HOH HOH A . 
E 4 HOH 195 2195 2195 HOH HOH A . 
E 4 HOH 196 2196 2196 HOH HOH A . 
E 4 HOH 197 2197 2197 HOH HOH A . 
E 4 HOH 198 2198 2198 HOH HOH A . 
E 4 HOH 199 2199 2199 HOH HOH A . 
E 4 HOH 200 2200 2200 HOH HOH A . 
E 4 HOH 201 2201 2201 HOH HOH A . 
E 4 HOH 202 2202 2202 HOH HOH A . 
E 4 HOH 203 2203 2203 HOH HOH A . 
E 4 HOH 204 2204 2204 HOH HOH A . 
E 4 HOH 205 2205 2205 HOH HOH A . 
E 4 HOH 206 2206 2206 HOH HOH A . 
E 4 HOH 207 2207 2207 HOH HOH A . 
E 4 HOH 208 2208 2208 HOH HOH A . 
E 4 HOH 209 2209 2209 HOH HOH A . 
E 4 HOH 210 2210 2210 HOH HOH A . 
E 4 HOH 211 2211 2211 HOH HOH A . 
E 4 HOH 212 2212 2212 HOH HOH A . 
E 4 HOH 213 2213 2213 HOH HOH A . 
E 4 HOH 214 2214 2214 HOH HOH A . 
E 4 HOH 215 2215 2215 HOH HOH A . 
E 4 HOH 216 2216 2216 HOH HOH A . 
E 4 HOH 217 2217 2217 HOH HOH A . 
E 4 HOH 218 2218 2218 HOH HOH A . 
E 4 HOH 219 2219 2219 HOH HOH A . 
E 4 HOH 220 2220 2220 HOH HOH A . 
E 4 HOH 221 2221 2221 HOH HOH A . 
E 4 HOH 222 2222 2222 HOH HOH A . 
E 4 HOH 223 2223 2223 HOH HOH A . 
E 4 HOH 224 2224 2224 HOH HOH A . 
E 4 HOH 225 2225 2225 HOH HOH A . 
E 4 HOH 226 2226 2226 HOH HOH A . 
E 4 HOH 227 2227 2227 HOH HOH A . 
E 4 HOH 228 2228 2228 HOH HOH A . 
E 4 HOH 229 2229 2229 HOH HOH A . 
E 4 HOH 230 2230 2230 HOH HOH A . 
E 4 HOH 231 2231 2231 HOH HOH A . 
E 4 HOH 232 2232 2232 HOH HOH A . 
E 4 HOH 233 2233 2233 HOH HOH A . 
E 4 HOH 234 2234 2234 HOH HOH A . 
E 4 HOH 235 2235 2235 HOH HOH A . 
E 4 HOH 236 2236 2236 HOH HOH A . 
E 4 HOH 237 2237 2237 HOH HOH A . 
E 4 HOH 238 2238 2238 HOH HOH A . 
E 4 HOH 239 2239 2239 HOH HOH A . 
E 4 HOH 240 2240 2240 HOH HOH A . 
E 4 HOH 241 2241 2241 HOH HOH A . 
E 4 HOH 242 2242 2242 HOH HOH A . 
E 4 HOH 243 2243 2243 HOH HOH A . 
E 4 HOH 244 2244 2244 HOH HOH A . 
E 4 HOH 245 2245 2245 HOH HOH A . 
E 4 HOH 246 2246 2246 HOH HOH A . 
E 4 HOH 247 2247 2247 HOH HOH A . 
E 4 HOH 248 2248 2248 HOH HOH A . 
E 4 HOH 249 2249 2249 HOH HOH A . 
E 4 HOH 250 2250 2250 HOH HOH A . 
E 4 HOH 251 2251 2251 HOH HOH A . 
E 4 HOH 252 2252 2252 HOH HOH A . 
E 4 HOH 253 2253 2253 HOH HOH A . 
E 4 HOH 254 2254 2254 HOH HOH A . 
E 4 HOH 255 2255 2255 HOH HOH A . 
E 4 HOH 256 2256 2256 HOH HOH A . 
E 4 HOH 257 2257 2257 HOH HOH A . 
E 4 HOH 258 2258 2258 HOH HOH A . 
E 4 HOH 259 2259 2259 HOH HOH A . 
E 4 HOH 260 2260 2260 HOH HOH A . 
E 4 HOH 261 2261 2261 HOH HOH A . 
E 4 HOH 262 2262 2262 HOH HOH A . 
E 4 HOH 263 2263 2263 HOH HOH A . 
E 4 HOH 264 2264 2264 HOH HOH A . 
E 4 HOH 265 2265 2265 HOH HOH A . 
E 4 HOH 266 2266 2266 HOH HOH A . 
E 4 HOH 267 2267 2267 HOH HOH A . 
E 4 HOH 268 2268 2268 HOH HOH A . 
E 4 HOH 269 2269 2269 HOH HOH A . 
E 4 HOH 270 2270 2270 HOH HOH A . 
E 4 HOH 271 2271 2271 HOH HOH A . 
E 4 HOH 272 2272 2272 HOH HOH A . 
E 4 HOH 273 2273 2273 HOH HOH A . 
E 4 HOH 274 2274 2274 HOH HOH A . 
E 4 HOH 275 2275 2275 HOH HOH A . 
E 4 HOH 276 2276 2276 HOH HOH A . 
E 4 HOH 277 2277 2277 HOH HOH A . 
E 4 HOH 278 2278 2278 HOH HOH A . 
E 4 HOH 279 2279 2279 HOH HOH A . 
E 4 HOH 280 2280 2280 HOH HOH A . 
E 4 HOH 281 2281 2281 HOH HOH A . 
E 4 HOH 282 2282 2282 HOH HOH A . 
E 4 HOH 283 2283 2283 HOH HOH A . 
E 4 HOH 284 2284 2284 HOH HOH A . 
E 4 HOH 285 2285 2285 HOH HOH A . 
E 4 HOH 286 2286 2286 HOH HOH A . 
E 4 HOH 287 2287 2287 HOH HOH A . 
E 4 HOH 288 2288 2288 HOH HOH A . 
E 4 HOH 289 2289 2289 HOH HOH A . 
E 4 HOH 290 2290 2290 HOH HOH A . 
# 
_pdbx_struct_assembly.id                   1 
_pdbx_struct_assembly.details              author_and_software_defined_assembly 
_pdbx_struct_assembly.method_details       PISA 
_pdbx_struct_assembly.oligomeric_details   monomeric 
_pdbx_struct_assembly.oligomeric_count     1 
# 
_pdbx_struct_assembly_gen.assembly_id       1 
_pdbx_struct_assembly_gen.oper_expression   1 
_pdbx_struct_assembly_gen.asym_id_list      A,B,C,D,E 
# 
_pdbx_struct_oper_list.id                   1 
_pdbx_struct_oper_list.type                 'identity operation' 
_pdbx_struct_oper_list.name                 1_555 
_pdbx_struct_oper_list.symmetry_operation   x,y,z 
_pdbx_struct_oper_list.matrix[1][1]         1.0000000000 
_pdbx_struct_oper_list.matrix[1][2]         0.0000000000 
_pdbx_struct_oper_list.matrix[1][3]         0.0000000000 
_pdbx_struct_oper_list.vector[1]            0.0000000000 
_pdbx_struct_oper_list.matrix[2][1]         0.0000000000 
_pdbx_struct_oper_list.matrix[2][2]         1.0000000000 
_pdbx_struct_oper_list.matrix[2][3]         0.0000000000 
_pdbx_struct_oper_list.vector[2]            0.0000000000 
_pdbx_struct_oper_list.matrix[3][1]         0.0000000000 
_pdbx_struct_oper_list.matrix[3][2]         0.0000000000 
_pdbx_struct_oper_list.matrix[3][3]         1.0000000000 
_pdbx_struct_oper_list.vector[3]            0.0000000000 
# 
_pdbx_struct_conn_angle.id                    1 
_pdbx_struct_conn_angle.ptnr1_label_atom_id   ND1 
_pdbx_struct_conn_angle.ptnr1_label_alt_id    ? 
_pdbx_struct_conn_angle.ptnr1_label_asym_id   A 
_pdbx_struct_conn_angle.ptnr1_label_comp_id   HIS 
_pdbx_struct_conn_angle.ptnr1_label_seq_id    1 
_pdbx_struct_conn_angle.ptnr1_auth_atom_id    ? 
_pdbx_struct_conn_angle.ptnr1_auth_asym_id    A 
_pdbx_struct_conn_angle.ptnr1_auth_comp_id    HIS 
_pdbx_struct_conn_angle.ptnr1_auth_seq_id     29 
_pdbx_struct_conn_angle.ptnr1_PDB_ins_code    ? 
_pdbx_struct_conn_angle.ptnr1_symmetry        1_555 
_pdbx_struct_conn_angle.ptnr2_label_atom_id   CU 
_pdbx_struct_conn_angle.ptnr2_label_alt_id    ? 
_pdbx_struct_conn_angle.ptnr2_label_asym_id   B 
_pdbx_struct_conn_angle.ptnr2_label_comp_id   CU 
_pdbx_struct_conn_angle.ptnr2_label_seq_id    . 
_pdbx_struct_conn_angle.ptnr2_auth_atom_id    ? 
_pdbx_struct_conn_angle.ptnr2_auth_asym_id    A 
_pdbx_struct_conn_angle.ptnr2_auth_comp_id    CU 
_pdbx_struct_conn_angle.ptnr2_auth_seq_id     195 
_pdbx_struct_conn_angle.ptnr2_PDB_ins_code    ? 
_pdbx_struct_conn_angle.ptnr2_symmetry        1_555 
_pdbx_struct_conn_angle.ptnr3_label_atom_id   NE2 
_pdbx_struct_conn_angle.ptnr3_label_alt_id    ? 
_pdbx_struct_conn_angle.ptnr3_label_asym_id   A 
_pdbx_struct_conn_angle.ptnr3_label_comp_id   HIS 
_pdbx_struct_conn_angle.ptnr3_label_seq_id    86 
_pdbx_struct_conn_angle.ptnr3_auth_atom_id    ? 
_pdbx_struct_conn_angle.ptnr3_auth_asym_id    A 
_pdbx_struct_conn_angle.ptnr3_auth_comp_id    HIS 
_pdbx_struct_conn_angle.ptnr3_auth_seq_id     114 
_pdbx_struct_conn_angle.ptnr3_PDB_ins_code    ? 
_pdbx_struct_conn_angle.ptnr3_symmetry        1_555 
_pdbx_struct_conn_angle.value                 169.3 
_pdbx_struct_conn_angle.value_esd             ? 
# 
loop_
_pdbx_audit_revision_history.ordinal 
_pdbx_audit_revision_history.data_content_type 
_pdbx_audit_revision_history.major_revision 
_pdbx_audit_revision_history.minor_revision 
_pdbx_audit_revision_history.revision_date 
1 'Structure model' 1 0 2013-02-27 
2 'Structure model' 1 1 2014-05-28 
3 'Structure model' 1 2 2014-08-13 
4 'Structure model' 1 3 2019-05-08 
5 'Structure model' 1 4 2023-12-20 
# 
_pdbx_audit_revision_details.ordinal             1 
_pdbx_audit_revision_details.revision_ordinal    1 
_pdbx_audit_revision_details.data_content_type   'Structure model' 
_pdbx_audit_revision_details.provider            repository 
_pdbx_audit_revision_details.type                'Initial release' 
_pdbx_audit_revision_details.description         ? 
_pdbx_audit_revision_details.details             ? 
# 
loop_
_pdbx_audit_revision_group.ordinal 
_pdbx_audit_revision_group.revision_ordinal 
_pdbx_audit_revision_group.data_content_type 
_pdbx_audit_revision_group.group 
1  2 'Structure model' 'Database references'      
2  2 'Structure model' 'Source and taxonomy'      
3  3 'Structure model' 'Database references'      
4  4 'Structure model' 'Data collection'          
5  4 'Structure model' 'Experimental preparation' 
6  4 'Structure model' Other                      
7  5 'Structure model' 'Data collection'          
8  5 'Structure model' 'Database references'      
9  5 'Structure model' 'Derived calculations'     
10 5 'Structure model' Other                      
11 5 'Structure model' 'Refinement description'   
# 
loop_
_pdbx_audit_revision_category.ordinal 
_pdbx_audit_revision_category.revision_ordinal 
_pdbx_audit_revision_category.data_content_type 
_pdbx_audit_revision_category.category 
1  4 'Structure model' exptl_crystal_grow            
2  4 'Structure model' pdbx_database_proc            
3  4 'Structure model' pdbx_database_status          
4  5 'Structure model' chem_comp_atom                
5  5 'Structure model' chem_comp_bond                
6  5 'Structure model' database_2                    
7  5 'Structure model' pdbx_database_status          
8  5 'Structure model' pdbx_initial_refinement_model 
9  5 'Structure model' struct_conn                   
10 5 'Structure model' struct_site                   
# 
loop_
_pdbx_audit_revision_item.ordinal 
_pdbx_audit_revision_item.revision_ordinal 
_pdbx_audit_revision_item.data_content_type 
_pdbx_audit_revision_item.item 
1  4 'Structure model' '_exptl_crystal_grow.method'                  
2  4 'Structure model' '_pdbx_database_status.recvd_author_approval' 
3  5 'Structure model' '_database_2.pdbx_DOI'                        
4  5 'Structure model' '_database_2.pdbx_database_accession'         
5  5 'Structure model' '_pdbx_database_status.status_code_sf'        
6  5 'Structure model' '_struct_conn.ptnr1_auth_comp_id'             
7  5 'Structure model' '_struct_conn.ptnr1_auth_seq_id'              
8  5 'Structure model' '_struct_conn.ptnr1_label_asym_id'            
9  5 'Structure model' '_struct_conn.ptnr1_label_atom_id'            
10 5 'Structure model' '_struct_conn.ptnr1_label_comp_id'            
11 5 'Structure model' '_struct_conn.ptnr1_label_seq_id'             
12 5 'Structure model' '_struct_conn.ptnr2_auth_comp_id'             
13 5 'Structure model' '_struct_conn.ptnr2_auth_seq_id'              
14 5 'Structure model' '_struct_conn.ptnr2_label_asym_id'            
15 5 'Structure model' '_struct_conn.ptnr2_label_atom_id'            
16 5 'Structure model' '_struct_conn.ptnr2_label_comp_id'            
17 5 'Structure model' '_struct_conn.ptnr2_label_seq_id'             
18 5 'Structure model' '_struct_site.pdbx_auth_asym_id'              
19 5 'Structure model' '_struct_site.pdbx_auth_comp_id'              
20 5 'Structure model' '_struct_site.pdbx_auth_seq_id'               
# 
loop_
_software.name 
_software.classification 
_software.version 
_software.citation_id 
_software.pdbx_ordinal 
REFMAC refinement       5.6.0117 ? 1 
XDS    'data reduction' .        ? 2 
SCALA  'data scaling'   .        ? 3 
PHASER phasing          .        ? 4 
# 
_pdbx_distant_solvent_atoms.id                                1 
_pdbx_distant_solvent_atoms.PDB_model_num                     1 
_pdbx_distant_solvent_atoms.auth_atom_id                      O 
_pdbx_distant_solvent_atoms.label_alt_id                      ? 
_pdbx_distant_solvent_atoms.auth_asym_id                      A 
_pdbx_distant_solvent_atoms.auth_comp_id                      HOH 
_pdbx_distant_solvent_atoms.auth_seq_id                       2034 
_pdbx_distant_solvent_atoms.PDB_ins_code                      ? 
_pdbx_distant_solvent_atoms.neighbor_macromolecule_distance   6.19 
_pdbx_distant_solvent_atoms.neighbor_ligand_distance          . 
# 
loop_
_chem_comp_atom.comp_id 
_chem_comp_atom.atom_id 
_chem_comp_atom.type_symbol 
_chem_comp_atom.pdbx_aromatic_flag 
_chem_comp_atom.pdbx_stereo_config 
_chem_comp_atom.pdbx_ordinal 
ALA N    N  N N 1   
ALA CA   C  N S 2   
ALA C    C  N N 3   
ALA O    O  N N 4   
ALA CB   C  N N 5   
ALA OXT  O  N N 6   
ALA H    H  N N 7   
ALA H2   H  N N 8   
ALA HA   H  N N 9   
ALA HB1  H  N N 10  
ALA HB2  H  N N 11  
ALA HB3  H  N N 12  
ALA HXT  H  N N 13  
ARG N    N  N N 14  
ARG CA   C  N S 15  
ARG C    C  N N 16  
ARG O    O  N N 17  
ARG CB   C  N N 18  
ARG CG   C  N N 19  
ARG CD   C  N N 20  
ARG NE   N  N N 21  
ARG CZ   C  N N 22  
ARG NH1  N  N N 23  
ARG NH2  N  N N 24  
ARG OXT  O  N N 25  
ARG H    H  N N 26  
ARG H2   H  N N 27  
ARG HA   H  N N 28  
ARG HB2  H  N N 29  
ARG HB3  H  N N 30  
ARG HG2  H  N N 31  
ARG HG3  H  N N 32  
ARG HD2  H  N N 33  
ARG HD3  H  N N 34  
ARG HE   H  N N 35  
ARG HH11 H  N N 36  
ARG HH12 H  N N 37  
ARG HH21 H  N N 38  
ARG HH22 H  N N 39  
ARG HXT  H  N N 40  
ASN N    N  N N 41  
ASN CA   C  N S 42  
ASN C    C  N N 43  
ASN O    O  N N 44  
ASN CB   C  N N 45  
ASN CG   C  N N 46  
ASN OD1  O  N N 47  
ASN ND2  N  N N 48  
ASN OXT  O  N N 49  
ASN H    H  N N 50  
ASN H2   H  N N 51  
ASN HA   H  N N 52  
ASN HB2  H  N N 53  
ASN HB3  H  N N 54  
ASN HD21 H  N N 55  
ASN HD22 H  N N 56  
ASN HXT  H  N N 57  
ASP N    N  N N 58  
ASP CA   C  N S 59  
ASP C    C  N N 60  
ASP O    O  N N 61  
ASP CB   C  N N 62  
ASP CG   C  N N 63  
ASP OD1  O  N N 64  
ASP OD2  O  N N 65  
ASP OXT  O  N N 66  
ASP H    H  N N 67  
ASP H2   H  N N 68  
ASP HA   H  N N 69  
ASP HB2  H  N N 70  
ASP HB3  H  N N 71  
ASP HD2  H  N N 72  
ASP HXT  H  N N 73  
CU  CU   CU N N 74  
GLN N    N  N N 75  
GLN CA   C  N S 76  
GLN C    C  N N 77  
GLN O    O  N N 78  
GLN CB   C  N N 79  
GLN CG   C  N N 80  
GLN CD   C  N N 81  
GLN OE1  O  N N 82  
GLN NE2  N  N N 83  
GLN OXT  O  N N 84  
GLN H    H  N N 85  
GLN H2   H  N N 86  
GLN HA   H  N N 87  
GLN HB2  H  N N 88  
GLN HB3  H  N N 89  
GLN HG2  H  N N 90  
GLN HG3  H  N N 91  
GLN HE21 H  N N 92  
GLN HE22 H  N N 93  
GLN HXT  H  N N 94  
GLU N    N  N N 95  
GLU CA   C  N S 96  
GLU C    C  N N 97  
GLU O    O  N N 98  
GLU CB   C  N N 99  
GLU CG   C  N N 100 
GLU CD   C  N N 101 
GLU OE1  O  N N 102 
GLU OE2  O  N N 103 
GLU OXT  O  N N 104 
GLU H    H  N N 105 
GLU H2   H  N N 106 
GLU HA   H  N N 107 
GLU HB2  H  N N 108 
GLU HB3  H  N N 109 
GLU HG2  H  N N 110 
GLU HG3  H  N N 111 
GLU HE2  H  N N 112 
GLU HXT  H  N N 113 
GLY N    N  N N 114 
GLY CA   C  N N 115 
GLY C    C  N N 116 
GLY O    O  N N 117 
GLY OXT  O  N N 118 
GLY H    H  N N 119 
GLY H2   H  N N 120 
GLY HA2  H  N N 121 
GLY HA3  H  N N 122 
GLY HXT  H  N N 123 
HIS N    N  N N 124 
HIS CA   C  N S 125 
HIS C    C  N N 126 
HIS O    O  N N 127 
HIS CB   C  N N 128 
HIS CG   C  Y N 129 
HIS ND1  N  Y N 130 
HIS CD2  C  Y N 131 
HIS CE1  C  Y N 132 
HIS NE2  N  Y N 133 
HIS OXT  O  N N 134 
HIS H    H  N N 135 
HIS H2   H  N N 136 
HIS HA   H  N N 137 
HIS HB2  H  N N 138 
HIS HB3  H  N N 139 
HIS HD1  H  N N 140 
HIS HD2  H  N N 141 
HIS HE1  H  N N 142 
HIS HE2  H  N N 143 
HIS HXT  H  N N 144 
HOH O    O  N N 145 
HOH H1   H  N N 146 
HOH H2   H  N N 147 
ILE N    N  N N 148 
ILE CA   C  N S 149 
ILE C    C  N N 150 
ILE O    O  N N 151 
ILE CB   C  N S 152 
ILE CG1  C  N N 153 
ILE CG2  C  N N 154 
ILE CD1  C  N N 155 
ILE OXT  O  N N 156 
ILE H    H  N N 157 
ILE H2   H  N N 158 
ILE HA   H  N N 159 
ILE HB   H  N N 160 
ILE HG12 H  N N 161 
ILE HG13 H  N N 162 
ILE HG21 H  N N 163 
ILE HG22 H  N N 164 
ILE HG23 H  N N 165 
ILE HD11 H  N N 166 
ILE HD12 H  N N 167 
ILE HD13 H  N N 168 
ILE HXT  H  N N 169 
LEU N    N  N N 170 
LEU CA   C  N S 171 
LEU C    C  N N 172 
LEU O    O  N N 173 
LEU CB   C  N N 174 
LEU CG   C  N N 175 
LEU CD1  C  N N 176 
LEU CD2  C  N N 177 
LEU OXT  O  N N 178 
LEU H    H  N N 179 
LEU H2   H  N N 180 
LEU HA   H  N N 181 
LEU HB2  H  N N 182 
LEU HB3  H  N N 183 
LEU HG   H  N N 184 
LEU HD11 H  N N 185 
LEU HD12 H  N N 186 
LEU HD13 H  N N 187 
LEU HD21 H  N N 188 
LEU HD22 H  N N 189 
LEU HD23 H  N N 190 
LEU HXT  H  N N 191 
LYS N    N  N N 192 
LYS CA   C  N S 193 
LYS C    C  N N 194 
LYS O    O  N N 195 
LYS CB   C  N N 196 
LYS CG   C  N N 197 
LYS CD   C  N N 198 
LYS CE   C  N N 199 
LYS NZ   N  N N 200 
LYS OXT  O  N N 201 
LYS H    H  N N 202 
LYS H2   H  N N 203 
LYS HA   H  N N 204 
LYS HB2  H  N N 205 
LYS HB3  H  N N 206 
LYS HG2  H  N N 207 
LYS HG3  H  N N 208 
LYS HD2  H  N N 209 
LYS HD3  H  N N 210 
LYS HE2  H  N N 211 
LYS HE3  H  N N 212 
LYS HZ1  H  N N 213 
LYS HZ2  H  N N 214 
LYS HZ3  H  N N 215 
LYS HXT  H  N N 216 
PEG C1   C  N N 217 
PEG O1   O  N N 218 
PEG C2   C  N N 219 
PEG O2   O  N N 220 
PEG C3   C  N N 221 
PEG C4   C  N N 222 
PEG O4   O  N N 223 
PEG H11  H  N N 224 
PEG H12  H  N N 225 
PEG HO1  H  N N 226 
PEG H21  H  N N 227 
PEG H22  H  N N 228 
PEG H31  H  N N 229 
PEG H32  H  N N 230 
PEG H41  H  N N 231 
PEG H42  H  N N 232 
PEG HO4  H  N N 233 
PHE N    N  N N 234 
PHE CA   C  N S 235 
PHE C    C  N N 236 
PHE O    O  N N 237 
PHE CB   C  N N 238 
PHE CG   C  Y N 239 
PHE CD1  C  Y N 240 
PHE CD2  C  Y N 241 
PHE CE1  C  Y N 242 
PHE CE2  C  Y N 243 
PHE CZ   C  Y N 244 
PHE OXT  O  N N 245 
PHE H    H  N N 246 
PHE H2   H  N N 247 
PHE HA   H  N N 248 
PHE HB2  H  N N 249 
PHE HB3  H  N N 250 
PHE HD1  H  N N 251 
PHE HD2  H  N N 252 
PHE HE1  H  N N 253 
PHE HE2  H  N N 254 
PHE HZ   H  N N 255 
PHE HXT  H  N N 256 
PRO N    N  N N 257 
PRO CA   C  N S 258 
PRO C    C  N N 259 
PRO O    O  N N 260 
PRO CB   C  N N 261 
PRO CG   C  N N 262 
PRO CD   C  N N 263 
PRO OXT  O  N N 264 
PRO H    H  N N 265 
PRO HA   H  N N 266 
PRO HB2  H  N N 267 
PRO HB3  H  N N 268 
PRO HG2  H  N N 269 
PRO HG3  H  N N 270 
PRO HD2  H  N N 271 
PRO HD3  H  N N 272 
PRO HXT  H  N N 273 
SER N    N  N N 274 
SER CA   C  N S 275 
SER C    C  N N 276 
SER O    O  N N 277 
SER CB   C  N N 278 
SER OG   O  N N 279 
SER OXT  O  N N 280 
SER H    H  N N 281 
SER H2   H  N N 282 
SER HA   H  N N 283 
SER HB2  H  N N 284 
SER HB3  H  N N 285 
SER HG   H  N N 286 
SER HXT  H  N N 287 
THR N    N  N N 288 
THR CA   C  N S 289 
THR C    C  N N 290 
THR O    O  N N 291 
THR CB   C  N R 292 
THR OG1  O  N N 293 
THR CG2  C  N N 294 
THR OXT  O  N N 295 
THR H    H  N N 296 
THR H2   H  N N 297 
THR HA   H  N N 298 
THR HB   H  N N 299 
THR HG1  H  N N 300 
THR HG21 H  N N 301 
THR HG22 H  N N 302 
THR HG23 H  N N 303 
THR HXT  H  N N 304 
TRP N    N  N N 305 
TRP CA   C  N S 306 
TRP C    C  N N 307 
TRP O    O  N N 308 
TRP CB   C  N N 309 
TRP CG   C  Y N 310 
TRP CD1  C  Y N 311 
TRP CD2  C  Y N 312 
TRP NE1  N  Y N 313 
TRP CE2  C  Y N 314 
TRP CE3  C  Y N 315 
TRP CZ2  C  Y N 316 
TRP CZ3  C  Y N 317 
TRP CH2  C  Y N 318 
TRP OXT  O  N N 319 
TRP H    H  N N 320 
TRP H2   H  N N 321 
TRP HA   H  N N 322 
TRP HB2  H  N N 323 
TRP HB3  H  N N 324 
TRP HD1  H  N N 325 
TRP HE1  H  N N 326 
TRP HE3  H  N N 327 
TRP HZ2  H  N N 328 
TRP HZ3  H  N N 329 
TRP HH2  H  N N 330 
TRP HXT  H  N N 331 
TYR N    N  N N 332 
TYR CA   C  N S 333 
TYR C    C  N N 334 
TYR O    O  N N 335 
TYR CB   C  N N 336 
TYR CG   C  Y N 337 
TYR CD1  C  Y N 338 
TYR CD2  C  Y N 339 
TYR CE1  C  Y N 340 
TYR CE2  C  Y N 341 
TYR CZ   C  Y N 342 
TYR OH   O  N N 343 
TYR OXT  O  N N 344 
TYR H    H  N N 345 
TYR H2   H  N N 346 
TYR HA   H  N N 347 
TYR HB2  H  N N 348 
TYR HB3  H  N N 349 
TYR HD1  H  N N 350 
TYR HD2  H  N N 351 
TYR HE1  H  N N 352 
TYR HE2  H  N N 353 
TYR HH   H  N N 354 
TYR HXT  H  N N 355 
VAL N    N  N N 356 
VAL CA   C  N S 357 
VAL C    C  N N 358 
VAL O    O  N N 359 
VAL CB   C  N N 360 
VAL CG1  C  N N 361 
VAL CG2  C  N N 362 
VAL OXT  O  N N 363 
VAL H    H  N N 364 
VAL H2   H  N N 365 
VAL HA   H  N N 366 
VAL HB   H  N N 367 
VAL HG11 H  N N 368 
VAL HG12 H  N N 369 
VAL HG13 H  N N 370 
VAL HG21 H  N N 371 
VAL HG22 H  N N 372 
VAL HG23 H  N N 373 
VAL HXT  H  N N 374 
# 
loop_
_chem_comp_bond.comp_id 
_chem_comp_bond.atom_id_1 
_chem_comp_bond.atom_id_2 
_chem_comp_bond.value_order 
_chem_comp_bond.pdbx_aromatic_flag 
_chem_comp_bond.pdbx_stereo_config 
_chem_comp_bond.pdbx_ordinal 
ALA N   CA   sing N N 1   
ALA N   H    sing N N 2   
ALA N   H2   sing N N 3   
ALA CA  C    sing N N 4   
ALA CA  CB   sing N N 5   
ALA CA  HA   sing N N 6   
ALA C   O    doub N N 7   
ALA C   OXT  sing N N 8   
ALA CB  HB1  sing N N 9   
ALA CB  HB2  sing N N 10  
ALA CB  HB3  sing N N 11  
ALA OXT HXT  sing N N 12  
ARG N   CA   sing N N 13  
ARG N   H    sing N N 14  
ARG N   H2   sing N N 15  
ARG CA  C    sing N N 16  
ARG CA  CB   sing N N 17  
ARG CA  HA   sing N N 18  
ARG C   O    doub N N 19  
ARG C   OXT  sing N N 20  
ARG CB  CG   sing N N 21  
ARG CB  HB2  sing N N 22  
ARG CB  HB3  sing N N 23  
ARG CG  CD   sing N N 24  
ARG CG  HG2  sing N N 25  
ARG CG  HG3  sing N N 26  
ARG CD  NE   sing N N 27  
ARG CD  HD2  sing N N 28  
ARG CD  HD3  sing N N 29  
ARG NE  CZ   sing N N 30  
ARG NE  HE   sing N N 31  
ARG CZ  NH1  sing N N 32  
ARG CZ  NH2  doub N N 33  
ARG NH1 HH11 sing N N 34  
ARG NH1 HH12 sing N N 35  
ARG NH2 HH21 sing N N 36  
ARG NH2 HH22 sing N N 37  
ARG OXT HXT  sing N N 38  
ASN N   CA   sing N N 39  
ASN N   H    sing N N 40  
ASN N   H2   sing N N 41  
ASN CA  C    sing N N 42  
ASN CA  CB   sing N N 43  
ASN CA  HA   sing N N 44  
ASN C   O    doub N N 45  
ASN C   OXT  sing N N 46  
ASN CB  CG   sing N N 47  
ASN CB  HB2  sing N N 48  
ASN CB  HB3  sing N N 49  
ASN CG  OD1  doub N N 50  
ASN CG  ND2  sing N N 51  
ASN ND2 HD21 sing N N 52  
ASN ND2 HD22 sing N N 53  
ASN OXT HXT  sing N N 54  
ASP N   CA   sing N N 55  
ASP N   H    sing N N 56  
ASP N   H2   sing N N 57  
ASP CA  C    sing N N 58  
ASP CA  CB   sing N N 59  
ASP CA  HA   sing N N 60  
ASP C   O    doub N N 61  
ASP C   OXT  sing N N 62  
ASP CB  CG   sing N N 63  
ASP CB  HB2  sing N N 64  
ASP CB  HB3  sing N N 65  
ASP CG  OD1  doub N N 66  
ASP CG  OD2  sing N N 67  
ASP OD2 HD2  sing N N 68  
ASP OXT HXT  sing N N 69  
GLN N   CA   sing N N 70  
GLN N   H    sing N N 71  
GLN N   H2   sing N N 72  
GLN CA  C    sing N N 73  
GLN CA  CB   sing N N 74  
GLN CA  HA   sing N N 75  
GLN C   O    doub N N 76  
GLN C   OXT  sing N N 77  
GLN CB  CG   sing N N 78  
GLN CB  HB2  sing N N 79  
GLN CB  HB3  sing N N 80  
GLN CG  CD   sing N N 81  
GLN CG  HG2  sing N N 82  
GLN CG  HG3  sing N N 83  
GLN CD  OE1  doub N N 84  
GLN CD  NE2  sing N N 85  
GLN NE2 HE21 sing N N 86  
GLN NE2 HE22 sing N N 87  
GLN OXT HXT  sing N N 88  
GLU N   CA   sing N N 89  
GLU N   H    sing N N 90  
GLU N   H2   sing N N 91  
GLU CA  C    sing N N 92  
GLU CA  CB   sing N N 93  
GLU CA  HA   sing N N 94  
GLU C   O    doub N N 95  
GLU C   OXT  sing N N 96  
GLU CB  CG   sing N N 97  
GLU CB  HB2  sing N N 98  
GLU CB  HB3  sing N N 99  
GLU CG  CD   sing N N 100 
GLU CG  HG2  sing N N 101 
GLU CG  HG3  sing N N 102 
GLU CD  OE1  doub N N 103 
GLU CD  OE2  sing N N 104 
GLU OE2 HE2  sing N N 105 
GLU OXT HXT  sing N N 106 
GLY N   CA   sing N N 107 
GLY N   H    sing N N 108 
GLY N   H2   sing N N 109 
GLY CA  C    sing N N 110 
GLY CA  HA2  sing N N 111 
GLY CA  HA3  sing N N 112 
GLY C   O    doub N N 113 
GLY C   OXT  sing N N 114 
GLY OXT HXT  sing N N 115 
HIS N   CA   sing N N 116 
HIS N   H    sing N N 117 
HIS N   H2   sing N N 118 
HIS CA  C    sing N N 119 
HIS CA  CB   sing N N 120 
HIS CA  HA   sing N N 121 
HIS C   O    doub N N 122 
HIS C   OXT  sing N N 123 
HIS CB  CG   sing N N 124 
HIS CB  HB2  sing N N 125 
HIS CB  HB3  sing N N 126 
HIS CG  ND1  sing Y N 127 
HIS CG  CD2  doub Y N 128 
HIS ND1 CE1  doub Y N 129 
HIS ND1 HD1  sing N N 130 
HIS CD2 NE2  sing Y N 131 
HIS CD2 HD2  sing N N 132 
HIS CE1 NE2  sing Y N 133 
HIS CE1 HE1  sing N N 134 
HIS NE2 HE2  sing N N 135 
HIS OXT HXT  sing N N 136 
HOH O   H1   sing N N 137 
HOH O   H2   sing N N 138 
ILE N   CA   sing N N 139 
ILE N   H    sing N N 140 
ILE N   H2   sing N N 141 
ILE CA  C    sing N N 142 
ILE CA  CB   sing N N 143 
ILE CA  HA   sing N N 144 
ILE C   O    doub N N 145 
ILE C   OXT  sing N N 146 
ILE CB  CG1  sing N N 147 
ILE CB  CG2  sing N N 148 
ILE CB  HB   sing N N 149 
ILE CG1 CD1  sing N N 150 
ILE CG1 HG12 sing N N 151 
ILE CG1 HG13 sing N N 152 
ILE CG2 HG21 sing N N 153 
ILE CG2 HG22 sing N N 154 
ILE CG2 HG23 sing N N 155 
ILE CD1 HD11 sing N N 156 
ILE CD1 HD12 sing N N 157 
ILE CD1 HD13 sing N N 158 
ILE OXT HXT  sing N N 159 
LEU N   CA   sing N N 160 
LEU N   H    sing N N 161 
LEU N   H2   sing N N 162 
LEU CA  C    sing N N 163 
LEU CA  CB   sing N N 164 
LEU CA  HA   sing N N 165 
LEU C   O    doub N N 166 
LEU C   OXT  sing N N 167 
LEU CB  CG   sing N N 168 
LEU CB  HB2  sing N N 169 
LEU CB  HB3  sing N N 170 
LEU CG  CD1  sing N N 171 
LEU CG  CD2  sing N N 172 
LEU CG  HG   sing N N 173 
LEU CD1 HD11 sing N N 174 
LEU CD1 HD12 sing N N 175 
LEU CD1 HD13 sing N N 176 
LEU CD2 HD21 sing N N 177 
LEU CD2 HD22 sing N N 178 
LEU CD2 HD23 sing N N 179 
LEU OXT HXT  sing N N 180 
LYS N   CA   sing N N 181 
LYS N   H    sing N N 182 
LYS N   H2   sing N N 183 
LYS CA  C    sing N N 184 
LYS CA  CB   sing N N 185 
LYS CA  HA   sing N N 186 
LYS C   O    doub N N 187 
LYS C   OXT  sing N N 188 
LYS CB  CG   sing N N 189 
LYS CB  HB2  sing N N 190 
LYS CB  HB3  sing N N 191 
LYS CG  CD   sing N N 192 
LYS CG  HG2  sing N N 193 
LYS CG  HG3  sing N N 194 
LYS CD  CE   sing N N 195 
LYS CD  HD2  sing N N 196 
LYS CD  HD3  sing N N 197 
LYS CE  NZ   sing N N 198 
LYS CE  HE2  sing N N 199 
LYS CE  HE3  sing N N 200 
LYS NZ  HZ1  sing N N 201 
LYS NZ  HZ2  sing N N 202 
LYS NZ  HZ3  sing N N 203 
LYS OXT HXT  sing N N 204 
PEG C1  O1   sing N N 205 
PEG C1  C2   sing N N 206 
PEG C1  H11  sing N N 207 
PEG C1  H12  sing N N 208 
PEG O1  HO1  sing N N 209 
PEG C2  O2   sing N N 210 
PEG C2  H21  sing N N 211 
PEG C2  H22  sing N N 212 
PEG O2  C3   sing N N 213 
PEG C3  C4   sing N N 214 
PEG C3  H31  sing N N 215 
PEG C3  H32  sing N N 216 
PEG C4  O4   sing N N 217 
PEG C4  H41  sing N N 218 
PEG C4  H42  sing N N 219 
PEG O4  HO4  sing N N 220 
PHE N   CA   sing N N 221 
PHE N   H    sing N N 222 
PHE N   H2   sing N N 223 
PHE CA  C    sing N N 224 
PHE CA  CB   sing N N 225 
PHE CA  HA   sing N N 226 
PHE C   O    doub N N 227 
PHE C   OXT  sing N N 228 
PHE CB  CG   sing N N 229 
PHE CB  HB2  sing N N 230 
PHE CB  HB3  sing N N 231 
PHE CG  CD1  doub Y N 232 
PHE CG  CD2  sing Y N 233 
PHE CD1 CE1  sing Y N 234 
PHE CD1 HD1  sing N N 235 
PHE CD2 CE2  doub Y N 236 
PHE CD2 HD2  sing N N 237 
PHE CE1 CZ   doub Y N 238 
PHE CE1 HE1  sing N N 239 
PHE CE2 CZ   sing Y N 240 
PHE CE2 HE2  sing N N 241 
PHE CZ  HZ   sing N N 242 
PHE OXT HXT  sing N N 243 
PRO N   CA   sing N N 244 
PRO N   CD   sing N N 245 
PRO N   H    sing N N 246 
PRO CA  C    sing N N 247 
PRO CA  CB   sing N N 248 
PRO CA  HA   sing N N 249 
PRO C   O    doub N N 250 
PRO C   OXT  sing N N 251 
PRO CB  CG   sing N N 252 
PRO CB  HB2  sing N N 253 
PRO CB  HB3  sing N N 254 
PRO CG  CD   sing N N 255 
PRO CG  HG2  sing N N 256 
PRO CG  HG3  sing N N 257 
PRO CD  HD2  sing N N 258 
PRO CD  HD3  sing N N 259 
PRO OXT HXT  sing N N 260 
SER N   CA   sing N N 261 
SER N   H    sing N N 262 
SER N   H2   sing N N 263 
SER CA  C    sing N N 264 
SER CA  CB   sing N N 265 
SER CA  HA   sing N N 266 
SER C   O    doub N N 267 
SER C   OXT  sing N N 268 
SER CB  OG   sing N N 269 
SER CB  HB2  sing N N 270 
SER CB  HB3  sing N N 271 
SER OG  HG   sing N N 272 
SER OXT HXT  sing N N 273 
THR N   CA   sing N N 274 
THR N   H    sing N N 275 
THR N   H2   sing N N 276 
THR CA  C    sing N N 277 
THR CA  CB   sing N N 278 
THR CA  HA   sing N N 279 
THR C   O    doub N N 280 
THR C   OXT  sing N N 281 
THR CB  OG1  sing N N 282 
THR CB  CG2  sing N N 283 
THR CB  HB   sing N N 284 
THR OG1 HG1  sing N N 285 
THR CG2 HG21 sing N N 286 
THR CG2 HG22 sing N N 287 
THR CG2 HG23 sing N N 288 
THR OXT HXT  sing N N 289 
TRP N   CA   sing N N 290 
TRP N   H    sing N N 291 
TRP N   H2   sing N N 292 
TRP CA  C    sing N N 293 
TRP CA  CB   sing N N 294 
TRP CA  HA   sing N N 295 
TRP C   O    doub N N 296 
TRP C   OXT  sing N N 297 
TRP CB  CG   sing N N 298 
TRP CB  HB2  sing N N 299 
TRP CB  HB3  sing N N 300 
TRP CG  CD1  doub Y N 301 
TRP CG  CD2  sing Y N 302 
TRP CD1 NE1  sing Y N 303 
TRP CD1 HD1  sing N N 304 
TRP CD2 CE2  doub Y N 305 
TRP CD2 CE3  sing Y N 306 
TRP NE1 CE2  sing Y N 307 
TRP NE1 HE1  sing N N 308 
TRP CE2 CZ2  sing Y N 309 
TRP CE3 CZ3  doub Y N 310 
TRP CE3 HE3  sing N N 311 
TRP CZ2 CH2  doub Y N 312 
TRP CZ2 HZ2  sing N N 313 
TRP CZ3 CH2  sing Y N 314 
TRP CZ3 HZ3  sing N N 315 
TRP CH2 HH2  sing N N 316 
TRP OXT HXT  sing N N 317 
TYR N   CA   sing N N 318 
TYR N   H    sing N N 319 
TYR N   H2   sing N N 320 
TYR CA  C    sing N N 321 
TYR CA  CB   sing N N 322 
TYR CA  HA   sing N N 323 
TYR C   O    doub N N 324 
TYR C   OXT  sing N N 325 
TYR CB  CG   sing N N 326 
TYR CB  HB2  sing N N 327 
TYR CB  HB3  sing N N 328 
TYR CG  CD1  doub Y N 329 
TYR CG  CD2  sing Y N 330 
TYR CD1 CE1  sing Y N 331 
TYR CD1 HD1  sing N N 332 
TYR CD2 CE2  doub Y N 333 
TYR CD2 HD2  sing N N 334 
TYR CE1 CZ   doub Y N 335 
TYR CE1 HE1  sing N N 336 
TYR CE2 CZ   sing Y N 337 
TYR CE2 HE2  sing N N 338 
TYR CZ  OH   sing N N 339 
TYR OH  HH   sing N N 340 
TYR OXT HXT  sing N N 341 
VAL N   CA   sing N N 342 
VAL N   H    sing N N 343 
VAL N   H2   sing N N 344 
VAL CA  C    sing N N 345 
VAL CA  CB   sing N N 346 
VAL CA  HA   sing N N 347 
VAL C   O    doub N N 348 
VAL C   OXT  sing N N 349 
VAL CB  CG1  sing N N 350 
VAL CB  CG2  sing N N 351 
VAL CB  HB   sing N N 352 
VAL CG1 HG11 sing N N 353 
VAL CG1 HG12 sing N N 354 
VAL CG1 HG13 sing N N 355 
VAL CG2 HG21 sing N N 356 
VAL CG2 HG22 sing N N 357 
VAL CG2 HG23 sing N N 358 
VAL OXT HXT  sing N N 359 
# 
loop_
_pdbx_entity_nonpoly.entity_id 
_pdbx_entity_nonpoly.name 
_pdbx_entity_nonpoly.comp_id 
2 'COPPER (II) ION'       CU  
3 'DI(HYDROXYETHYL)ETHER' PEG 
4 water                   HOH 
# 
_pdbx_initial_refinement_model.id               1 
_pdbx_initial_refinement_model.entity_id_list   ? 
_pdbx_initial_refinement_model.type             'experimental model' 
_pdbx_initial_refinement_model.source_name      PDB 
_pdbx_initial_refinement_model.accession_code   2BEM 
_pdbx_initial_refinement_model.details          'PDB ENTRY 2BEM' 
# 
